data_8OE0
#
_entry.id   8OE0
#
_cell.length_a   1.00
_cell.length_b   1.00
_cell.length_c   1.00
_cell.angle_alpha   90.00
_cell.angle_beta   90.00
_cell.angle_gamma   90.00
#
_symmetry.space_group_name_H-M   'P 1'
#
loop_
_entity.id
_entity.type
_entity.pdbx_description
1 polymer 'Interleukin-12 subunit alpha'
2 polymer 'Interleukin-12 subunit beta'
3 polymer 'Interleukin-12 receptor subunit beta-1,Death-associated protein kinase 1'
4 polymer 'Interleukin-12 receptor subunit beta-2,Calmodulin-1'
5 branched 2-acetamido-2-deoxy-beta-D-glucopyranose-(1-4)-2-acetamido-2-deoxy-beta-D-glucopyranose
6 branched beta-D-mannopyranose-(1-4)-2-acetamido-2-deoxy-beta-D-glucopyranose-(1-4)-2-acetamido-2-deoxy-beta-D-glucopyranose
7 non-polymer 2-acetamido-2-deoxy-beta-D-glucopyranose
#
loop_
_entity_poly.entity_id
_entity_poly.type
_entity_poly.pdbx_seq_one_letter_code
_entity_poly.pdbx_strand_id
1 'polypeptide(L)'
;RVIPVSGPARCLSQSRNLLKTTDDMVKTAREKLKHYSCTAEDIDHEDITRDQTSTLKTCLPLELHKNESCLATRETSSTT
RGSCLPPQKTSLMMTLCLGSIYEDLKMYQTEFQAINAALQNHNHQQIILDKGMLVAIDELMQSLNHNGETLRQKPPVGEA
DPYRVKMKLCILLHAFSTRVVTINRVMGYLSSAGTSDEVDGGSGGSGLNDIFEAQKIEWHEGRTKHHHHHH
;
A
2 'polypeptide(L)'
;MWELEKDVYVVEVDWTPDAPGETVNLTCDTPEEDDITWTSDQRHGVIGSGKTLTITVKEFLDAGQYTCHKGGETLSHSHL
LLHKKENGIWSTEILKNFKNKTFLKCEAPNYSGRFTCSWLVQRNMDLKFNIKSSSSSPDSRAVTCGMASLSAEKVTLDQR
DYEKYSVSCQEDVTCPTAEETLPIELALEARQQNKYENYSTSFFIRDIIKPDPPKNLQMKPLKNSQVEVSWEYPDSWSTP
HSYFSLKFFVRIQRKKEKMKETEEGCNQKGAFLVEKTSTEVQCKGGNVCVQAQDRYYNSSCSKWACVPCRVRS
;
B
3 'polypeptide(L)'
;QLGASGPGDGCCVEKTSFPEGASGSPLGPRNLSCYRVSKTDYECSWQYDGPEDNVSHVLWCCFVPPNHTHTGQERCRYFS
SGPDRTVQFWEQDGIPVLSKVNFWVESRLGNRTMKSQKISQYLYNWTKTTPPLGHIKVSQSHRQLRMDWNVSEEAGAEVQ
FRRRMPTTNWTLGDCGPQVNSGSGVLGDIRGSMSESCLCPSENMAQEIQIRRRRRLSSGAPGGPWSDWSMPVCVPPEVLP
QAKIKFLVEPLNQGGRRRLTMQGQSPQLAVPEGCRGRPGAQVKKHLVLVRMLSCRCQAQTSKTVPLGKKLNLSGATYDLN
VLAKTRFGRSTIQKWHLPAQELTETRALNVSVGGNMTSMQWAAQAPGTTYCLEWQPWFQHRNHTHCTLIVPEEEDPAKMV
THSWSSKPTLEQEECYRITVFASKNPKNPMLWATVLSSYYFGGNASRAGTPRHVSVRNQTGDSVSVEWTASQLSTCPGVL
TQYVVRCEAEDGAWESEWLVPPTKTQVTLDGLRSRVMYKVQVRADTARLPGAWSHPQRFSFEGTGGSGGSGGAARKKWKQ
SVRLISLCQRLS
;
C
4 'polypeptide(L)'
;NIDVCKLGTVTVQPAPVIPLGSAANISCSLNPKQGCSHYPSSNELILLKFVNDVLVENLHGKKVHDHTGHSSTFQVTNLS
LGMTLFVCKLNCSNSQKKPPVPVCGVEISVGVAPEPPQNISCVQEGENGTVACSWNSGKVTYLKTNYTLQLSGPNNLTCQ
KQCFSDNRQNCNRLDLGINLSPDLAESRFIVRVTAINDLGNSSSLPHTFTFLDIVIPLPPWDIRINFLNASGSRGTLQWE
DEGQVVLNQLRYQPLNSTSWNMVNATNAKGKYDLRDLRPFTEYEFQISSKLHLSGGSWSNWSESLRTRTPEEEPVGILDI
WYMKQDIDYDRQQISLFWKSLNPSEARGKILHYQVTLQEVTKKTTLQNTTRHTSWTRVIPRTGAWTASVSAANSKGASAP
THINIVDLCGTGLLAPHQVSAKSENMDNILVTWQPPKKADSAVREYIVEWRALQPGSITKFPPHWLRIPPDNMSALISEN
IKPYICYEIRVHALSESQGGCSSIRGDSKHKAPVSGPHITAITEKKERLFISWTHIPFPEQRGCILHYRIYWKERDSTAQ
PELCEIQYRRSQNSHPISSLQPRVTYVLWMTAVTAAGESPQGNEREFCPQGKANGTGGSGGSGGLTEEQIAEFKEAFSLF
DKDGDGTITTKELGTVMRSLGQNPTEAELQDMINEVDADGNGTIDFPEFLTMMARKMKDTDSEEEIREAFRVFDKDGNGY
ISAAELRHVMTNLGEKLTDEEVDEMIREADIDGDGQVNYEEFVQMMTAK
;
D
#
loop_
_chem_comp.id
_chem_comp.type
_chem_comp.name
_chem_comp.formula
BMA D-saccharide, beta linking beta-D-mannopyranose 'C6 H12 O6'
NAG D-saccharide, beta linking 2-acetamido-2-deoxy-beta-D-glucopyranose 'C8 H15 N O6'
#
# COMPACT_ATOMS: atom_id res chain seq x y z
N ARG A 10 2.23 15.02 -40.19
CA ARG A 10 2.97 14.16 -41.12
C ARG A 10 2.62 12.70 -40.92
N CYS A 11 3.16 11.85 -41.81
CA CYS A 11 3.08 10.41 -41.62
C CYS A 11 3.95 9.93 -40.48
N LEU A 12 4.86 10.78 -40.00
CA LEU A 12 5.90 10.37 -39.06
C LEU A 12 5.33 10.09 -37.67
N SER A 13 4.45 10.97 -37.20
CA SER A 13 3.79 10.74 -35.92
C SER A 13 2.94 9.47 -35.97
N GLN A 14 2.26 9.25 -37.09
CA GLN A 14 1.51 8.01 -37.27
C GLN A 14 2.42 6.80 -37.24
N SER A 15 3.62 6.93 -37.80
CA SER A 15 4.57 5.82 -37.79
C SER A 15 5.03 5.48 -36.37
N ARG A 16 5.37 6.49 -35.57
CA ARG A 16 5.70 6.20 -34.17
C ARG A 16 4.51 5.64 -33.40
N ASN A 17 3.30 6.17 -33.64
CA ASN A 17 2.13 5.64 -32.94
C ASN A 17 1.91 4.18 -33.26
N LEU A 18 2.02 3.82 -34.54
CA LEU A 18 1.80 2.44 -34.95
C LEU A 18 2.91 1.52 -34.45
N LEU A 19 4.16 2.01 -34.44
CA LEU A 19 5.24 1.20 -33.88
C LEU A 19 5.02 0.95 -32.40
N LYS A 20 4.59 1.97 -31.65
CA LYS A 20 4.38 1.81 -30.22
C LYS A 20 3.24 0.84 -29.95
N THR A 21 2.13 0.95 -30.69
CA THR A 21 1.02 0.04 -30.43
C THR A 21 1.35 -1.39 -30.87
N THR A 22 2.18 -1.55 -31.91
CA THR A 22 2.61 -2.90 -32.27
C THR A 22 3.49 -3.49 -31.18
N ASP A 23 4.37 -2.67 -30.59
CA ASP A 23 5.20 -3.15 -29.48
C ASP A 23 4.34 -3.57 -28.29
N ASP A 24 3.31 -2.78 -27.99
CA ASP A 24 2.41 -3.13 -26.89
C ASP A 24 1.66 -4.42 -27.18
N MET A 25 1.19 -4.60 -28.42
CA MET A 25 0.46 -5.81 -28.74
C MET A 25 1.38 -7.03 -28.69
N VAL A 26 2.63 -6.87 -29.14
CA VAL A 26 3.60 -7.95 -29.10
C VAL A 26 3.92 -8.33 -27.66
N LYS A 27 4.11 -7.34 -26.77
CA LYS A 27 4.44 -7.68 -25.38
C LYS A 27 3.25 -8.35 -24.70
N THR A 28 2.02 -7.93 -25.01
CA THR A 28 0.85 -8.59 -24.44
C THR A 28 0.72 -10.01 -24.97
N ALA A 29 1.01 -10.23 -26.25
CA ALA A 29 0.99 -11.58 -26.80
C ALA A 29 2.05 -12.45 -26.15
N ARG A 30 3.23 -11.89 -25.89
CA ARG A 30 4.30 -12.63 -25.24
C ARG A 30 3.91 -13.02 -23.81
N GLU A 31 3.26 -12.11 -23.08
CA GLU A 31 2.79 -12.43 -21.74
C GLU A 31 1.70 -13.49 -21.76
N LYS A 32 0.68 -13.30 -22.59
CA LYS A 32 -0.48 -14.18 -22.56
C LYS A 32 -0.18 -15.55 -23.15
N LEU A 33 0.49 -15.59 -24.30
CA LEU A 33 0.67 -16.83 -25.05
C LEU A 33 2.02 -17.48 -24.69
N LYS A 34 2.08 -18.03 -23.48
CA LYS A 34 3.32 -18.61 -22.97
C LYS A 34 3.65 -19.92 -23.67
N HIS A 35 2.65 -20.73 -23.98
CA HIS A 35 2.89 -22.02 -24.60
C HIS A 35 2.61 -22.02 -26.10
N TYR A 36 1.92 -21.02 -26.61
CA TYR A 36 1.62 -20.95 -28.03
C TYR A 36 2.89 -20.65 -28.82
N SER A 37 2.82 -20.85 -30.13
CA SER A 37 3.98 -20.67 -31.02
C SER A 37 4.25 -19.17 -31.19
N CYS A 38 4.80 -18.59 -30.12
CA CYS A 38 5.00 -17.15 -30.04
C CYS A 38 6.39 -16.81 -29.49
N THR A 39 7.34 -17.70 -29.68
CA THR A 39 8.70 -17.49 -29.19
C THR A 39 9.60 -16.97 -30.31
N ASP A 42 11.85 -22.30 -33.28
CA ASP A 42 11.47 -21.38 -32.22
C ASP A 42 10.72 -20.18 -32.79
N ILE A 43 11.44 -19.36 -33.55
CA ILE A 43 10.81 -18.22 -34.21
C ILE A 43 9.89 -18.69 -35.34
N ASP A 44 10.38 -19.63 -36.16
CA ASP A 44 9.66 -20.15 -37.32
C ASP A 44 9.22 -19.02 -38.25
N HIS A 45 10.23 -18.35 -38.82
CA HIS A 45 10.02 -17.11 -39.56
C HIS A 45 9.79 -17.41 -41.05
N GLU A 46 8.51 -17.38 -41.43
CA GLU A 46 8.14 -17.72 -42.82
C GLU A 46 7.28 -16.57 -43.35
N ASP A 47 7.84 -15.73 -44.21
CA ASP A 47 7.12 -14.52 -44.70
C ASP A 47 6.06 -14.89 -45.72
N ILE A 48 5.17 -13.95 -46.03
CA ILE A 48 4.13 -14.18 -47.06
C ILE A 48 4.38 -13.20 -48.21
N THR A 49 5.50 -12.49 -48.18
CA THR A 49 5.70 -11.44 -49.24
C THR A 49 6.64 -11.97 -50.32
N ARG A 50 6.80 -13.29 -50.41
CA ARG A 50 7.77 -13.87 -51.36
C ARG A 50 7.40 -13.43 -52.79
N ASP A 51 6.12 -13.21 -53.06
CA ASP A 51 5.66 -12.87 -54.44
C ASP A 51 6.26 -11.54 -54.95
N GLN A 52 6.27 -10.50 -54.13
CA GLN A 52 6.81 -9.17 -54.55
C GLN A 52 7.85 -8.77 -53.51
N THR A 53 9.09 -8.48 -53.93
CA THR A 53 10.07 -8.26 -52.86
C THR A 53 10.79 -6.92 -53.00
N SER A 54 10.21 -5.96 -53.72
CA SER A 54 10.83 -4.66 -53.95
C SER A 54 11.01 -3.85 -52.68
N THR A 55 10.33 -4.20 -51.59
CA THR A 55 10.59 -3.54 -50.31
C THR A 55 12.03 -3.79 -49.86
N LEU A 56 12.50 -5.02 -50.01
CA LEU A 56 13.90 -5.34 -49.76
C LEU A 56 14.80 -4.90 -50.91
N LYS A 57 14.24 -4.45 -52.02
CA LYS A 57 15.02 -4.11 -53.20
C LYS A 57 15.04 -2.62 -53.52
N THR A 58 13.94 -1.90 -53.31
CA THR A 58 13.85 -0.49 -53.69
C THR A 58 13.94 0.46 -52.50
N CYS A 59 13.77 -0.02 -51.27
CA CYS A 59 13.75 0.84 -50.10
C CYS A 59 15.16 0.96 -49.52
N LEU A 60 16.03 1.60 -50.29
CA LEU A 60 17.43 1.78 -49.92
C LEU A 60 17.89 3.19 -50.29
N PRO A 61 18.88 3.72 -49.57
CA PRO A 61 19.38 5.07 -49.88
C PRO A 61 20.10 5.12 -51.22
N LEU A 62 20.14 6.33 -51.79
CA LEU A 62 20.80 6.53 -53.07
C LEU A 62 22.32 6.47 -52.92
N GLU A 63 22.86 6.82 -51.76
CA GLU A 63 24.29 6.62 -51.56
C GLU A 63 24.63 5.18 -51.24
N LEU A 64 23.64 4.37 -50.88
CA LEU A 64 23.82 2.94 -50.66
C LEU A 64 23.60 2.16 -51.94
N HIS A 65 23.16 2.84 -52.99
CA HIS A 65 22.96 2.24 -54.30
C HIS A 65 24.31 2.16 -55.01
N LYS A 66 24.73 0.94 -55.34
CA LYS A 66 26.02 0.72 -56.00
C LYS A 66 25.90 0.08 -57.37
N ASN A 67 24.89 -0.74 -57.60
CA ASN A 67 24.67 -1.39 -58.89
C ASN A 67 23.22 -1.16 -59.30
N GLU A 68 23.03 -0.71 -60.54
CA GLU A 68 21.69 -0.46 -61.06
C GLU A 68 21.00 -1.74 -61.53
N SER A 69 21.72 -2.86 -61.57
CA SER A 69 21.10 -4.12 -61.96
C SER A 69 20.03 -4.56 -60.96
N CYS A 70 20.31 -4.40 -59.67
CA CYS A 70 19.34 -4.75 -58.63
C CYS A 70 18.61 -3.51 -58.13
N SER A 83 0.62 11.68 -49.69
CA SER A 83 1.89 12.20 -50.27
C SER A 83 3.04 11.93 -49.30
N CYS A 84 3.34 12.86 -48.39
CA CYS A 84 4.40 12.68 -47.36
C CYS A 84 5.82 12.68 -47.94
N LEU A 85 5.98 12.52 -49.26
CA LEU A 85 7.31 12.64 -49.85
C LEU A 85 7.73 14.11 -49.88
N PRO A 86 8.84 14.48 -49.25
CA PRO A 86 9.28 15.87 -49.25
C PRO A 86 9.77 16.29 -50.63
N PRO A 87 9.57 17.56 -51.01
CA PRO A 87 10.08 18.01 -52.32
C PRO A 87 11.58 18.05 -52.40
N GLN A 88 12.28 18.11 -51.26
CA GLN A 88 13.74 18.14 -51.29
C GLN A 88 14.31 16.77 -51.63
N LYS A 89 13.72 15.70 -51.09
CA LYS A 89 14.16 14.34 -51.40
C LYS A 89 13.22 13.72 -52.43
N THR A 90 13.40 14.13 -53.68
CA THR A 90 12.65 13.59 -54.79
C THR A 90 13.52 12.62 -55.59
N SER A 91 13.01 11.41 -55.78
CA SER A 91 13.73 10.39 -56.54
C SER A 91 12.72 9.60 -57.37
N LEU A 92 13.21 9.04 -58.47
CA LEU A 92 12.36 8.31 -59.40
C LEU A 92 12.15 6.85 -59.00
N MET A 93 12.88 6.37 -57.98
CA MET A 93 12.83 4.97 -57.60
C MET A 93 12.25 4.77 -56.20
N MET A 94 12.19 5.84 -55.40
CA MET A 94 11.48 5.79 -54.12
C MET A 94 9.99 5.57 -54.28
N THR A 95 9.41 5.99 -55.41
CA THR A 95 7.99 5.75 -55.65
C THR A 95 7.69 4.25 -55.74
N LEU A 96 8.64 3.47 -56.24
CA LEU A 96 8.49 2.02 -56.24
C LEU A 96 8.43 1.48 -54.82
N CYS A 97 9.28 2.01 -53.93
CA CYS A 97 9.27 1.59 -52.53
C CYS A 97 7.94 1.94 -51.87
N LEU A 98 7.44 3.16 -52.08
CA LEU A 98 6.19 3.54 -51.43
C LEU A 98 5.01 2.74 -51.97
N GLY A 99 4.99 2.46 -53.28
CA GLY A 99 3.95 1.61 -53.83
C GLY A 99 4.01 0.19 -53.31
N SER A 100 5.21 -0.35 -53.14
CA SER A 100 5.38 -1.69 -52.57
C SER A 100 4.88 -1.73 -51.13
N ILE A 101 5.22 -0.71 -50.34
CA ILE A 101 4.71 -0.65 -48.97
C ILE A 101 3.20 -0.53 -48.96
N TYR A 102 2.64 0.27 -49.88
CA TYR A 102 1.20 0.46 -49.96
C TYR A 102 0.49 -0.86 -50.22
N GLU A 103 0.96 -1.62 -51.22
CA GLU A 103 0.29 -2.89 -51.52
C GLU A 103 0.53 -3.93 -50.44
N ASP A 104 1.74 -3.97 -49.88
CA ASP A 104 2.09 -4.93 -48.85
C ASP A 104 1.19 -4.71 -47.63
N LEU A 105 0.97 -3.45 -47.27
CA LEU A 105 0.09 -3.17 -46.15
C LEU A 105 -1.38 -3.38 -46.49
N LYS A 106 -1.78 -3.24 -47.76
CA LYS A 106 -3.16 -3.61 -48.07
C LYS A 106 -3.39 -5.12 -47.90
N MET A 107 -2.42 -5.95 -48.34
CA MET A 107 -2.58 -7.39 -48.06
C MET A 107 -2.53 -7.69 -46.57
N TYR A 108 -1.65 -7.00 -45.82
CA TYR A 108 -1.63 -7.17 -44.38
C TYR A 108 -2.98 -6.82 -43.75
N GLN A 109 -3.56 -5.68 -44.16
CA GLN A 109 -4.85 -5.22 -43.63
C GLN A 109 -5.95 -6.22 -43.93
N THR A 110 -5.95 -6.76 -45.15
CA THR A 110 -6.97 -7.75 -45.52
C THR A 110 -6.88 -8.98 -44.65
N GLU A 111 -5.66 -9.46 -44.36
CA GLU A 111 -5.61 -10.65 -43.51
C GLU A 111 -5.81 -10.36 -42.02
N PHE A 112 -5.46 -9.16 -41.51
CA PHE A 112 -5.89 -8.88 -40.13
C PHE A 112 -7.39 -8.73 -40.01
N GLN A 113 -8.09 -8.30 -41.06
CA GLN A 113 -9.56 -8.36 -41.00
C GLN A 113 -10.04 -9.79 -40.80
N ALA A 114 -9.40 -10.75 -41.49
CA ALA A 114 -9.77 -12.15 -41.36
C ALA A 114 -9.51 -12.67 -39.96
N ILE A 115 -8.32 -12.41 -39.41
CA ILE A 115 -8.02 -12.94 -38.08
C ILE A 115 -8.85 -12.24 -37.01
N ASN A 116 -9.14 -10.94 -37.18
CA ASN A 116 -9.99 -10.24 -36.23
C ASN A 116 -11.40 -10.81 -36.24
N ALA A 117 -11.93 -11.10 -37.43
CA ALA A 117 -13.25 -11.71 -37.50
C ALA A 117 -13.24 -13.13 -36.93
N ALA A 118 -12.16 -13.87 -37.14
CA ALA A 118 -12.09 -15.25 -36.68
C ALA A 118 -11.82 -15.37 -35.18
N LEU A 119 -11.26 -14.36 -34.54
CA LEU A 119 -10.98 -14.45 -33.11
C LEU A 119 -12.17 -14.13 -32.24
N GLN A 120 -13.30 -13.75 -32.82
CA GLN A 120 -14.48 -13.42 -32.04
C GLN A 120 -15.64 -14.40 -32.24
N ASN A 121 -15.62 -15.19 -33.30
CA ASN A 121 -16.74 -16.09 -33.58
C ASN A 121 -16.84 -17.21 -32.53
N HIS A 122 -15.71 -17.70 -32.05
CA HIS A 122 -15.70 -18.68 -30.98
C HIS A 122 -15.87 -17.99 -29.64
N ASN A 123 -16.07 -18.79 -28.59
CA ASN A 123 -16.21 -18.27 -27.24
C ASN A 123 -14.88 -17.83 -26.64
N HIS A 124 -13.76 -18.17 -27.28
CA HIS A 124 -12.46 -17.86 -26.69
C HIS A 124 -12.19 -16.37 -26.75
N GLN A 125 -11.95 -15.79 -25.57
CA GLN A 125 -11.88 -14.35 -25.39
C GLN A 125 -10.76 -13.97 -24.42
N GLN A 126 -9.82 -14.88 -24.18
CA GLN A 126 -8.70 -14.59 -23.28
C GLN A 126 -7.81 -13.50 -23.87
N ILE A 127 -7.75 -13.41 -25.20
CA ILE A 127 -6.89 -12.48 -25.90
C ILE A 127 -7.77 -11.55 -26.71
N ILE A 128 -7.57 -10.24 -26.54
CA ILE A 128 -8.29 -9.24 -27.31
C ILE A 128 -7.27 -8.48 -28.15
N LEU A 129 -7.59 -8.30 -29.43
CA LEU A 129 -6.74 -7.50 -30.30
C LEU A 129 -7.40 -6.14 -30.53
N ASP A 130 -6.87 -5.12 -29.87
CA ASP A 130 -7.40 -3.78 -30.06
C ASP A 130 -7.09 -3.27 -31.45
N LYS A 131 -7.73 -2.17 -31.83
CA LYS A 131 -7.69 -1.69 -33.20
C LYS A 131 -6.46 -0.84 -33.51
N GLY A 132 -5.40 -0.94 -32.70
CA GLY A 132 -4.29 0.00 -32.82
C GLY A 132 -3.62 -0.03 -34.19
N MET A 133 -3.06 -1.18 -34.57
CA MET A 133 -2.47 -1.29 -35.89
C MET A 133 -3.51 -1.08 -36.97
N LEU A 134 -4.76 -1.52 -36.74
CA LEU A 134 -5.79 -1.40 -37.76
C LEU A 134 -6.06 0.06 -38.12
N VAL A 135 -6.38 0.89 -37.12
CA VAL A 135 -6.66 2.29 -37.40
C VAL A 135 -5.39 2.99 -37.86
N ALA A 136 -4.23 2.56 -37.37
CA ALA A 136 -2.99 3.21 -37.75
C ALA A 136 -2.68 2.99 -39.23
N ILE A 137 -2.76 1.75 -39.70
CA ILE A 137 -2.49 1.48 -41.11
C ILE A 137 -3.59 2.08 -41.98
N ASP A 138 -4.82 2.14 -41.47
CA ASP A 138 -5.89 2.79 -42.24
C ASP A 138 -5.57 4.27 -42.46
N GLU A 139 -5.11 4.95 -41.40
CA GLU A 139 -4.72 6.34 -41.55
C GLU A 139 -3.51 6.48 -42.48
N LEU A 140 -2.56 5.53 -42.42
CA LEU A 140 -1.43 5.57 -43.32
C LEU A 140 -1.87 5.40 -44.77
N MET A 141 -2.83 4.50 -45.02
CA MET A 141 -3.33 4.28 -46.37
C MET A 141 -4.04 5.52 -46.90
N GLN A 142 -4.88 6.15 -46.09
CA GLN A 142 -5.57 7.34 -46.59
C GLN A 142 -4.62 8.53 -46.71
N SER A 143 -3.54 8.55 -45.93
CA SER A 143 -2.58 9.64 -46.05
C SER A 143 -1.67 9.49 -47.26
N LEU A 144 -1.24 8.26 -47.56
CA LEU A 144 -0.20 8.07 -48.56
C LEU A 144 -0.73 8.27 -49.98
N ASN A 145 -1.92 7.75 -50.27
CA ASN A 145 -2.55 7.95 -51.57
C ASN A 145 -4.03 8.26 -51.36
N HIS A 146 -4.74 8.45 -52.48
CA HIS A 146 -6.19 8.58 -52.52
C HIS A 146 -6.72 9.73 -51.66
N PRO A 162 -10.64 -21.73 -35.29
CA PRO A 162 -10.35 -22.76 -34.29
C PRO A 162 -9.03 -22.52 -33.58
N TYR A 163 -8.08 -23.44 -33.76
CA TYR A 163 -6.75 -23.32 -33.16
C TYR A 163 -5.70 -22.80 -34.13
N ARG A 164 -5.86 -23.07 -35.42
CA ARG A 164 -4.88 -22.62 -36.42
C ARG A 164 -4.80 -21.10 -36.50
N VAL A 165 -5.88 -20.41 -36.13
CA VAL A 165 -5.98 -18.99 -36.41
C VAL A 165 -5.01 -18.18 -35.55
N LYS A 166 -4.86 -18.52 -34.27
CA LYS A 166 -3.94 -17.77 -33.43
C LYS A 166 -2.49 -18.13 -33.73
N MET A 167 -2.25 -19.36 -34.19
CA MET A 167 -0.92 -19.71 -34.68
C MET A 167 -0.54 -18.84 -35.87
N LYS A 168 -1.47 -18.69 -36.83
CA LYS A 168 -1.25 -17.80 -37.96
C LYS A 168 -1.05 -16.37 -37.51
N LEU A 169 -1.86 -15.92 -36.55
CA LEU A 169 -1.73 -14.55 -36.05
C LEU A 169 -0.35 -14.31 -35.45
N CYS A 170 0.16 -15.28 -34.69
CA CYS A 170 1.47 -15.10 -34.07
C CYS A 170 2.59 -15.10 -35.10
N ILE A 171 2.54 -15.99 -36.09
CA ILE A 171 3.62 -15.98 -37.09
C ILE A 171 3.56 -14.70 -37.93
N LEU A 172 2.35 -14.23 -38.25
CA LEU A 172 2.23 -12.98 -38.99
C LEU A 172 2.74 -11.80 -38.19
N LEU A 173 2.48 -11.76 -36.89
CA LEU A 173 3.04 -10.68 -36.07
C LEU A 173 4.55 -10.78 -35.96
N HIS A 174 5.09 -12.01 -35.87
CA HIS A 174 6.53 -12.19 -35.83
C HIS A 174 7.23 -11.66 -37.07
N ALA A 175 6.68 -11.93 -38.25
CA ALA A 175 7.24 -11.33 -39.46
C ALA A 175 6.92 -9.84 -39.57
N PHE A 176 5.76 -9.43 -39.05
CA PHE A 176 5.29 -8.07 -39.19
C PHE A 176 6.12 -7.10 -38.35
N SER A 177 6.71 -7.58 -37.26
CA SER A 177 7.61 -6.74 -36.48
C SER A 177 8.82 -6.29 -37.30
N THR A 178 9.50 -7.25 -37.92
CA THR A 178 10.63 -6.93 -38.78
C THR A 178 10.19 -6.08 -39.97
N ARG A 179 9.05 -6.41 -40.56
CA ARG A 179 8.53 -5.58 -41.63
C ARG A 179 8.33 -4.14 -41.20
N VAL A 180 7.60 -3.90 -40.10
CA VAL A 180 7.27 -2.55 -39.71
C VAL A 180 8.53 -1.78 -39.31
N VAL A 181 9.55 -2.46 -38.80
CA VAL A 181 10.84 -1.80 -38.61
C VAL A 181 11.39 -1.34 -39.95
N THR A 182 11.26 -2.17 -40.99
CA THR A 182 11.75 -1.76 -42.31
C THR A 182 10.98 -0.55 -42.85
N ILE A 183 9.64 -0.55 -42.72
CA ILE A 183 8.87 0.61 -43.15
C ILE A 183 9.30 1.87 -42.39
N ASN A 184 9.45 1.79 -41.07
CA ASN A 184 9.77 2.99 -40.31
C ASN A 184 11.16 3.49 -40.68
N ARG A 185 12.11 2.56 -40.89
CA ARG A 185 13.46 2.94 -41.33
C ARG A 185 13.42 3.72 -42.64
N VAL A 186 12.76 3.15 -43.65
CA VAL A 186 12.79 3.80 -44.95
C VAL A 186 12.00 5.11 -44.94
N MET A 187 10.91 5.18 -44.17
CA MET A 187 10.13 6.41 -44.17
C MET A 187 10.88 7.52 -43.43
N GLY A 188 11.53 7.19 -42.31
CA GLY A 188 12.35 8.17 -41.63
C GLY A 188 13.51 8.65 -42.48
N TYR A 189 14.04 7.75 -43.31
CA TYR A 189 15.09 8.18 -44.24
C TYR A 189 14.54 9.13 -45.30
N LEU A 190 13.44 8.77 -45.95
CA LEU A 190 12.95 9.55 -47.08
C LEU A 190 12.44 10.91 -46.65
N SER A 191 11.76 10.96 -45.50
CA SER A 191 11.17 12.21 -45.04
C SER A 191 12.24 13.22 -44.65
N SER A 192 13.22 12.81 -43.86
CA SER A 192 14.27 13.72 -43.41
C SER A 192 15.31 13.92 -44.50
N MET B 1 34.88 -41.43 -39.59
CA MET B 1 34.92 -42.47 -40.60
C MET B 1 34.96 -41.77 -41.97
N TRP B 2 35.72 -40.66 -42.02
CA TRP B 2 35.75 -39.84 -43.25
C TRP B 2 37.03 -39.02 -43.37
N GLU B 3 37.31 -38.55 -44.57
CA GLU B 3 38.51 -37.78 -44.83
C GLU B 3 38.25 -36.33 -44.46
N LEU B 4 38.86 -35.88 -43.35
CA LEU B 4 38.72 -34.45 -42.96
C LEU B 4 39.49 -33.63 -44.00
N GLU B 5 40.76 -33.96 -44.20
CA GLU B 5 41.59 -33.28 -45.23
C GLU B 5 42.27 -34.39 -46.02
N LYS B 6 42.84 -34.08 -47.20
CA LYS B 6 43.41 -35.18 -48.02
C LYS B 6 44.48 -35.88 -47.18
N ASP B 7 44.43 -37.21 -47.11
CA ASP B 7 45.42 -38.03 -46.33
C ASP B 7 45.10 -37.97 -44.83
N VAL B 8 44.00 -37.31 -44.46
CA VAL B 8 43.68 -37.15 -43.01
C VAL B 8 42.35 -37.87 -42.75
N TYR B 9 42.33 -38.81 -41.81
CA TYR B 9 41.13 -39.57 -41.52
C TYR B 9 40.63 -39.25 -40.13
N VAL B 10 39.31 -39.18 -39.97
CA VAL B 10 38.67 -38.92 -38.69
C VAL B 10 37.61 -39.99 -38.45
N VAL B 11 37.57 -40.52 -37.23
CA VAL B 11 36.61 -41.53 -36.82
C VAL B 11 35.99 -41.11 -35.48
N GLU B 12 34.87 -41.75 -35.15
CA GLU B 12 34.20 -41.56 -33.88
C GLU B 12 34.24 -42.86 -33.08
N VAL B 13 34.46 -42.72 -31.78
CA VAL B 13 34.65 -43.85 -30.88
C VAL B 13 33.68 -43.72 -29.72
N ASP B 14 32.98 -44.81 -29.41
CA ASP B 14 32.11 -44.87 -28.24
C ASP B 14 32.94 -44.83 -26.95
N TRP B 15 33.00 -43.64 -26.33
CA TRP B 15 33.82 -43.44 -25.14
C TRP B 15 33.07 -44.00 -23.94
N THR B 16 33.24 -45.31 -23.72
CA THR B 16 32.53 -45.94 -22.61
C THR B 16 33.32 -47.15 -22.13
N PRO B 17 33.39 -47.39 -20.82
CA PRO B 17 34.31 -48.41 -20.31
C PRO B 17 33.99 -49.84 -20.74
N ASP B 18 32.73 -50.14 -21.04
CA ASP B 18 32.30 -51.52 -21.24
C ASP B 18 31.68 -51.75 -22.63
N ALA B 19 32.30 -51.22 -23.67
CA ALA B 19 31.90 -51.49 -25.04
C ALA B 19 33.09 -51.30 -25.97
N PRO B 20 33.21 -52.13 -27.01
CA PRO B 20 34.40 -52.06 -27.87
C PRO B 20 34.33 -50.92 -28.88
N GLY B 21 35.51 -50.56 -29.38
CA GLY B 21 35.65 -49.49 -30.33
C GLY B 21 35.25 -49.90 -31.73
N GLU B 22 35.63 -49.07 -32.69
CA GLU B 22 35.24 -49.26 -34.08
C GLU B 22 36.44 -49.73 -34.90
N THR B 23 36.15 -50.59 -35.88
CA THR B 23 37.18 -51.18 -36.72
C THR B 23 37.32 -50.37 -38.00
N VAL B 24 38.56 -49.95 -38.30
CA VAL B 24 38.86 -49.19 -39.51
C VAL B 24 40.05 -49.84 -40.22
N ASN B 25 39.92 -49.95 -41.53
CA ASN B 25 40.95 -50.56 -42.37
C ASN B 25 41.75 -49.47 -43.07
N LEU B 26 43.08 -49.62 -43.04
CA LEU B 26 43.99 -48.66 -43.64
C LEU B 26 44.79 -49.36 -44.73
N THR B 27 45.05 -48.63 -45.81
CA THR B 27 45.83 -49.12 -46.93
C THR B 27 46.92 -48.12 -47.29
N CYS B 28 48.03 -48.62 -47.83
CA CYS B 28 49.11 -47.75 -48.25
C CYS B 28 48.91 -47.32 -49.70
N ASP B 29 48.93 -46.01 -49.94
CA ASP B 29 48.72 -45.46 -51.29
C ASP B 29 50.01 -45.64 -52.09
N THR B 30 50.21 -46.85 -52.58
CA THR B 30 51.40 -47.22 -53.35
C THR B 30 51.06 -48.39 -54.26
N PRO B 31 51.39 -48.32 -55.56
CA PRO B 31 51.14 -49.46 -56.45
C PRO B 31 51.91 -50.71 -56.09
N GLU B 32 53.03 -50.60 -55.39
CA GLU B 32 53.80 -51.77 -54.99
C GLU B 32 53.05 -52.55 -53.90
N GLU B 33 52.85 -53.84 -54.14
CA GLU B 33 52.12 -54.71 -53.22
C GLU B 33 53.08 -55.73 -52.63
N ASP B 34 53.39 -55.58 -51.35
CA ASP B 34 54.32 -56.44 -50.62
C ASP B 34 54.13 -56.14 -49.15
N ASP B 35 54.72 -56.98 -48.30
CA ASP B 35 54.67 -56.74 -46.86
C ASP B 35 55.42 -55.46 -46.52
N ILE B 36 54.83 -54.64 -45.64
CA ILE B 36 55.25 -53.27 -45.44
C ILE B 36 55.39 -53.00 -43.93
N THR B 37 56.19 -52.00 -43.61
CA THR B 37 56.38 -51.60 -42.22
C THR B 37 55.56 -50.36 -41.91
N TRP B 38 54.57 -50.51 -41.04
CA TRP B 38 53.72 -49.41 -40.61
C TRP B 38 54.01 -49.08 -39.17
N THR B 39 54.29 -47.81 -38.89
CA THR B 39 54.61 -47.47 -37.51
C THR B 39 53.89 -46.18 -37.10
N SER B 40 53.64 -46.07 -35.81
CA SER B 40 52.98 -44.93 -35.21
C SER B 40 53.97 -44.19 -34.32
N ASP B 41 53.46 -43.17 -33.61
CA ASP B 41 54.27 -42.37 -32.72
C ASP B 41 54.11 -42.73 -31.25
N GLN B 42 52.91 -43.14 -30.84
CA GLN B 42 52.67 -43.61 -29.48
C GLN B 42 53.22 -45.01 -29.25
N ARG B 43 53.12 -45.90 -30.23
CA ARG B 43 53.54 -47.28 -30.08
C ARG B 43 54.77 -47.52 -30.94
N HIS B 44 55.79 -48.08 -30.30
CA HIS B 44 57.05 -48.38 -30.95
C HIS B 44 56.96 -49.74 -31.62
N GLY B 45 57.55 -49.84 -32.81
CA GLY B 45 57.55 -51.07 -33.56
C GLY B 45 56.34 -51.20 -34.46
N VAL B 46 56.49 -52.04 -35.49
CA VAL B 46 55.41 -52.26 -36.45
C VAL B 46 54.41 -53.23 -35.85
N ILE B 47 53.14 -52.85 -35.86
CA ILE B 47 52.09 -53.65 -35.25
C ILE B 47 51.35 -54.52 -36.28
N GLY B 48 51.46 -54.23 -37.57
CA GLY B 48 50.74 -55.00 -38.57
C GLY B 48 51.52 -55.24 -39.83
N SER B 49 51.31 -56.39 -40.46
CA SER B 49 51.99 -56.77 -41.69
C SER B 49 50.99 -56.80 -42.85
N GLY B 50 51.43 -56.32 -44.00
CA GLY B 50 50.59 -56.26 -45.18
C GLY B 50 50.18 -54.84 -45.54
N LYS B 51 49.74 -54.69 -46.79
CA LYS B 51 49.37 -53.36 -47.27
C LYS B 51 48.03 -52.91 -46.69
N THR B 52 47.15 -53.85 -46.39
CA THR B 52 45.86 -53.54 -45.79
C THR B 52 45.87 -54.04 -44.34
N LEU B 53 45.73 -53.12 -43.38
CA LEU B 53 45.77 -53.46 -41.97
C LEU B 53 44.50 -52.98 -41.29
N THR B 54 43.90 -53.85 -40.48
CA THR B 54 42.74 -53.51 -39.69
C THR B 54 43.19 -52.99 -38.32
N ILE B 55 42.52 -51.97 -37.83
CA ILE B 55 42.82 -51.37 -36.53
C ILE B 55 41.51 -51.14 -35.79
N THR B 56 41.43 -51.63 -34.56
CA THR B 56 40.30 -51.36 -33.69
C THR B 56 40.62 -50.17 -32.81
N VAL B 57 39.98 -49.04 -33.09
CA VAL B 57 40.22 -47.80 -32.35
C VAL B 57 39.22 -47.73 -31.21
N LYS B 58 39.76 -47.52 -30.00
CA LYS B 58 38.96 -47.45 -28.79
C LYS B 58 39.42 -46.34 -27.85
N GLU B 59 40.55 -45.71 -28.11
CA GLU B 59 41.23 -44.86 -27.14
C GLU B 59 42.26 -44.04 -27.88
N PHE B 60 42.61 -42.87 -27.32
CA PHE B 60 43.49 -41.92 -27.98
C PHE B 60 44.91 -42.44 -28.21
N LEU B 61 45.32 -43.52 -27.54
CA LEU B 61 46.57 -44.17 -27.88
C LEU B 61 46.57 -44.69 -29.31
N ASP B 62 45.40 -45.02 -29.83
CA ASP B 62 45.24 -45.50 -31.19
C ASP B 62 45.09 -44.37 -32.21
N ALA B 63 45.14 -43.12 -31.79
CA ALA B 63 45.01 -42.00 -32.71
C ALA B 63 46.39 -41.43 -33.04
N GLY B 64 46.43 -40.64 -34.11
CA GLY B 64 47.65 -39.91 -34.44
C GLY B 64 48.23 -40.16 -35.81
N GLN B 65 49.55 -40.31 -35.87
CA GLN B 65 50.30 -40.40 -37.12
C GLN B 65 50.69 -41.84 -37.39
N TYR B 66 50.36 -42.30 -38.62
CA TYR B 66 50.61 -43.67 -39.11
C TYR B 66 51.45 -43.61 -40.40
N THR B 67 52.75 -44.00 -40.35
CA THR B 67 53.64 -43.85 -41.50
C THR B 67 53.89 -45.21 -42.13
N CYS B 68 53.81 -45.24 -43.46
CA CYS B 68 54.09 -46.39 -44.30
C CYS B 68 55.55 -46.31 -44.73
N HIS B 69 56.29 -47.41 -44.56
CA HIS B 69 57.73 -47.33 -44.73
C HIS B 69 58.27 -48.71 -45.12
N LYS B 70 59.39 -48.69 -45.85
CA LYS B 70 60.06 -49.94 -46.23
C LYS B 70 61.54 -49.66 -46.37
N GLY B 71 62.36 -50.53 -45.77
CA GLY B 71 63.80 -50.37 -45.88
C GLY B 71 64.24 -49.10 -45.17
N GLY B 72 64.60 -48.10 -45.98
CA GLY B 72 64.91 -46.77 -45.50
C GLY B 72 64.10 -45.67 -46.13
N GLU B 73 63.00 -45.99 -46.81
CA GLU B 73 62.22 -45.01 -47.56
C GLU B 73 60.78 -44.98 -47.05
N THR B 74 60.28 -43.77 -46.84
CA THR B 74 58.90 -43.57 -46.39
C THR B 74 57.97 -43.53 -47.59
N LEU B 75 57.17 -44.59 -47.75
CA LEU B 75 56.27 -44.68 -48.89
C LEU B 75 55.15 -43.66 -48.80
N SER B 76 54.49 -43.59 -47.63
CA SER B 76 53.40 -42.65 -47.41
C SER B 76 53.21 -42.53 -45.89
N HIS B 77 52.26 -41.68 -45.51
CA HIS B 77 51.86 -41.56 -44.11
C HIS B 77 50.43 -41.08 -44.05
N SER B 78 49.76 -41.38 -42.93
CA SER B 78 48.34 -41.10 -42.78
C SER B 78 48.07 -40.46 -41.43
N HIS B 79 47.05 -39.61 -41.40
CA HIS B 79 46.64 -38.90 -40.19
C HIS B 79 45.31 -39.43 -39.71
N LEU B 80 45.23 -39.79 -38.44
CA LEU B 80 44.00 -40.31 -37.84
C LEU B 80 43.65 -39.47 -36.63
N LEU B 81 42.40 -39.00 -36.58
CA LEU B 81 41.91 -38.20 -35.46
C LEU B 81 40.76 -38.92 -34.77
N LEU B 82 40.19 -38.30 -33.73
CA LEU B 82 39.07 -38.87 -33.00
C LEU B 82 38.00 -37.81 -32.82
N HIS B 83 36.75 -38.27 -32.74
CA HIS B 83 35.59 -37.40 -32.52
C HIS B 83 34.75 -38.03 -31.43
N LYS B 84 34.88 -37.50 -30.22
CA LYS B 84 34.38 -38.16 -29.02
C LYS B 84 32.88 -37.97 -28.87
N LYS B 85 32.21 -38.98 -28.34
CA LYS B 85 30.75 -38.98 -28.17
C LYS B 85 30.38 -39.50 -26.79
N GLU B 86 29.50 -38.79 -26.11
CA GLU B 86 29.11 -39.09 -24.73
C GLU B 86 27.62 -39.40 -24.66
N ASN B 87 27.28 -40.68 -24.82
CA ASN B 87 25.93 -41.20 -24.57
C ASN B 87 24.84 -40.48 -25.36
N GLY B 88 25.08 -40.23 -26.64
CA GLY B 88 24.07 -39.56 -27.46
C GLY B 88 24.23 -38.06 -27.46
N ILE B 89 25.14 -37.56 -26.62
CA ILE B 89 25.44 -36.13 -26.56
C ILE B 89 26.85 -35.93 -27.11
N TRP B 90 27.00 -35.00 -28.05
CA TRP B 90 28.29 -34.72 -28.64
C TRP B 90 29.20 -34.03 -27.64
N SER B 91 30.42 -34.52 -27.50
CA SER B 91 31.40 -33.94 -26.60
C SER B 91 31.88 -32.60 -27.15
N THR B 92 31.87 -31.58 -26.30
CA THR B 92 32.33 -30.24 -26.64
C THR B 92 33.28 -29.81 -25.52
N GLU B 93 34.58 -30.04 -25.71
CA GLU B 93 35.53 -29.85 -24.62
C GLU B 93 36.74 -29.00 -25.00
N ILE B 94 36.83 -28.51 -26.23
CA ILE B 94 37.90 -27.59 -26.58
C ILE B 94 37.52 -26.16 -26.25
N LEU B 95 36.23 -25.84 -26.28
CA LEU B 95 35.75 -24.49 -26.05
C LEU B 95 34.89 -24.43 -24.81
N LYS B 96 34.61 -23.20 -24.37
CA LYS B 96 33.84 -22.96 -23.15
C LYS B 96 32.80 -21.88 -23.42
N ASN B 97 31.63 -22.04 -22.81
CA ASN B 97 30.53 -21.11 -22.99
C ASN B 97 30.85 -19.74 -22.39
N PHE B 98 30.12 -18.73 -22.87
CA PHE B 98 30.16 -17.40 -22.30
C PHE B 98 29.24 -17.36 -21.08
N LYS B 99 28.94 -16.15 -20.59
CA LYS B 99 28.10 -16.03 -19.41
C LYS B 99 26.65 -16.36 -19.73
N ASN B 100 26.28 -16.35 -21.01
CA ASN B 100 24.91 -16.64 -21.44
C ASN B 100 24.76 -18.07 -21.97
N LYS B 101 25.56 -19.01 -21.48
CA LYS B 101 25.50 -20.42 -21.87
C LYS B 101 25.68 -20.59 -23.39
N THR B 102 26.49 -19.72 -23.98
CA THR B 102 26.68 -19.72 -25.42
C THR B 102 28.15 -19.91 -25.73
N PHE B 103 28.43 -20.88 -26.61
CA PHE B 103 29.81 -21.25 -26.93
C PHE B 103 30.49 -20.21 -27.82
N LEU B 104 29.76 -19.66 -28.79
CA LEU B 104 30.31 -18.70 -29.74
C LEU B 104 29.55 -17.39 -29.60
N LYS B 105 30.28 -16.30 -29.39
CA LYS B 105 29.66 -14.98 -29.24
C LYS B 105 30.18 -14.08 -30.34
N CYS B 106 29.30 -13.70 -31.26
CA CYS B 106 29.67 -12.85 -32.38
C CYS B 106 28.96 -11.51 -32.26
N GLU B 107 29.55 -10.47 -32.86
CA GLU B 107 29.01 -9.14 -32.78
C GLU B 107 29.45 -8.35 -34.01
N ALA B 108 28.55 -7.52 -34.53
CA ALA B 108 28.85 -6.65 -35.65
C ALA B 108 28.76 -5.20 -35.24
N PRO B 109 29.71 -4.36 -35.67
CA PRO B 109 29.67 -2.95 -35.28
C PRO B 109 28.67 -2.12 -36.06
N ASN B 110 28.43 -2.50 -37.32
CA ASN B 110 27.49 -1.77 -38.18
C ASN B 110 27.03 -2.71 -39.28
N TYR B 111 26.17 -2.20 -40.17
CA TYR B 111 25.61 -2.99 -41.26
C TYR B 111 26.46 -2.86 -42.53
N SER B 112 27.75 -3.11 -42.36
CA SER B 112 28.68 -3.11 -43.48
C SER B 112 29.01 -4.50 -43.98
N GLY B 113 28.36 -5.53 -43.45
CA GLY B 113 28.67 -6.90 -43.80
C GLY B 113 29.85 -7.50 -43.06
N ARG B 114 30.39 -6.81 -42.06
CA ARG B 114 31.56 -7.27 -41.32
C ARG B 114 31.20 -7.42 -39.85
N PHE B 115 31.89 -8.34 -39.18
CA PHE B 115 31.63 -8.66 -37.78
C PHE B 115 32.83 -9.39 -37.22
N THR B 116 32.76 -9.71 -35.93
CA THR B 116 33.77 -10.53 -35.29
C THR B 116 33.08 -11.63 -34.52
N CYS B 117 33.82 -12.71 -34.27
CA CYS B 117 33.35 -13.82 -33.47
C CYS B 117 34.41 -14.14 -32.43
N SER B 118 33.97 -14.49 -31.22
CA SER B 118 34.84 -14.70 -30.08
C SER B 118 34.44 -15.98 -29.37
N TRP B 119 35.45 -16.70 -28.88
CA TRP B 119 35.25 -17.96 -28.19
C TRP B 119 36.36 -18.14 -27.16
N LEU B 120 36.16 -19.08 -26.25
CA LEU B 120 36.97 -19.20 -25.05
C LEU B 120 37.62 -20.57 -25.00
N VAL B 121 38.95 -20.61 -25.18
CA VAL B 121 39.67 -21.88 -25.12
C VAL B 121 40.28 -22.05 -23.74
N GLN B 122 40.61 -23.28 -23.36
CA GLN B 122 41.20 -23.56 -22.07
C GLN B 122 42.71 -23.64 -22.09
N ARG B 123 43.31 -24.13 -23.19
CA ARG B 123 44.76 -24.19 -23.31
C ARG B 123 45.11 -23.85 -24.75
N ASN B 124 46.42 -23.71 -25.00
CA ASN B 124 46.87 -23.24 -26.31
C ASN B 124 47.92 -24.15 -26.94
N MET B 125 48.05 -25.38 -26.47
CA MET B 125 49.11 -26.26 -26.96
C MET B 125 48.61 -27.01 -28.19
N ASP B 126 49.09 -26.58 -29.35
CA ASP B 126 48.87 -27.25 -30.64
C ASP B 126 47.37 -27.36 -30.98
N LEU B 127 46.77 -26.19 -31.19
CA LEU B 127 45.36 -26.12 -31.58
C LEU B 127 45.27 -25.68 -33.04
N LYS B 128 44.16 -26.01 -33.69
CA LYS B 128 43.91 -25.56 -35.05
C LYS B 128 42.43 -25.22 -35.22
N PHE B 129 42.17 -24.10 -35.89
CA PHE B 129 40.81 -23.59 -36.06
C PHE B 129 40.48 -23.49 -37.54
N ASN B 130 39.18 -23.62 -37.83
CA ASN B 130 38.69 -23.37 -39.18
C ASN B 130 37.25 -22.85 -39.07
N ILE B 131 36.96 -21.77 -39.78
CA ILE B 131 35.63 -21.15 -39.77
C ILE B 131 35.08 -21.18 -41.19
N LYS B 132 33.88 -21.72 -41.35
CA LYS B 132 33.28 -21.81 -42.67
C LYS B 132 31.79 -21.55 -42.54
N SER B 133 31.16 -21.15 -43.63
CA SER B 133 29.71 -21.00 -43.70
C SER B 133 29.14 -22.34 -44.16
N SER B 134 28.54 -23.07 -43.22
CA SER B 134 27.97 -24.39 -43.52
C SER B 134 26.70 -24.19 -44.33
N SER B 135 26.87 -24.02 -45.64
CA SER B 135 25.78 -23.70 -46.54
C SER B 135 25.33 -24.95 -47.29
N SER B 136 24.03 -25.25 -47.18
CA SER B 136 23.43 -26.35 -47.91
C SER B 136 22.67 -25.84 -49.14
N SER B 137 21.70 -24.94 -48.92
CA SER B 137 20.96 -24.36 -50.02
C SER B 137 21.79 -23.29 -50.72
N PRO B 138 21.72 -23.23 -52.06
CA PRO B 138 22.55 -22.24 -52.80
C PRO B 138 22.23 -20.80 -52.48
N ASP B 139 20.98 -20.45 -52.17
CA ASP B 139 20.61 -19.07 -51.93
C ASP B 139 20.96 -18.59 -50.54
N SER B 140 21.47 -19.48 -49.69
CA SER B 140 21.90 -19.09 -48.35
C SER B 140 23.07 -18.10 -48.43
N ARG B 141 23.04 -17.11 -47.54
CA ARG B 141 24.06 -16.07 -47.53
C ARG B 141 25.42 -16.66 -47.16
N ALA B 142 26.45 -16.25 -47.88
CA ALA B 142 27.77 -16.85 -47.76
C ALA B 142 28.80 -15.81 -47.38
N VAL B 143 29.86 -16.24 -46.70
CA VAL B 143 30.98 -15.38 -46.32
C VAL B 143 32.24 -15.90 -46.99
N THR B 144 33.19 -14.99 -47.23
CA THR B 144 34.47 -15.31 -47.85
C THR B 144 35.61 -14.73 -47.01
N CYS B 145 35.55 -14.96 -45.71
CA CYS B 145 36.47 -14.33 -44.77
C CYS B 145 37.57 -15.29 -44.35
N GLY B 146 38.72 -14.71 -43.97
CA GLY B 146 39.90 -15.51 -43.60
C GLY B 146 39.84 -16.01 -42.18
N MET B 147 40.92 -16.65 -41.73
CA MET B 147 40.87 -17.27 -40.39
C MET B 147 42.04 -16.79 -39.54
N ALA B 148 41.75 -16.37 -38.32
CA ALA B 148 42.84 -16.00 -37.39
C ALA B 148 42.58 -16.71 -36.06
N SER B 149 43.59 -17.35 -35.49
CA SER B 149 43.43 -17.94 -34.13
C SER B 149 43.97 -16.89 -33.17
N LEU B 150 44.18 -15.68 -33.69
CA LEU B 150 44.79 -14.56 -32.90
C LEU B 150 44.43 -14.55 -31.42
N SER B 151 45.43 -14.35 -30.56
CA SER B 151 45.21 -14.20 -29.13
C SER B 151 44.66 -12.80 -28.85
N ALA B 152 44.04 -12.65 -27.69
CA ALA B 152 43.47 -11.38 -27.30
C ALA B 152 43.77 -11.15 -25.83
N GLU B 153 43.12 -10.15 -25.24
CA GLU B 153 43.25 -9.89 -23.81
C GLU B 153 42.63 -11.05 -23.03
N LYS B 154 43.35 -11.52 -22.02
CA LYS B 154 42.91 -12.68 -21.26
C LYS B 154 41.77 -12.28 -20.32
N VAL B 155 40.58 -12.82 -20.60
CA VAL B 155 39.36 -12.43 -19.90
C VAL B 155 39.08 -13.46 -18.82
N THR B 156 38.33 -13.06 -17.80
CA THR B 156 38.06 -13.93 -16.66
C THR B 156 36.58 -14.30 -16.58
N LEU B 157 36.30 -15.23 -15.68
CA LEU B 157 34.96 -15.73 -15.38
C LEU B 157 34.85 -15.85 -13.88
N ASP B 158 33.86 -16.62 -13.41
CA ASP B 158 33.67 -16.88 -11.98
C ASP B 158 34.81 -17.68 -11.36
N GLN B 159 35.82 -18.02 -12.15
CA GLN B 159 37.03 -18.67 -11.70
C GLN B 159 38.19 -18.00 -12.44
N ARG B 160 39.35 -18.65 -12.45
CA ARG B 160 40.56 -18.09 -13.04
C ARG B 160 40.35 -17.70 -14.50
N ASP B 161 41.09 -16.69 -14.93
CA ASP B 161 40.95 -16.15 -16.28
C ASP B 161 41.44 -17.11 -17.33
N TYR B 162 40.91 -16.97 -18.54
CA TYR B 162 41.17 -17.89 -19.63
C TYR B 162 41.44 -17.12 -20.93
N GLU B 163 41.69 -17.88 -21.99
CA GLU B 163 42.14 -17.33 -23.26
C GLU B 163 40.95 -17.12 -24.20
N LYS B 164 40.88 -15.91 -24.76
CA LYS B 164 39.89 -15.55 -25.76
C LYS B 164 40.54 -15.62 -27.14
N TYR B 165 39.97 -16.45 -28.01
CA TYR B 165 40.38 -16.48 -29.40
C TYR B 165 39.25 -15.96 -30.28
N SER B 166 39.60 -15.09 -31.22
CA SER B 166 38.61 -14.38 -32.01
C SER B 166 39.01 -14.34 -33.47
N VAL B 167 38.01 -14.17 -34.34
CA VAL B 167 38.23 -13.97 -35.76
C VAL B 167 37.41 -12.76 -36.19
N SER B 168 37.87 -12.10 -37.25
CA SER B 168 37.18 -10.99 -37.86
C SER B 168 36.67 -11.48 -39.22
N CYS B 169 35.36 -11.68 -39.32
CA CYS B 169 34.78 -12.22 -40.53
C CYS B 169 33.95 -11.16 -41.25
N GLN B 170 33.67 -11.41 -42.52
CA GLN B 170 32.96 -10.45 -43.35
C GLN B 170 32.07 -11.18 -44.34
N GLU B 171 30.82 -10.73 -44.44
CA GLU B 171 29.90 -11.26 -45.43
C GLU B 171 29.94 -10.42 -46.70
N ASP B 172 29.67 -11.08 -47.82
CA ASP B 172 29.63 -10.40 -49.11
C ASP B 172 28.35 -10.77 -49.84
N VAL B 173 27.70 -9.76 -50.42
CA VAL B 173 26.48 -9.95 -51.18
C VAL B 173 26.62 -9.23 -52.50
N THR B 174 25.93 -9.74 -53.53
CA THR B 174 25.97 -9.11 -54.84
C THR B 174 25.24 -7.77 -54.82
N CYS B 175 24.04 -7.73 -54.24
CA CYS B 175 23.24 -6.52 -54.15
C CYS B 175 22.70 -6.41 -52.74
N PRO B 176 22.62 -5.21 -52.18
CA PRO B 176 22.15 -5.05 -50.80
C PRO B 176 20.65 -5.24 -50.69
N THR B 177 20.20 -5.35 -49.44
CA THR B 177 18.79 -5.52 -49.13
C THR B 177 18.40 -4.56 -48.00
N ALA B 178 17.11 -4.28 -47.91
CA ALA B 178 16.59 -3.45 -46.84
C ALA B 178 16.57 -4.20 -45.50
N GLU B 179 16.37 -5.51 -45.54
CA GLU B 179 16.44 -6.36 -44.35
C GLU B 179 16.84 -7.75 -44.80
N GLU B 180 17.17 -8.61 -43.84
CA GLU B 180 17.68 -9.94 -44.13
C GLU B 180 16.63 -10.98 -43.75
N THR B 181 16.38 -11.92 -44.67
CA THR B 181 15.44 -13.01 -44.44
C THR B 181 16.12 -14.27 -43.92
N LEU B 182 17.08 -14.80 -44.68
CA LEU B 182 17.78 -15.99 -44.23
C LEU B 182 18.80 -15.63 -43.15
N PRO B 183 18.91 -16.43 -42.11
CA PRO B 183 19.89 -16.17 -41.06
C PRO B 183 21.31 -16.44 -41.52
N ILE B 184 22.25 -16.18 -40.63
CA ILE B 184 23.67 -16.39 -40.92
C ILE B 184 24.15 -17.57 -40.08
N GLU B 185 24.72 -18.57 -40.76
CA GLU B 185 25.08 -19.83 -40.12
C GLU B 185 26.58 -20.08 -40.26
N LEU B 186 27.22 -20.44 -39.16
CA LEU B 186 28.66 -20.67 -39.14
C LEU B 186 28.97 -22.03 -38.54
N ALA B 187 30.04 -22.64 -39.04
CA ALA B 187 30.56 -23.91 -38.54
C ALA B 187 32.03 -23.75 -38.21
N LEU B 188 32.44 -24.29 -37.07
CA LEU B 188 33.80 -24.21 -36.56
C LEU B 188 34.36 -25.62 -36.48
N GLU B 189 35.58 -25.78 -36.97
CA GLU B 189 36.33 -27.02 -36.82
C GLU B 189 37.51 -26.74 -35.91
N ALA B 190 37.62 -27.52 -34.84
CA ALA B 190 38.66 -27.33 -33.83
C ALA B 190 39.49 -28.60 -33.69
N ARG B 191 40.76 -28.45 -33.29
CA ARG B 191 41.61 -29.67 -33.07
C ARG B 191 42.72 -29.47 -32.03
N GLN B 192 42.69 -30.22 -30.91
CA GLN B 192 43.81 -30.17 -29.93
C GLN B 192 44.46 -31.55 -29.86
N GLN B 193 45.75 -31.66 -30.20
CA GLN B 193 46.46 -32.96 -30.04
C GLN B 193 45.64 -34.06 -30.68
N ASN B 194 45.13 -33.80 -31.89
CA ASN B 194 44.33 -34.80 -32.63
C ASN B 194 42.93 -34.97 -32.03
N LYS B 195 42.43 -34.00 -31.26
CA LYS B 195 41.03 -34.10 -30.75
C LYS B 195 40.13 -33.29 -31.67
N TYR B 196 39.31 -33.95 -32.50
CA TYR B 196 38.54 -33.21 -33.49
C TYR B 196 37.22 -32.75 -32.90
N GLU B 197 36.78 -31.55 -33.31
CA GLU B 197 35.53 -30.98 -32.83
C GLU B 197 34.84 -30.22 -33.96
N ASN B 198 33.54 -30.41 -34.08
CA ASN B 198 32.69 -29.59 -34.92
C ASN B 198 31.68 -28.84 -34.05
N TYR B 199 31.63 -27.52 -34.21
CA TYR B 199 30.67 -26.66 -33.54
C TYR B 199 29.87 -25.92 -34.60
N SER B 200 28.63 -25.55 -34.25
CA SER B 200 27.76 -24.89 -35.20
C SER B 200 26.95 -23.81 -34.49
N THR B 201 26.59 -22.78 -35.25
CA THR B 201 25.73 -21.73 -34.71
C THR B 201 24.99 -21.05 -35.85
N SER B 202 23.90 -20.38 -35.49
CA SER B 202 23.10 -19.59 -36.42
C SER B 202 22.59 -18.37 -35.70
N PHE B 203 22.54 -17.25 -36.41
CA PHE B 203 22.18 -15.97 -35.82
C PHE B 203 21.95 -14.96 -36.93
N PHE B 204 21.03 -14.02 -36.67
CA PHE B 204 20.89 -12.83 -37.50
C PHE B 204 21.90 -11.79 -37.06
N ILE B 205 22.32 -10.95 -38.01
CA ILE B 205 23.32 -9.94 -37.71
C ILE B 205 22.63 -8.66 -37.25
N ARG B 206 21.29 -8.67 -37.26
CA ARG B 206 20.52 -7.53 -36.80
C ARG B 206 20.09 -7.66 -35.35
N ASP B 207 20.33 -8.81 -34.71
CA ASP B 207 20.01 -9.02 -33.31
C ASP B 207 21.26 -9.11 -32.44
N ILE B 208 22.42 -8.79 -33.02
CA ILE B 208 23.69 -8.87 -32.29
C ILE B 208 24.48 -7.57 -32.33
N ILE B 209 23.86 -6.43 -32.65
CA ILE B 209 24.62 -5.20 -32.84
C ILE B 209 24.96 -4.55 -31.50
N LYS B 210 26.22 -4.21 -31.33
CA LYS B 210 26.62 -3.33 -30.24
C LYS B 210 27.35 -2.12 -30.82
N PRO B 211 26.73 -0.96 -30.81
CA PRO B 211 27.37 0.23 -31.41
C PRO B 211 28.50 0.78 -30.56
N ASP B 212 29.04 1.92 -30.95
CA ASP B 212 30.16 2.46 -30.21
C ASP B 212 29.74 3.65 -29.35
N PRO B 213 30.41 3.87 -28.22
CA PRO B 213 30.11 5.05 -27.41
C PRO B 213 30.49 6.32 -28.16
N PRO B 214 29.85 7.45 -27.84
CA PRO B 214 30.10 8.69 -28.59
C PRO B 214 31.52 9.19 -28.42
N LYS B 215 31.97 9.98 -29.39
CA LYS B 215 33.37 10.41 -29.47
C LYS B 215 33.62 11.77 -28.84
N ASN B 216 32.78 12.77 -29.08
CA ASN B 216 33.05 14.15 -28.71
C ASN B 216 32.03 14.58 -27.66
N LEU B 217 32.47 14.69 -26.41
CA LEU B 217 31.59 15.03 -25.30
C LEU B 217 31.91 16.44 -24.81
N GLN B 218 31.08 17.38 -25.26
CA GLN B 218 31.19 18.76 -24.83
C GLN B 218 30.20 19.06 -23.71
N MET B 219 30.51 20.09 -22.94
CA MET B 219 29.73 20.48 -21.77
C MET B 219 29.50 21.99 -21.83
N LYS B 220 28.26 22.41 -22.07
CA LYS B 220 27.95 23.87 -22.06
C LYS B 220 26.98 24.18 -20.93
N PRO B 221 27.38 24.85 -19.83
CA PRO B 221 26.42 25.22 -18.81
C PRO B 221 25.54 26.28 -19.49
N LEU B 222 24.22 26.09 -19.49
CA LEU B 222 23.32 27.02 -20.20
C LEU B 222 22.41 27.77 -19.22
N SER B 225 19.97 29.77 -15.33
CA SER B 225 21.11 28.83 -15.36
C SER B 225 20.63 27.45 -15.80
N GLN B 226 21.38 26.78 -16.68
CA GLN B 226 21.08 25.39 -17.15
C GLN B 226 22.43 24.72 -17.46
N VAL B 227 22.46 23.44 -17.86
CA VAL B 227 23.73 22.74 -18.27
C VAL B 227 23.43 21.64 -19.29
N GLU B 228 24.09 21.66 -20.45
CA GLU B 228 23.72 20.72 -21.50
C GLU B 228 24.97 19.94 -21.93
N VAL B 229 24.85 18.62 -21.97
CA VAL B 229 25.91 17.75 -22.46
C VAL B 229 25.67 17.48 -23.94
N SER B 230 26.73 17.48 -24.73
CA SER B 230 26.65 17.27 -26.16
C SER B 230 27.52 16.10 -26.57
N TRP B 231 26.96 15.21 -27.37
CA TRP B 231 27.68 14.05 -27.89
C TRP B 231 27.52 14.02 -29.40
N GLU B 232 27.98 12.94 -30.02
CA GLU B 232 27.83 12.76 -31.45
C GLU B 232 27.97 11.28 -31.76
N TYR B 233 27.20 10.82 -32.75
CA TYR B 233 27.27 9.42 -33.16
C TYR B 233 28.63 9.11 -33.75
N PRO B 234 29.23 7.98 -33.41
CA PRO B 234 30.59 7.69 -33.87
C PRO B 234 30.67 7.52 -35.38
N ASP B 235 31.84 7.80 -35.94
CA ASP B 235 32.08 7.56 -37.36
C ASP B 235 32.01 6.08 -37.69
N SER B 236 32.32 5.22 -36.71
CA SER B 236 32.26 3.78 -36.90
C SER B 236 30.82 3.30 -36.91
N TRP B 237 30.07 3.64 -37.96
CA TRP B 237 28.67 3.26 -38.09
C TRP B 237 28.30 3.32 -39.57
N SER B 238 27.18 2.67 -39.89
CA SER B 238 26.66 2.69 -41.24
C SER B 238 26.26 4.11 -41.65
N THR B 239 26.34 4.37 -42.95
CA THR B 239 26.09 5.67 -43.53
C THR B 239 24.86 5.61 -44.42
N PRO B 240 23.90 6.54 -44.27
CA PRO B 240 23.88 7.67 -43.33
C PRO B 240 23.38 7.32 -41.93
N HIS B 241 23.42 8.31 -41.05
CA HIS B 241 22.89 8.19 -39.70
C HIS B 241 21.38 8.32 -39.63
N SER B 242 20.73 8.62 -40.77
CA SER B 242 19.28 8.75 -40.81
C SER B 242 18.58 7.43 -41.09
N TYR B 243 19.10 6.64 -42.05
CA TYR B 243 18.50 5.36 -42.37
C TYR B 243 18.64 4.37 -41.22
N PHE B 244 19.77 4.42 -40.51
CA PHE B 244 19.95 3.69 -39.26
C PHE B 244 20.31 4.67 -38.15
N SER B 245 19.57 4.64 -37.06
CA SER B 245 19.72 5.63 -36.00
C SER B 245 20.04 4.94 -34.68
N LEU B 246 20.21 5.75 -33.64
CA LEU B 246 20.65 5.32 -32.33
C LEU B 246 19.76 5.94 -31.25
N LYS B 247 19.76 5.30 -30.07
CA LYS B 247 19.06 5.86 -28.91
C LYS B 247 20.01 5.77 -27.72
N PHE B 248 19.89 6.69 -26.78
CA PHE B 248 20.87 6.84 -25.72
C PHE B 248 20.23 6.71 -24.35
N PHE B 249 20.98 6.16 -23.41
CA PHE B 249 20.61 6.19 -21.99
C PHE B 249 21.28 7.40 -21.34
N VAL B 250 20.79 7.77 -20.16
CA VAL B 250 21.47 8.73 -19.30
C VAL B 250 21.50 8.16 -17.90
N ARG B 251 22.67 8.18 -17.26
CA ARG B 251 22.83 7.63 -15.91
C ARG B 251 23.73 8.55 -15.11
N ILE B 252 23.25 8.98 -13.95
CA ILE B 252 24.07 9.79 -13.04
C ILE B 252 24.66 8.90 -11.97
N GLN B 253 25.70 9.39 -11.29
CA GLN B 253 26.33 8.64 -10.21
C GLN B 253 25.58 8.84 -8.89
N GLY B 270 19.46 3.32 -12.45
CA GLY B 270 18.10 3.43 -12.93
C GLY B 270 17.68 4.85 -13.27
N ALA B 271 17.78 5.20 -14.54
CA ALA B 271 17.42 6.53 -15.00
C ALA B 271 16.88 6.49 -16.43
N PHE B 272 16.82 7.64 -17.09
CA PHE B 272 15.97 7.83 -18.26
C PHE B 272 16.70 7.60 -19.57
N LEU B 273 15.94 7.65 -20.65
CA LEU B 273 16.42 7.49 -22.01
C LEU B 273 16.18 8.78 -22.78
N VAL B 274 17.09 9.09 -23.71
CA VAL B 274 17.00 10.29 -24.52
C VAL B 274 17.42 9.94 -25.95
N GLU B 275 16.88 10.71 -26.89
CA GLU B 275 17.27 10.59 -28.30
C GLU B 275 17.88 11.88 -28.83
N LYS B 276 17.56 13.03 -28.25
CA LYS B 276 18.15 14.30 -28.65
C LYS B 276 19.50 14.47 -27.94
N THR B 277 20.39 15.23 -28.60
CA THR B 277 21.77 15.34 -28.16
C THR B 277 21.91 16.05 -26.81
N SER B 278 21.13 17.11 -26.61
CA SER B 278 21.31 18.00 -25.46
C SER B 278 20.13 17.85 -24.51
N THR B 279 20.36 17.21 -23.36
CA THR B 279 19.38 17.20 -22.30
C THR B 279 19.87 18.05 -21.12
N GLU B 280 18.95 18.75 -20.48
CA GLU B 280 19.29 19.72 -19.44
C GLU B 280 19.11 19.13 -18.04
N VAL B 281 20.00 18.21 -17.70
CA VAL B 281 20.02 17.62 -16.36
C VAL B 281 21.01 18.41 -15.51
N GLN B 282 20.88 18.31 -14.19
CA GLN B 282 21.76 19.03 -13.26
C GLN B 282 22.46 18.03 -12.36
N CYS B 283 23.75 18.29 -12.13
CA CYS B 283 24.60 17.37 -11.39
C CYS B 283 24.26 17.35 -9.91
N LYS B 284 24.63 16.26 -9.23
CA LYS B 284 24.41 16.18 -7.76
C LYS B 284 25.73 15.67 -7.15
N GLY B 285 26.87 16.19 -7.63
CA GLY B 285 28.18 15.74 -7.14
C GLY B 285 28.54 14.37 -7.69
N GLY B 286 27.92 13.95 -8.80
CA GLY B 286 28.17 12.61 -9.37
C GLY B 286 28.45 12.65 -10.87
N ASN B 287 29.18 11.66 -11.38
CA ASN B 287 29.50 11.59 -12.83
C ASN B 287 28.24 11.27 -13.64
N VAL B 288 28.17 11.77 -14.88
CA VAL B 288 27.01 11.51 -15.74
C VAL B 288 27.51 10.83 -17.01
N CYS B 289 26.82 9.77 -17.43
CA CYS B 289 27.26 8.95 -18.54
C CYS B 289 26.09 8.56 -19.43
N VAL B 290 26.41 8.20 -20.66
CA VAL B 290 25.42 7.88 -21.68
C VAL B 290 25.78 6.54 -22.31
N GLN B 291 24.75 5.79 -22.72
CA GLN B 291 24.96 4.51 -23.39
C GLN B 291 24.72 4.68 -24.89
N ALA B 292 24.70 3.55 -25.59
CA ALA B 292 24.49 3.57 -27.04
C ALA B 292 23.67 2.34 -27.42
N GLN B 293 22.43 2.57 -27.83
CA GLN B 293 21.51 1.50 -28.22
C GLN B 293 20.79 1.89 -29.50
N ASP B 294 20.50 0.90 -30.33
CA ASP B 294 19.64 1.12 -31.49
C ASP B 294 18.22 1.44 -31.03
N ARG B 295 17.53 2.28 -31.80
CA ARG B 295 16.24 2.78 -31.36
C ARG B 295 15.08 1.89 -31.76
N TYR B 296 15.35 0.72 -32.34
CA TYR B 296 14.29 -0.22 -32.73
C TYR B 296 14.39 -1.53 -31.94
N TYR B 297 15.54 -2.18 -31.98
CA TYR B 297 15.68 -3.51 -31.42
C TYR B 297 16.15 -3.46 -29.97
N ASN B 298 16.00 -4.59 -29.28
CA ASN B 298 16.55 -4.74 -27.93
C ASN B 298 17.93 -5.41 -28.01
N SER B 299 18.82 -4.75 -28.73
CA SER B 299 20.16 -5.29 -28.97
C SER B 299 21.06 -5.00 -27.77
N SER B 300 22.36 -5.23 -27.93
CA SER B 300 23.29 -5.09 -26.82
C SER B 300 23.68 -3.64 -26.60
N CYS B 301 23.72 -3.24 -25.33
CA CYS B 301 24.22 -1.93 -24.96
C CYS B 301 25.74 -1.92 -24.98
N SER B 302 26.31 -0.76 -25.32
CA SER B 302 27.75 -0.60 -25.40
C SER B 302 28.31 -0.27 -24.02
N LYS B 303 29.57 0.13 -23.96
CA LYS B 303 30.21 0.55 -22.72
C LYS B 303 30.31 2.07 -22.71
N TRP B 304 29.98 2.68 -21.58
CA TRP B 304 29.88 4.13 -21.50
C TRP B 304 31.26 4.78 -21.55
N ALA B 305 31.36 5.87 -22.30
CA ALA B 305 32.51 6.76 -22.26
C ALA B 305 31.99 8.16 -21.96
N CYS B 306 32.44 8.73 -20.84
CA CYS B 306 31.74 9.88 -20.29
C CYS B 306 32.70 10.82 -19.56
N VAL B 307 32.14 11.95 -19.12
CA VAL B 307 32.86 13.02 -18.46
C VAL B 307 32.02 13.48 -17.27
N PRO B 308 32.60 13.66 -16.08
CA PRO B 308 31.81 14.05 -14.90
C PRO B 308 31.27 15.47 -15.03
N CYS B 309 29.96 15.62 -14.91
CA CYS B 309 29.25 16.90 -14.90
C CYS B 309 29.52 17.74 -16.16
N LEU C 27 55.60 -47.01 6.55
CA LEU C 27 56.06 -45.68 6.17
C LEU C 27 56.12 -45.53 4.65
N GLY C 28 56.88 -44.54 4.18
CA GLY C 28 56.99 -44.30 2.76
C GLY C 28 55.70 -43.73 2.18
N PRO C 29 55.48 -43.93 0.89
CA PRO C 29 54.20 -43.53 0.30
C PRO C 29 53.06 -44.40 0.82
N ARG C 30 51.87 -43.81 0.89
CA ARG C 30 50.72 -44.48 1.44
C ARG C 30 49.47 -43.75 0.94
N ASN C 31 48.36 -44.50 0.84
CA ASN C 31 47.06 -43.97 0.43
C ASN C 31 47.14 -43.38 -0.98
N LEU C 32 47.52 -44.23 -1.92
CA LEU C 32 47.53 -43.85 -3.32
C LEU C 32 46.10 -43.68 -3.82
N SER C 33 45.87 -42.61 -4.58
CA SER C 33 44.52 -42.34 -5.10
C SER C 33 44.66 -41.50 -6.35
N CYS C 34 44.35 -42.09 -7.50
CA CYS C 34 44.30 -41.36 -8.76
C CYS C 34 42.85 -41.21 -9.18
N TYR C 35 42.53 -40.06 -9.76
CA TYR C 35 41.14 -39.68 -9.96
C TYR C 35 41.06 -38.64 -11.07
N ARG C 36 39.85 -38.21 -11.46
CA ARG C 36 39.70 -37.31 -12.63
C ARG C 36 39.28 -35.89 -12.21
N VAL C 37 40.17 -34.92 -12.33
CA VAL C 37 39.86 -33.53 -11.90
C VAL C 37 38.79 -32.90 -12.79
N SER C 38 38.87 -33.10 -14.10
CA SER C 38 37.91 -32.45 -15.03
C SER C 38 37.83 -33.25 -16.33
N LYS C 39 36.83 -32.99 -17.19
CA LYS C 39 36.82 -33.70 -18.48
C LYS C 39 38.12 -33.33 -19.19
N THR C 40 38.79 -34.29 -19.82
CA THR C 40 40.11 -34.06 -20.47
C THR C 40 41.15 -33.74 -19.38
N ASP C 41 40.92 -34.21 -18.14
CA ASP C 41 41.92 -34.01 -17.06
C ASP C 41 41.92 -35.18 -16.06
N TYR C 42 43.07 -35.51 -15.50
CA TYR C 42 43.18 -36.58 -14.46
C TYR C 42 44.22 -36.12 -13.43
N GLU C 43 44.20 -36.68 -12.21
CA GLU C 43 45.11 -36.22 -11.13
C GLU C 43 45.39 -37.40 -10.19
N CYS C 44 46.51 -37.39 -9.46
CA CYS C 44 46.74 -38.47 -8.52
C CYS C 44 47.51 -37.92 -7.34
N SER C 45 47.34 -38.55 -6.18
CA SER C 45 47.95 -38.06 -4.96
C SER C 45 48.07 -39.17 -3.93
N TRP C 46 48.87 -38.90 -2.91
CA TRP C 46 49.17 -39.84 -1.84
C TRP C 46 49.92 -39.08 -0.75
N GLN C 47 50.14 -39.73 0.39
CA GLN C 47 50.80 -39.10 1.52
C GLN C 47 52.07 -39.86 1.88
N TYR C 48 53.09 -39.13 2.31
CA TYR C 48 54.36 -39.73 2.66
C TYR C 48 54.56 -39.78 4.17
N ASP C 49 55.23 -40.83 4.63
CA ASP C 49 55.64 -40.99 6.02
C ASP C 49 57.14 -41.13 6.06
N GLY C 50 57.82 -40.12 6.61
CA GLY C 50 59.26 -40.12 6.69
C GLY C 50 59.85 -38.73 6.49
N PRO C 51 61.21 -38.55 6.52
CA PRO C 51 61.82 -37.24 6.25
C PRO C 51 61.55 -36.62 4.87
N GLU C 52 61.66 -35.29 4.75
CA GLU C 52 61.44 -34.61 3.45
C GLU C 52 62.80 -34.27 2.84
N ASP C 53 63.88 -34.84 3.39
CA ASP C 53 65.23 -34.45 2.92
C ASP C 53 65.76 -35.49 1.92
N ASN C 54 66.12 -35.05 0.72
CA ASN C 54 66.73 -35.95 -0.30
C ASN C 54 65.86 -37.18 -0.58
N VAL C 55 64.54 -37.01 -0.72
CA VAL C 55 63.64 -38.15 -1.07
C VAL C 55 63.03 -37.92 -2.45
N SER C 56 63.11 -38.89 -3.36
CA SER C 56 62.50 -38.78 -4.71
C SER C 56 61.30 -39.72 -4.81
N HIS C 57 60.27 -39.34 -5.58
CA HIS C 57 59.07 -40.14 -5.68
C HIS C 57 58.74 -40.38 -7.15
N VAL C 58 58.67 -41.65 -7.54
CA VAL C 58 58.45 -42.03 -8.94
C VAL C 58 57.34 -43.08 -9.00
N LEU C 59 56.49 -42.99 -10.02
CA LEU C 59 55.39 -43.92 -10.17
C LEU C 59 55.36 -44.48 -11.58
N TRP C 60 54.63 -45.59 -11.60
CA TRP C 60 54.52 -46.34 -12.86
C TRP C 60 53.06 -46.63 -13.16
N CYS C 61 52.86 -47.14 -14.38
CA CYS C 61 51.53 -47.59 -14.85
C CYS C 61 51.89 -48.65 -15.89
N CYS C 62 51.12 -49.73 -16.03
CA CYS C 62 51.42 -50.70 -17.11
C CYS C 62 50.15 -51.09 -17.87
N PHE C 63 50.30 -51.42 -19.14
CA PHE C 63 49.11 -51.74 -19.96
C PHE C 63 49.18 -53.21 -20.34
N VAL C 64 48.07 -53.92 -20.15
CA VAL C 64 48.00 -55.35 -20.58
C VAL C 64 47.41 -55.33 -22.01
N PRO C 65 48.21 -55.28 -23.11
CA PRO C 65 47.64 -55.16 -24.46
C PRO C 65 46.94 -56.44 -24.92
N GLU C 74 53.03 -56.45 -23.10
CA GLU C 74 52.93 -55.49 -21.96
C GLU C 74 53.76 -54.24 -22.26
N ARG C 75 53.21 -53.06 -21.90
CA ARG C 75 53.92 -51.77 -22.09
C ARG C 75 53.73 -50.93 -20.83
N CYS C 76 54.76 -50.19 -20.40
CA CYS C 76 54.71 -49.41 -19.14
C CYS C 76 55.09 -47.93 -19.32
N ARG C 77 54.51 -47.05 -18.49
CA ARG C 77 54.81 -45.59 -18.49
C ARG C 77 55.15 -45.20 -17.06
N TYR C 78 55.85 -44.09 -16.90
CA TYR C 78 56.25 -43.64 -15.55
C TYR C 78 56.31 -42.12 -15.47
N PHE C 79 56.41 -41.60 -14.26
CA PHE C 79 56.40 -40.17 -13.97
C PHE C 79 57.03 -39.90 -12.62
N SER C 80 57.51 -38.67 -12.44
CA SER C 80 58.10 -38.24 -11.17
C SER C 80 58.06 -36.73 -11.09
N SER C 81 57.91 -36.21 -9.86
CA SER C 81 57.86 -34.77 -9.68
C SER C 81 58.67 -34.30 -8.49
N GLY C 82 59.39 -35.18 -7.80
CA GLY C 82 60.23 -34.80 -6.68
C GLY C 82 59.43 -34.39 -5.46
N PRO C 83 59.80 -33.26 -4.86
CA PRO C 83 59.11 -32.82 -3.64
C PRO C 83 57.64 -32.50 -3.85
N ASP C 84 57.27 -32.02 -5.03
CA ASP C 84 55.88 -31.71 -5.31
C ASP C 84 55.04 -32.99 -5.37
N ARG C 85 53.83 -32.91 -4.82
CA ARG C 85 52.94 -34.06 -4.75
C ARG C 85 51.86 -34.07 -5.83
N THR C 86 51.39 -32.91 -6.29
CA THR C 86 50.32 -32.86 -7.29
C THR C 86 50.85 -33.24 -8.68
N VAL C 87 50.55 -34.47 -9.07
CA VAL C 87 50.90 -34.93 -10.41
C VAL C 87 49.67 -34.81 -11.33
N GLN C 88 49.86 -34.12 -12.44
CA GLN C 88 48.78 -33.82 -13.37
C GLN C 88 49.01 -34.55 -14.68
N PHE C 89 47.98 -35.23 -15.16
CA PHE C 89 48.09 -36.03 -16.36
C PHE C 89 46.70 -36.17 -16.99
N TRP C 90 46.67 -36.16 -18.32
CA TRP C 90 45.40 -36.16 -19.04
C TRP C 90 45.51 -37.01 -20.31
N GLU C 91 44.51 -36.93 -21.19
CA GLU C 91 44.26 -38.04 -22.11
C GLU C 91 45.27 -38.09 -23.27
N GLN C 92 46.05 -37.04 -23.47
CA GLN C 92 47.06 -37.04 -24.53
C GLN C 92 48.50 -37.16 -24.02
N ASP C 93 48.77 -37.90 -22.94
CA ASP C 93 50.13 -38.28 -22.62
C ASP C 93 50.40 -39.77 -22.85
N GLY C 94 49.43 -40.51 -23.37
CA GLY C 94 49.62 -41.93 -23.59
C GLY C 94 49.17 -42.82 -22.46
N ILE C 95 48.46 -42.29 -21.47
CA ILE C 95 47.92 -43.09 -20.39
C ILE C 95 46.78 -43.95 -20.91
N PRO C 96 46.74 -45.24 -20.58
CA PRO C 96 45.56 -46.05 -20.88
C PRO C 96 44.37 -45.64 -20.03
N VAL C 97 43.25 -45.33 -20.68
CA VAL C 97 42.10 -44.73 -20.02
C VAL C 97 40.83 -45.57 -20.17
N LEU C 98 40.73 -46.40 -21.21
CA LEU C 98 39.61 -47.32 -21.37
C LEU C 98 40.01 -48.74 -21.01
N SER C 99 40.85 -48.90 -19.99
CA SER C 99 41.34 -50.21 -19.60
C SER C 99 41.62 -50.20 -18.10
N LYS C 100 41.72 -51.41 -17.54
CA LYS C 100 42.06 -51.56 -16.13
C LYS C 100 43.54 -51.27 -15.97
N VAL C 101 43.87 -49.99 -15.84
CA VAL C 101 45.25 -49.51 -15.75
C VAL C 101 45.73 -49.68 -14.31
N ASN C 102 46.99 -50.12 -14.17
CA ASN C 102 47.58 -50.42 -12.87
C ASN C 102 48.72 -49.46 -12.58
N PHE C 103 48.90 -49.17 -11.29
CA PHE C 103 49.78 -48.14 -10.77
C PHE C 103 50.59 -48.69 -9.59
N TRP C 104 51.88 -48.36 -9.58
CA TRP C 104 52.70 -48.61 -8.37
C TRP C 104 53.65 -47.41 -8.17
N VAL C 105 54.19 -47.21 -6.95
CA VAL C 105 55.04 -46.06 -6.63
C VAL C 105 56.26 -46.52 -5.85
N GLU C 106 57.38 -45.81 -6.08
CA GLU C 106 58.67 -46.13 -5.41
C GLU C 106 59.31 -44.84 -4.89
N SER C 107 59.74 -44.83 -3.62
CA SER C 107 60.40 -43.72 -2.97
C SER C 107 61.88 -44.07 -2.79
N ARG C 108 62.74 -43.16 -3.23
CA ARG C 108 64.18 -43.37 -3.28
C ARG C 108 64.87 -42.30 -2.47
N LEU C 109 65.64 -42.71 -1.46
CA LEU C 109 66.42 -41.80 -0.64
C LEU C 109 67.72 -42.50 -0.26
N GLY C 110 68.83 -41.78 -0.39
CA GLY C 110 70.14 -42.33 -0.09
C GLY C 110 70.48 -43.53 -0.96
N ASN C 111 70.77 -44.66 -0.33
CA ASN C 111 70.99 -45.92 -1.03
C ASN C 111 69.83 -46.87 -0.76
N ARG C 112 68.64 -46.34 -0.52
CA ARG C 112 67.47 -47.16 -0.22
C ARG C 112 66.30 -46.76 -1.10
N THR C 113 65.52 -47.76 -1.50
CA THR C 113 64.26 -47.57 -2.20
C THR C 113 63.20 -48.47 -1.57
N MET C 114 61.99 -47.95 -1.41
CA MET C 114 60.87 -48.75 -0.93
C MET C 114 59.60 -48.43 -1.69
N LYS C 115 58.73 -49.43 -1.83
CA LYS C 115 57.57 -49.35 -2.71
C LYS C 115 56.29 -49.61 -1.93
N SER C 116 55.19 -49.05 -2.42
CA SER C 116 53.89 -49.20 -1.81
C SER C 116 53.06 -50.23 -2.57
N GLN C 117 51.78 -50.36 -2.20
CA GLN C 117 50.92 -51.38 -2.72
C GLN C 117 50.51 -51.09 -4.17
N LYS C 118 50.40 -52.15 -4.96
CA LYS C 118 49.97 -52.10 -6.34
C LYS C 118 48.45 -51.94 -6.43
N ILE C 119 48.01 -51.10 -7.36
CA ILE C 119 46.57 -50.89 -7.57
C ILE C 119 46.27 -51.05 -9.06
N SER C 120 45.00 -51.30 -9.39
CA SER C 120 44.55 -51.44 -10.77
C SER C 120 43.07 -51.10 -10.84
N GLN C 121 42.70 -50.21 -11.75
CA GLN C 121 41.32 -49.72 -11.79
C GLN C 121 41.05 -49.01 -13.12
N TYR C 122 39.80 -48.55 -13.25
CA TYR C 122 39.38 -47.84 -14.48
C TYR C 122 39.45 -46.34 -14.24
N LEU C 123 40.05 -45.62 -15.19
CA LEU C 123 40.26 -44.16 -15.02
C LEU C 123 38.97 -43.33 -14.99
N TYR C 124 37.98 -43.59 -15.84
CA TYR C 124 36.79 -42.69 -15.91
C TYR C 124 36.02 -42.66 -14.60
N ASN C 125 35.86 -43.81 -13.95
CA ASN C 125 35.02 -43.88 -12.72
C ASN C 125 35.76 -43.25 -11.53
N TRP C 126 35.05 -43.02 -10.41
CA TRP C 126 35.69 -42.47 -9.17
C TRP C 126 36.05 -40.99 -9.39
N THR C 127 35.34 -40.29 -10.27
CA THR C 127 35.67 -38.87 -10.62
C THR C 127 35.38 -37.80 -9.56
N LYS C 128 36.32 -36.87 -9.31
CA LYS C 128 36.13 -35.70 -8.46
C LYS C 128 35.22 -34.72 -9.18
N THR C 129 34.15 -34.28 -8.50
CA THR C 129 33.24 -33.32 -9.09
C THR C 129 33.61 -31.90 -8.67
N THR C 130 32.81 -30.94 -9.11
CA THR C 130 33.08 -29.52 -8.89
C THR C 130 32.23 -28.98 -7.75
N PRO C 131 32.82 -28.18 -6.87
CA PRO C 131 32.03 -27.45 -5.86
C PRO C 131 31.16 -26.41 -6.54
N PRO C 132 30.17 -25.84 -5.82
CA PRO C 132 29.34 -24.80 -6.43
C PRO C 132 30.15 -23.56 -6.77
N LEU C 133 30.36 -23.34 -8.06
CA LEU C 133 31.22 -22.28 -8.53
C LEU C 133 30.47 -20.95 -8.53
N GLY C 134 31.16 -19.90 -8.11
CA GLY C 134 30.56 -18.57 -8.05
C GLY C 134 29.85 -18.31 -6.74
N HIS C 135 29.27 -17.12 -6.67
CA HIS C 135 28.57 -16.71 -5.45
C HIS C 135 27.26 -17.47 -5.32
N ILE C 136 27.18 -18.35 -4.34
CA ILE C 136 25.97 -19.11 -4.06
C ILE C 136 24.92 -18.16 -3.48
N LYS C 137 23.68 -18.29 -3.93
CA LYS C 137 22.64 -17.40 -3.46
C LYS C 137 22.05 -17.95 -2.16
N VAL C 138 21.73 -17.05 -1.23
CA VAL C 138 21.21 -17.43 0.07
C VAL C 138 19.99 -16.57 0.39
N SER C 139 18.99 -17.19 1.01
CA SER C 139 17.78 -16.51 1.47
C SER C 139 17.53 -16.87 2.92
N GLN C 140 16.90 -15.94 3.64
CA GLN C 140 16.70 -16.08 5.07
C GLN C 140 15.22 -16.27 5.40
N SER C 141 14.98 -16.93 6.53
CA SER C 141 13.64 -17.12 7.06
C SER C 141 13.80 -17.44 8.54
N HIS C 142 12.66 -17.55 9.24
CA HIS C 142 12.67 -17.71 10.69
C HIS C 142 13.25 -19.07 11.07
N ARG C 143 14.53 -19.07 11.45
CA ARG C 143 15.33 -20.27 11.66
C ARG C 143 15.43 -21.12 10.40
N GLN C 144 15.49 -20.48 9.23
CA GLN C 144 15.83 -21.19 7.99
C GLN C 144 16.82 -20.38 7.19
N LEU C 145 17.79 -21.06 6.60
CA LEU C 145 18.73 -20.47 5.65
C LEU C 145 18.75 -21.38 4.42
N ARG C 146 18.31 -20.84 3.28
CA ARG C 146 18.23 -21.58 2.04
C ARG C 146 19.39 -21.17 1.15
N MET C 147 20.21 -22.14 0.76
CA MET C 147 21.36 -21.89 -0.10
C MET C 147 21.14 -22.60 -1.43
N ASP C 148 20.90 -21.83 -2.49
CA ASP C 148 20.71 -22.39 -3.82
C ASP C 148 21.83 -21.94 -4.75
N TRP C 149 22.21 -22.85 -5.65
CA TRP C 149 23.31 -22.63 -6.58
C TRP C 149 23.04 -23.41 -7.85
N ASN C 150 23.86 -23.18 -8.86
CA ASN C 150 23.79 -23.90 -10.12
C ASN C 150 25.04 -24.76 -10.29
N VAL C 151 24.86 -25.94 -10.88
CA VAL C 151 25.94 -26.89 -11.07
C VAL C 151 26.07 -27.21 -12.56
N SER C 152 27.32 -27.30 -13.02
CA SER C 152 27.56 -27.57 -14.44
C SER C 152 27.10 -28.97 -14.82
N GLU C 153 27.50 -29.98 -14.04
CA GLU C 153 27.05 -31.34 -14.29
C GLU C 153 25.63 -31.49 -13.78
N GLU C 154 24.72 -31.91 -14.68
CA GLU C 154 23.31 -31.96 -14.34
C GLU C 154 22.98 -33.11 -13.39
N ALA C 155 23.86 -34.09 -13.26
CA ALA C 155 23.60 -35.24 -12.40
C ALA C 155 23.60 -34.84 -10.94
N GLY C 156 22.66 -35.41 -10.19
CA GLY C 156 22.60 -35.16 -8.76
C GLY C 156 23.75 -35.80 -8.03
N ALA C 157 24.17 -35.16 -6.94
CA ALA C 157 25.32 -35.60 -6.18
C ALA C 157 25.06 -35.40 -4.70
N GLU C 158 25.76 -36.18 -3.88
CA GLU C 158 25.67 -36.01 -2.43
C GLU C 158 26.24 -34.67 -2.03
N VAL C 159 25.51 -33.96 -1.16
CA VAL C 159 25.83 -32.60 -0.76
C VAL C 159 26.04 -32.58 0.75
N GLN C 160 27.16 -32.02 1.18
CA GLN C 160 27.57 -32.00 2.58
C GLN C 160 28.11 -30.62 2.91
N PHE C 161 28.02 -30.23 4.18
CA PHE C 161 28.49 -28.90 4.57
C PHE C 161 29.13 -28.97 5.95
N ARG C 162 29.92 -27.94 6.25
CA ARG C 162 30.48 -27.78 7.59
C ARG C 162 30.41 -26.32 7.98
N ARG C 163 29.85 -26.05 9.16
CA ARG C 163 29.68 -24.68 9.64
C ARG C 163 30.53 -24.46 10.87
N ARG C 164 30.99 -23.23 11.04
CA ARG C 164 31.89 -22.90 12.14
C ARG C 164 31.40 -21.65 12.87
N MET C 165 31.51 -21.73 14.21
CA MET C 165 31.40 -20.68 15.20
C MET C 165 32.67 -19.85 15.23
N PRO C 166 32.58 -18.56 15.58
CA PRO C 166 33.80 -17.78 15.86
C PRO C 166 34.61 -18.29 17.03
N THR C 167 34.03 -19.09 17.93
CA THR C 167 34.76 -19.58 19.10
C THR C 167 35.15 -21.05 19.01
N THR C 168 34.34 -21.90 18.37
CA THR C 168 34.61 -23.32 18.31
C THR C 168 35.08 -23.72 16.92
N ASN C 169 35.36 -25.01 16.75
CA ASN C 169 35.84 -25.54 15.48
C ASN C 169 34.67 -25.82 14.56
N TRP C 170 34.92 -26.52 13.45
CA TRP C 170 33.87 -26.81 12.49
C TRP C 170 32.96 -27.91 12.99
N THR C 171 31.75 -27.95 12.43
CA THR C 171 30.76 -28.98 12.70
C THR C 171 30.13 -29.41 11.39
N LEU C 172 30.08 -30.72 11.17
CA LEU C 172 29.70 -31.31 9.90
C LEU C 172 28.21 -31.62 9.88
N GLY C 173 27.63 -31.55 8.67
CA GLY C 173 26.22 -31.86 8.49
C GLY C 173 25.88 -32.23 7.05
N ASP C 174 25.13 -33.32 6.89
CA ASP C 174 24.70 -33.73 5.57
C ASP C 174 23.42 -33.01 5.17
N CYS C 175 23.36 -32.59 3.91
CA CYS C 175 22.20 -31.89 3.39
C CYS C 175 21.07 -32.83 2.98
N GLY C 176 21.32 -34.13 2.92
CA GLY C 176 20.31 -35.08 2.53
C GLY C 176 20.11 -35.09 1.03
N PRO C 177 19.21 -35.96 0.55
CA PRO C 177 18.91 -35.96 -0.88
C PRO C 177 18.14 -34.72 -1.30
N GLN C 178 18.33 -34.34 -2.56
CA GLN C 178 17.58 -33.26 -3.17
C GLN C 178 17.12 -33.68 -4.55
N VAL C 179 16.48 -32.76 -5.25
CA VAL C 179 16.01 -32.97 -6.61
C VAL C 179 16.61 -31.90 -7.51
N ASN C 180 16.80 -32.23 -8.78
CA ASN C 180 17.36 -31.29 -9.74
C ASN C 180 16.59 -31.31 -11.05
N MET C 193 19.45 -28.54 -12.86
CA MET C 193 19.42 -27.12 -13.22
C MET C 193 19.85 -26.26 -12.04
N SER C 194 19.70 -26.79 -10.83
CA SER C 194 20.09 -26.10 -9.61
C SER C 194 20.13 -27.11 -8.46
N GLU C 195 20.69 -26.68 -7.34
CA GLU C 195 20.73 -27.49 -6.14
C GLU C 195 20.64 -26.58 -4.92
N SER C 196 19.91 -27.03 -3.91
CA SER C 196 19.61 -26.23 -2.74
C SER C 196 19.99 -27.00 -1.48
N CYS C 197 20.11 -26.25 -0.39
CA CYS C 197 20.48 -26.78 0.91
C CYS C 197 19.81 -25.95 1.99
N LEU C 198 19.59 -26.58 3.14
CA LEU C 198 18.90 -25.95 4.27
C LEU C 198 19.82 -25.93 5.48
N CYS C 199 19.71 -24.85 6.26
CA CYS C 199 20.46 -24.78 7.50
C CYS C 199 19.67 -24.05 8.57
N PRO C 200 19.73 -24.49 9.83
CA PRO C 200 19.15 -23.68 10.90
C PRO C 200 19.92 -22.39 11.10
N SER C 201 19.21 -21.30 11.29
CA SER C 201 19.82 -19.98 11.38
C SER C 201 20.22 -19.70 12.83
N GLU C 202 21.53 -19.65 13.07
CA GLU C 202 22.02 -19.30 14.40
C GLU C 202 21.99 -17.79 14.59
N ASN C 203 21.86 -17.37 15.86
CA ASN C 203 21.56 -15.98 16.16
C ASN C 203 22.71 -15.02 15.80
N MET C 204 23.96 -15.39 16.10
CA MET C 204 25.07 -14.54 15.70
C MET C 204 25.56 -14.94 14.31
N ALA C 205 26.58 -14.22 13.84
CA ALA C 205 27.20 -14.54 12.56
C ALA C 205 27.93 -15.88 12.63
N GLN C 206 27.85 -16.62 11.54
CA GLN C 206 28.51 -17.92 11.43
C GLN C 206 29.20 -17.98 10.08
N GLU C 207 29.99 -19.03 9.85
CA GLU C 207 30.47 -19.29 8.51
C GLU C 207 30.20 -20.74 8.15
N ILE C 208 30.21 -21.06 6.86
CA ILE C 208 29.93 -22.41 6.40
C ILE C 208 30.58 -22.63 5.04
N GLN C 209 31.03 -23.87 4.82
CA GLN C 209 31.56 -24.33 3.56
C GLN C 209 30.72 -25.49 3.06
N ILE C 210 30.60 -25.58 1.72
CA ILE C 210 29.78 -26.58 1.06
C ILE C 210 30.69 -27.44 0.19
N ARG C 211 30.32 -28.71 0.04
CA ARG C 211 31.08 -29.65 -0.78
C ARG C 211 30.15 -30.76 -1.23
N ARG C 212 30.60 -31.51 -2.22
CA ARG C 212 29.80 -32.56 -2.83
C ARG C 212 30.64 -33.81 -3.05
N ARG C 213 29.96 -34.85 -3.53
CA ARG C 213 30.62 -36.01 -4.14
C ARG C 213 29.63 -36.67 -5.08
N ARG C 214 30.13 -37.10 -6.25
CA ARG C 214 29.26 -37.71 -7.29
C ARG C 214 29.00 -39.16 -6.92
N ARG C 215 27.72 -39.48 -6.65
CA ARG C 215 27.33 -40.83 -6.31
C ARG C 215 27.07 -41.65 -7.57
N LEU C 216 27.04 -42.97 -7.43
CA LEU C 216 26.61 -43.83 -8.52
C LEU C 216 25.09 -43.81 -8.65
N SER C 217 24.62 -44.23 -9.82
CA SER C 217 23.17 -44.33 -10.03
C SER C 217 22.56 -45.45 -9.21
N SER C 218 23.38 -46.39 -8.73
CA SER C 218 22.92 -47.50 -7.91
C SER C 218 22.81 -47.15 -6.43
N GLY C 219 22.76 -45.86 -6.09
CA GLY C 219 22.69 -45.43 -4.71
C GLY C 219 23.95 -45.75 -3.93
N ALA C 220 25.10 -45.61 -4.57
CA ALA C 220 26.38 -45.89 -3.96
C ALA C 220 27.33 -44.74 -4.24
N PRO C 221 28.28 -44.48 -3.33
CA PRO C 221 29.29 -43.44 -3.60
C PRO C 221 30.22 -43.85 -4.72
N GLY C 222 30.53 -42.90 -5.60
CA GLY C 222 31.46 -43.16 -6.68
C GLY C 222 32.83 -42.59 -6.40
N GLY C 223 33.13 -41.44 -7.00
CA GLY C 223 34.35 -40.73 -6.69
C GLY C 223 34.31 -40.16 -5.30
N PRO C 224 35.45 -39.80 -4.75
CA PRO C 224 35.51 -39.30 -3.37
C PRO C 224 34.96 -37.88 -3.28
N TRP C 225 35.07 -37.32 -2.07
CA TRP C 225 34.46 -36.03 -1.77
C TRP C 225 35.12 -34.92 -2.57
N SER C 226 34.32 -34.11 -3.25
CA SER C 226 34.83 -32.87 -3.79
C SER C 226 35.19 -31.93 -2.64
N ASP C 227 36.21 -31.10 -2.87
CA ASP C 227 36.70 -30.21 -1.84
C ASP C 227 35.68 -29.12 -1.54
N TRP C 228 35.82 -28.51 -0.37
CA TRP C 228 34.95 -27.42 0.03
C TRP C 228 35.20 -26.20 -0.84
N SER C 229 34.13 -25.48 -1.14
CA SER C 229 34.23 -24.23 -1.88
C SER C 229 34.71 -23.12 -0.95
N MET C 230 34.70 -21.89 -1.46
CA MET C 230 35.06 -20.76 -0.64
C MET C 230 34.04 -20.58 0.49
N PRO C 231 34.48 -20.22 1.68
CA PRO C 231 33.56 -20.13 2.82
C PRO C 231 32.64 -18.93 2.68
N VAL C 232 31.39 -19.11 3.08
CA VAL C 232 30.39 -18.03 3.03
C VAL C 232 29.95 -17.73 4.46
N CYS C 233 29.81 -16.44 4.77
CA CYS C 233 29.46 -15.98 6.10
C CYS C 233 27.99 -15.58 6.15
N VAL C 234 27.32 -15.99 7.21
CA VAL C 234 25.94 -15.54 7.46
C VAL C 234 25.96 -14.52 8.59
N PRO C 235 25.48 -13.30 8.34
CA PRO C 235 25.40 -12.30 9.40
C PRO C 235 24.26 -12.62 10.35
N PRO C 236 24.24 -12.01 11.53
CA PRO C 236 23.10 -12.20 12.43
C PRO C 236 21.80 -11.74 11.80
N GLU C 237 20.74 -12.52 12.04
CA GLU C 237 19.43 -12.16 11.50
C GLU C 237 18.84 -10.97 12.24
N VAL C 238 19.24 -10.77 13.48
CA VAL C 238 18.87 -9.59 14.27
C VAL C 238 20.14 -8.93 14.76
N LEU C 239 20.21 -7.60 14.64
CA LEU C 239 21.38 -6.85 15.06
C LEU C 239 21.11 -6.20 16.41
N PRO C 240 21.87 -6.53 17.45
CA PRO C 240 21.69 -5.84 18.74
C PRO C 240 22.18 -4.40 18.66
N GLN C 241 21.25 -3.45 18.62
CA GLN C 241 21.60 -2.05 18.45
C GLN C 241 21.77 -1.36 19.80
N ALA C 242 22.80 -0.54 19.89
CA ALA C 242 23.07 0.26 21.07
C ALA C 242 22.56 1.69 20.88
N LYS C 243 22.79 2.52 21.89
CA LYS C 243 22.32 3.90 21.87
C LYS C 243 23.31 4.76 21.11
N ILE C 244 22.87 5.33 19.99
CA ILE C 244 23.61 6.39 19.33
C ILE C 244 23.19 7.70 19.98
N LYS C 245 24.08 8.68 20.03
CA LYS C 245 23.86 9.92 20.74
C LYS C 245 23.51 11.05 19.78
N PHE C 246 22.52 11.87 20.17
CA PHE C 246 22.06 13.00 19.38
C PHE C 246 22.26 14.28 20.18
N LEU C 247 22.16 15.41 19.48
CA LEU C 247 22.38 16.73 20.08
C LEU C 247 21.05 17.47 20.17
N VAL C 248 20.83 18.14 21.29
CA VAL C 248 19.64 18.95 21.50
C VAL C 248 20.06 20.41 21.69
N GLU C 249 19.26 21.33 21.17
CA GLU C 249 19.55 22.75 21.28
C GLU C 249 18.27 23.56 21.09
N PRO C 250 18.19 24.77 21.65
CA PRO C 250 17.08 25.66 21.31
C PRO C 250 17.19 26.16 19.89
N LEU C 251 16.05 26.41 19.27
CA LEU C 251 16.04 26.92 17.91
C LEU C 251 16.29 28.42 17.90
N ASN C 252 16.67 28.94 16.73
CA ASN C 252 17.05 30.34 16.57
C ASN C 252 15.79 31.19 16.41
N GLN C 253 16.00 32.47 16.10
CA GLN C 253 14.87 33.37 15.85
C GLN C 253 14.11 32.97 14.60
N GLY C 254 14.82 32.46 13.60
CA GLY C 254 14.16 31.97 12.39
C GLY C 254 13.44 30.66 12.57
N GLY C 255 13.60 30.01 13.72
CA GLY C 255 12.96 28.73 13.97
C GLY C 255 13.63 27.63 13.19
N ARG C 256 14.90 27.39 13.46
CA ARG C 256 15.70 26.44 12.69
C ARG C 256 16.60 25.65 13.62
N ARG C 257 16.85 24.40 13.27
CA ARG C 257 17.61 23.45 14.06
C ARG C 257 18.61 22.72 13.18
N ARG C 258 19.76 22.38 13.76
CA ARG C 258 20.84 21.70 13.03
C ARG C 258 21.08 20.33 13.66
N LEU C 259 21.12 19.29 12.83
CA LEU C 259 21.34 17.93 13.29
C LEU C 259 22.62 17.39 12.68
N THR C 260 23.51 16.90 13.54
CA THR C 260 24.73 16.23 13.10
C THR C 260 24.80 14.89 13.82
N MET C 261 24.43 13.82 13.13
CA MET C 261 24.40 12.51 13.74
C MET C 261 25.82 12.01 14.01
N GLN C 262 26.03 11.48 15.20
CA GLN C 262 27.35 11.02 15.59
C GLN C 262 27.66 9.69 14.90
N GLY C 263 28.91 9.59 14.43
CA GLY C 263 29.34 8.43 13.68
C GLY C 263 29.82 7.28 14.54
N GLN C 264 29.07 6.20 14.58
CA GLN C 264 29.44 5.02 15.36
C GLN C 264 28.87 3.78 14.67
N SER C 265 29.65 2.70 14.74
CA SER C 265 29.22 1.43 14.14
C SER C 265 29.54 0.31 15.13
N PRO C 266 28.67 -0.67 15.27
CA PRO C 266 28.93 -1.79 16.18
C PRO C 266 29.99 -2.72 15.59
N GLN C 267 30.51 -3.60 16.45
CA GLN C 267 31.55 -4.54 16.09
C GLN C 267 31.02 -5.95 16.21
N LEU C 268 31.24 -6.76 15.18
CA LEU C 268 30.74 -8.13 15.10
C LEU C 268 31.90 -9.10 15.22
N ALA C 269 31.74 -10.11 16.06
CA ALA C 269 32.78 -11.12 16.27
C ALA C 269 32.73 -12.13 15.13
N VAL C 270 33.71 -12.09 14.25
CA VAL C 270 33.77 -12.99 13.10
C VAL C 270 35.16 -13.61 13.04
N PRO C 271 35.26 -14.84 12.50
CA PRO C 271 36.56 -15.53 12.50
C PRO C 271 37.57 -14.94 11.53
N GLU C 272 38.72 -15.61 11.42
CA GLU C 272 39.81 -15.14 10.58
C GLU C 272 39.45 -15.14 9.10
N GLY C 273 38.63 -16.09 8.67
CA GLY C 273 38.28 -16.21 7.26
C GLY C 273 37.09 -15.40 6.83
N CYS C 274 36.42 -14.71 7.74
CA CYS C 274 35.20 -13.98 7.43
C CYS C 274 35.58 -12.56 7.02
N ARG C 275 35.93 -12.39 5.75
CA ARG C 275 36.34 -11.10 5.22
C ARG C 275 35.88 -10.96 3.78
N GLY C 276 35.80 -9.72 3.31
CA GLY C 276 35.39 -9.42 1.96
C GLY C 276 33.90 -9.56 1.70
N ARG C 277 33.11 -9.79 2.72
CA ARG C 277 31.68 -10.03 2.63
C ARG C 277 30.98 -9.29 3.75
N PRO C 278 29.71 -8.87 3.54
CA PRO C 278 28.95 -8.27 4.65
C PRO C 278 28.62 -9.22 5.79
N GLY C 279 29.10 -10.46 5.74
CA GLY C 279 28.99 -11.34 6.89
C GLY C 279 29.90 -10.93 8.03
N ALA C 280 30.96 -10.18 7.73
CA ALA C 280 31.86 -9.71 8.78
C ALA C 280 31.26 -8.54 9.54
N GLN C 281 30.96 -7.45 8.84
CA GLN C 281 30.29 -6.29 9.42
C GLN C 281 29.20 -5.84 8.48
N VAL C 282 28.38 -4.90 8.95
CA VAL C 282 27.29 -4.38 8.13
C VAL C 282 27.88 -3.62 6.93
N LYS C 283 27.18 -3.70 5.80
CA LYS C 283 27.64 -3.04 4.59
C LYS C 283 27.61 -1.52 4.75
N LYS C 284 26.48 -0.97 5.20
CA LYS C 284 26.35 0.46 5.35
C LYS C 284 25.24 0.78 6.34
N HIS C 285 25.46 1.81 7.14
CA HIS C 285 24.43 2.38 8.01
C HIS C 285 23.74 3.51 7.28
N LEU C 286 22.53 3.84 7.74
CA LEU C 286 21.70 4.81 7.04
C LEU C 286 20.69 5.38 8.02
N VAL C 287 20.15 6.54 7.67
CA VAL C 287 19.08 7.13 8.46
C VAL C 287 17.97 7.59 7.52
N LEU C 288 16.76 7.64 8.06
CA LEU C 288 15.60 8.11 7.33
C LEU C 288 14.89 9.15 8.19
N VAL C 289 14.62 10.31 7.60
CA VAL C 289 13.87 11.37 8.28
C VAL C 289 12.50 11.47 7.64
N ARG C 290 11.47 11.59 8.48
CA ARG C 290 10.11 11.76 8.02
C ARG C 290 9.53 13.01 8.64
N MET C 291 9.10 13.95 7.79
CA MET C 291 8.53 15.22 8.19
C MET C 291 7.01 15.08 8.07
N LEU C 292 6.36 14.74 9.18
CA LEU C 292 4.92 14.51 9.24
C LEU C 292 4.15 15.75 9.72
N SER C 293 4.39 16.89 9.09
CA SER C 293 3.66 18.10 9.49
C SER C 293 2.96 18.78 8.33
N CYS C 294 3.57 18.80 7.15
CA CYS C 294 2.97 19.37 5.94
C CYS C 294 2.84 18.24 4.93
N ARG C 295 1.71 17.53 5.00
CA ARG C 295 1.44 16.40 4.12
C ARG C 295 0.49 16.76 2.98
N CYS C 296 0.37 18.05 2.64
CA CYS C 296 -0.42 18.43 1.48
C CYS C 296 0.15 17.83 0.20
N GLN C 297 1.47 17.90 0.05
CA GLN C 297 2.17 17.40 -1.13
C GLN C 297 2.35 15.89 -0.99
N ALA C 298 3.11 15.29 -1.92
CA ALA C 298 3.40 13.88 -1.86
C ALA C 298 4.26 13.57 -0.63
N GLN C 299 4.24 12.30 -0.21
CA GLN C 299 5.00 11.89 0.96
C GLN C 299 6.49 12.08 0.72
N THR C 300 7.16 12.71 1.68
CA THR C 300 8.54 13.14 1.50
C THR C 300 9.35 12.63 2.70
N SER C 301 9.82 11.39 2.62
CA SER C 301 10.74 10.83 3.58
C SER C 301 12.11 10.70 2.93
N LYS C 302 13.14 11.15 3.62
CA LYS C 302 14.46 11.36 3.04
C LYS C 302 15.44 10.36 3.62
N THR C 303 16.14 9.65 2.74
CA THR C 303 17.21 8.75 3.12
C THR C 303 18.55 9.50 3.08
N VAL C 304 19.34 9.33 4.14
CA VAL C 304 20.59 10.07 4.31
C VAL C 304 21.67 9.10 4.80
N PRO C 305 22.89 9.15 4.25
CA PRO C 305 24.00 8.42 4.88
C PRO C 305 24.25 8.91 6.29
N LEU C 306 24.56 7.97 7.19
CA LEU C 306 24.70 8.29 8.60
C LEU C 306 25.93 9.16 8.83
N GLY C 307 25.75 10.21 9.63
CA GLY C 307 26.85 11.07 10.03
C GLY C 307 27.15 12.23 9.08
N LYS C 308 26.17 13.09 8.84
CA LYS C 308 26.40 14.29 8.06
C LYS C 308 25.42 15.36 8.50
N LYS C 309 25.70 16.60 8.08
CA LYS C 309 24.92 17.75 8.52
C LYS C 309 23.56 17.77 7.84
N LEU C 310 22.51 17.95 8.66
CA LEU C 310 21.14 18.08 8.18
C LEU C 310 20.52 19.30 8.85
N ASN C 311 19.56 19.92 8.16
CA ASN C 311 18.91 21.12 8.65
C ASN C 311 17.42 20.83 8.84
N LEU C 312 16.98 20.83 10.10
CA LEU C 312 15.61 20.48 10.46
C LEU C 312 14.90 21.70 11.00
N SER C 313 13.57 21.63 11.07
CA SER C 313 12.76 22.72 11.56
C SER C 313 12.16 22.36 12.92
N GLY C 314 11.33 23.27 13.45
CA GLY C 314 10.67 23.04 14.73
C GLY C 314 9.34 22.34 14.60
N ALA C 315 9.36 21.14 14.04
CA ALA C 315 8.16 20.34 13.86
C ALA C 315 8.40 18.94 14.40
N THR C 316 7.36 18.11 14.31
CA THR C 316 7.50 16.71 14.69
C THR C 316 8.19 15.94 13.56
N TYR C 317 9.02 14.97 13.95
CA TYR C 317 9.83 14.23 12.99
C TYR C 317 9.96 12.78 13.42
N ASP C 318 10.22 11.92 12.43
CA ASP C 318 10.55 10.52 12.68
C ASP C 318 11.97 10.26 12.20
N LEU C 319 12.81 9.75 13.11
CA LEU C 319 14.19 9.41 12.82
C LEU C 319 14.33 7.90 12.87
N ASN C 320 14.88 7.32 11.80
CA ASN C 320 14.94 5.87 11.63
C ASN C 320 16.36 5.48 11.28
N VAL C 321 17.09 4.93 12.24
CA VAL C 321 18.47 4.51 12.03
C VAL C 321 18.48 3.03 11.64
N LEU C 322 18.87 2.74 10.41
CA LEU C 322 18.77 1.39 9.88
C LEU C 322 20.13 0.93 9.35
N ALA C 323 20.25 -0.40 9.22
CA ALA C 323 21.48 -1.04 8.78
C ALA C 323 21.12 -2.04 7.69
N LYS C 324 21.68 -1.86 6.50
CA LYS C 324 21.39 -2.73 5.35
C LYS C 324 22.40 -3.86 5.33
N THR C 325 21.94 -5.08 5.63
CA THR C 325 22.77 -6.27 5.52
C THR C 325 22.57 -6.87 4.14
N ARG C 326 23.09 -8.08 3.93
CA ARG C 326 22.87 -8.78 2.67
C ARG C 326 21.41 -9.18 2.46
N PHE C 327 20.65 -9.35 3.54
CA PHE C 327 19.21 -9.56 3.45
C PHE C 327 18.44 -8.27 3.29
N GLY C 328 18.95 -7.17 3.81
CA GLY C 328 18.29 -5.89 3.72
C GLY C 328 18.19 -5.24 5.09
N ARG C 329 16.98 -4.79 5.41
CA ARG C 329 16.74 -4.09 6.66
C ARG C 329 16.67 -5.09 7.81
N SER C 330 17.69 -5.07 8.67
CA SER C 330 17.73 -6.01 9.79
C SER C 330 16.94 -5.50 10.99
N THR C 331 17.39 -4.40 11.58
CA THR C 331 16.75 -3.81 12.76
C THR C 331 16.66 -2.30 12.54
N ILE C 332 15.99 -1.63 13.46
CA ILE C 332 15.75 -0.19 13.36
C ILE C 332 15.92 0.44 14.74
N GLN C 333 16.51 1.63 14.76
CA GLN C 333 16.49 2.49 15.94
C GLN C 333 15.49 3.61 15.67
N LYS C 334 14.48 3.71 16.53
CA LYS C 334 13.38 4.64 16.34
C LYS C 334 13.55 5.84 17.26
N TRP C 335 13.37 7.03 16.71
CA TRP C 335 13.40 8.25 17.51
C TRP C 335 12.29 9.18 17.05
N HIS C 336 11.66 9.86 18.00
CA HIS C 336 10.58 10.79 17.73
C HIS C 336 11.02 12.20 18.12
N LEU C 337 10.71 13.17 17.26
CA LEU C 337 11.00 14.57 17.55
C LEU C 337 9.70 15.33 17.76
N PRO C 338 9.35 15.70 18.98
CA PRO C 338 8.13 16.48 19.20
C PRO C 338 8.26 17.87 18.61
N ALA C 339 7.12 18.39 18.16
CA ALA C 339 7.06 19.72 17.57
C ALA C 339 7.14 20.78 18.65
N GLN C 340 7.64 21.95 18.23
CA GLN C 340 7.79 23.07 19.18
C GLN C 340 7.37 24.37 18.48
N GLU C 341 7.23 25.43 19.24
CA GLU C 341 6.87 26.73 18.70
C GLU C 341 7.74 27.81 19.32
N LEU C 342 8.21 28.72 18.48
CA LEU C 342 9.03 29.83 18.93
C LEU C 342 8.23 30.78 19.81
N THR C 343 8.91 31.37 20.79
CA THR C 343 8.25 32.30 21.70
C THR C 343 7.87 33.60 20.99
N GLU C 344 8.55 33.93 19.91
CA GLU C 344 8.25 35.16 19.16
C GLU C 344 6.95 34.96 18.40
N THR C 345 5.90 35.64 18.84
CA THR C 345 4.61 35.55 18.16
C THR C 345 4.49 36.66 17.13
N ARG C 346 4.28 36.28 15.87
CA ARG C 346 4.13 37.21 14.77
C ARG C 346 2.67 37.30 14.35
N ALA C 347 2.31 38.42 13.72
CA ALA C 347 0.92 38.77 13.50
C ALA C 347 0.25 37.84 12.48
N LEU C 348 -1.01 37.51 12.74
CA LEU C 348 -1.85 36.77 11.82
C LEU C 348 -3.23 37.42 11.79
N ASN C 349 -3.85 37.45 10.61
CA ASN C 349 -5.18 38.02 10.43
C ASN C 349 -6.12 36.95 9.90
N VAL C 350 -7.37 36.98 10.34
CA VAL C 350 -8.36 35.98 9.97
C VAL C 350 -9.62 36.68 9.46
N SER C 351 -10.40 35.93 8.68
CA SER C 351 -11.73 36.37 8.26
C SER C 351 -12.53 35.12 7.93
N VAL C 352 -13.39 34.71 8.86
CA VAL C 352 -14.21 33.51 8.70
C VAL C 352 -15.68 33.92 8.67
N GLY C 353 -16.50 33.06 8.07
CA GLY C 353 -17.91 33.33 7.92
C GLY C 353 -18.38 33.23 6.48
N GLY C 354 -19.65 32.92 6.28
CA GLY C 354 -20.15 32.73 4.94
C GLY C 354 -19.63 31.44 4.34
N ASN C 355 -19.37 31.48 3.03
CA ASN C 355 -18.81 30.34 2.31
C ASN C 355 -17.31 30.48 2.07
N MET C 356 -16.76 31.69 2.22
CA MET C 356 -15.35 31.94 1.99
C MET C 356 -14.67 32.24 3.31
N THR C 357 -13.67 31.44 3.67
CA THR C 357 -12.82 31.71 4.81
C THR C 357 -11.43 32.05 4.30
N SER C 358 -10.91 33.20 4.71
CA SER C 358 -9.63 33.68 4.21
C SER C 358 -8.80 34.22 5.37
N MET C 359 -7.53 33.81 5.39
CA MET C 359 -6.60 34.28 6.42
C MET C 359 -5.43 34.96 5.74
N GLN C 360 -5.00 36.09 6.31
CA GLN C 360 -4.07 37.03 5.68
C GLN C 360 -2.89 37.29 6.59
N TRP C 361 -1.72 37.49 5.98
CA TRP C 361 -0.53 37.94 6.69
C TRP C 361 0.37 38.65 5.68
N ALA C 362 1.59 38.98 6.11
CA ALA C 362 2.58 39.62 5.25
C ALA C 362 3.82 38.73 5.24
N ALA C 363 3.98 37.95 4.18
CA ALA C 363 5.09 37.02 4.08
C ALA C 363 6.40 37.75 3.81
N GLN C 364 7.51 37.04 4.04
CA GLN C 364 8.83 37.62 3.83
C GLN C 364 9.10 37.84 2.34
N ALA C 365 8.65 36.92 1.48
CA ALA C 365 8.91 37.02 0.05
C ALA C 365 7.90 36.18 -0.73
N PRO C 366 7.21 36.78 -1.70
CA PRO C 366 6.29 36.01 -2.55
C PRO C 366 7.05 35.26 -3.64
N GLY C 367 6.30 34.62 -4.53
CA GLY C 367 6.86 33.89 -5.63
C GLY C 367 7.20 32.44 -5.34
N THR C 368 7.09 32.02 -4.08
CA THR C 368 7.36 30.64 -3.69
C THR C 368 6.12 30.04 -3.05
N THR C 369 5.91 28.75 -3.30
CA THR C 369 4.72 28.07 -2.81
C THR C 369 4.81 27.87 -1.30
N TYR C 370 3.68 28.03 -0.62
CA TYR C 370 3.58 27.83 0.81
C TYR C 370 2.57 26.72 1.09
N CYS C 371 2.62 26.16 2.29
CA CYS C 371 1.58 25.22 2.72
C CYS C 371 1.07 25.62 4.09
N LEU C 372 -0.25 25.59 4.25
CA LEU C 372 -0.93 26.03 5.46
C LEU C 372 -1.74 24.88 6.03
N GLU C 373 -1.63 24.67 7.34
CA GLU C 373 -2.30 23.59 8.03
C GLU C 373 -3.23 24.15 9.09
N TRP C 374 -4.46 23.64 9.14
CA TRP C 374 -5.44 24.02 10.17
C TRP C 374 -5.83 22.74 10.91
N GLN C 375 -5.13 22.46 12.00
CA GLN C 375 -5.31 21.19 12.72
C GLN C 375 -5.94 21.41 14.08
N PRO C 376 -7.10 20.81 14.36
CA PRO C 376 -7.70 20.94 15.69
C PRO C 376 -6.82 20.29 16.76
N TRP C 377 -6.39 21.11 17.73
CA TRP C 377 -5.45 20.62 18.72
C TRP C 377 -6.10 19.67 19.72
N PHE C 378 -7.29 20.01 20.23
CA PHE C 378 -7.90 19.18 21.26
C PHE C 378 -8.37 17.84 20.70
N GLN C 379 -8.88 17.83 19.49
CA GLN C 379 -9.49 16.65 18.91
C GLN C 379 -8.42 15.60 18.61
N HIS C 380 -8.86 14.39 18.29
CA HIS C 380 -7.98 13.28 17.94
C HIS C 380 -7.41 13.42 16.53
N ARG C 381 -7.61 14.56 15.88
CA ARG C 381 -7.13 14.84 14.52
C ARG C 381 -7.67 13.81 13.53
N ASN C 382 -8.98 13.51 13.65
CA ASN C 382 -9.63 12.67 12.66
C ASN C 382 -9.64 13.34 11.29
N HIS C 383 -9.87 14.65 11.26
CA HIS C 383 -9.82 15.43 10.04
C HIS C 383 -8.53 16.21 9.97
N THR C 384 -7.75 15.97 8.92
CA THR C 384 -6.54 16.74 8.64
C THR C 384 -6.82 17.69 7.50
N HIS C 385 -6.61 18.99 7.75
CA HIS C 385 -6.96 20.03 6.79
C HIS C 385 -5.71 20.83 6.48
N CYS C 386 -5.31 20.86 5.21
CA CYS C 386 -4.22 21.74 4.82
C CYS C 386 -4.43 22.12 3.35
N THR C 387 -3.78 23.19 2.94
CA THR C 387 -3.75 23.60 1.53
C THR C 387 -2.32 23.93 1.13
N LEU C 388 -2.07 23.86 -0.17
CA LEU C 388 -0.80 24.25 -0.77
C LEU C 388 -1.10 25.34 -1.79
N ILE C 389 -0.48 26.51 -1.61
CA ILE C 389 -0.75 27.65 -2.47
C ILE C 389 0.53 28.16 -3.11
N VAL C 400 -0.35 38.96 2.03
CA VAL C 400 -0.37 37.57 1.61
C VAL C 400 -1.52 36.85 2.30
N THR C 401 -2.48 36.39 1.52
CA THR C 401 -3.68 35.75 2.06
C THR C 401 -3.96 34.46 1.32
N HIS C 402 -4.71 33.59 1.97
CA HIS C 402 -5.23 32.36 1.38
C HIS C 402 -6.72 32.25 1.69
N SER C 403 -7.50 31.88 0.68
CA SER C 403 -8.94 31.77 0.79
C SER C 403 -9.39 30.38 0.36
N TRP C 404 -10.39 29.84 1.05
CA TRP C 404 -10.92 28.52 0.74
C TRP C 404 -12.38 28.47 1.13
N SER C 405 -13.04 27.38 0.73
CA SER C 405 -14.46 27.21 1.03
C SER C 405 -14.67 26.87 2.50
N SER C 406 -15.76 27.38 3.06
CA SER C 406 -16.10 27.10 4.44
C SER C 406 -16.60 25.66 4.60
N LYS C 407 -16.05 24.96 5.58
CA LYS C 407 -16.41 23.60 5.90
C LYS C 407 -16.49 23.44 7.40
N PRO C 408 -17.33 22.53 7.90
CA PRO C 408 -17.50 22.41 9.36
C PRO C 408 -16.35 21.70 10.06
N THR C 409 -15.13 22.21 9.90
CA THR C 409 -13.98 21.64 10.58
C THR C 409 -13.20 22.72 11.31
N LEU C 410 -13.37 23.98 10.89
CA LEU C 410 -12.64 25.11 11.46
C LEU C 410 -13.56 26.17 12.04
N GLU C 411 -14.87 25.92 12.16
CA GLU C 411 -15.74 27.04 12.62
C GLU C 411 -16.16 26.82 14.07
N GLN C 412 -15.81 25.68 14.65
CA GLN C 412 -16.26 25.34 16.02
C GLN C 412 -15.38 26.03 17.07
N GLU C 413 -15.71 25.83 18.35
CA GLU C 413 -14.95 26.47 19.44
C GLU C 413 -13.89 25.49 19.97
N GLU C 414 -12.60 25.77 19.74
CA GLU C 414 -11.48 24.88 20.19
C GLU C 414 -10.15 25.48 19.69
N CYS C 415 -9.01 24.82 19.94
CA CYS C 415 -7.75 25.31 19.44
C CYS C 415 -7.50 24.79 18.03
N TYR C 416 -7.19 25.71 17.12
CA TYR C 416 -6.71 25.38 15.79
C TYR C 416 -5.24 25.77 15.70
N ARG C 417 -4.40 24.80 15.34
CA ARG C 417 -3.01 25.07 15.01
C ARG C 417 -2.94 25.47 13.55
N ILE C 418 -2.53 26.71 13.31
CA ILE C 418 -2.29 27.21 11.95
C ILE C 418 -0.79 27.15 11.71
N THR C 419 -0.39 26.30 10.77
CA THR C 419 1.01 26.05 10.48
C THR C 419 1.34 26.59 9.09
N VAL C 420 2.32 27.46 9.02
CA VAL C 420 2.78 28.06 7.76
C VAL C 420 4.18 27.55 7.47
N PHE C 421 4.32 26.81 6.37
CA PHE C 421 5.63 26.36 5.91
C PHE C 421 5.93 26.96 4.54
N ALA C 422 7.12 27.53 4.41
CA ALA C 422 7.64 28.01 3.14
C ALA C 422 8.47 26.90 2.51
N SER C 423 8.33 26.72 1.20
CA SER C 423 9.03 25.67 0.48
C SER C 423 9.22 26.06 -0.98
N LYS C 424 10.20 25.42 -1.61
CA LYS C 424 10.43 25.57 -3.04
C LYS C 424 10.64 24.26 -3.77
N ASN C 425 11.10 23.20 -3.09
CA ASN C 425 11.32 21.90 -3.69
C ASN C 425 10.95 20.81 -2.68
N PRO C 426 9.77 20.17 -2.82
CA PRO C 426 9.32 19.14 -1.88
C PRO C 426 10.11 17.84 -1.96
N LYS C 427 11.44 17.93 -1.78
CA LYS C 427 12.29 16.75 -1.84
C LYS C 427 13.29 16.71 -0.69
N ASN C 428 13.56 17.84 -0.03
CA ASN C 428 14.58 17.93 1.00
C ASN C 428 13.97 18.59 2.22
N PRO C 429 14.34 18.16 3.43
CA PRO C 429 13.79 18.78 4.64
C PRO C 429 14.52 20.04 5.09
N MET C 430 15.49 20.53 4.32
CA MET C 430 16.23 21.71 4.72
C MET C 430 15.39 22.97 4.54
N LEU C 431 14.64 23.06 3.45
CA LEU C 431 14.02 24.30 3.03
C LEU C 431 12.57 24.44 3.49
N TRP C 432 12.12 23.63 4.46
CA TRP C 432 10.85 23.85 5.14
C TRP C 432 11.14 24.68 6.39
N ALA C 433 10.49 25.83 6.49
CA ALA C 433 10.72 26.77 7.57
C ALA C 433 9.45 26.91 8.41
N THR C 434 9.59 26.79 9.72
CA THR C 434 8.47 27.00 10.64
C THR C 434 8.22 28.50 10.75
N VAL C 435 7.36 29.02 9.87
CA VAL C 435 7.04 30.44 9.92
C VAL C 435 6.24 30.76 11.17
N LEU C 436 5.11 30.08 11.36
CA LEU C 436 4.30 30.21 12.56
C LEU C 436 3.30 29.07 12.62
N SER C 437 3.17 28.48 13.81
CA SER C 437 2.08 27.56 14.12
C SER C 437 1.36 28.13 15.34
N SER C 438 0.27 28.85 15.09
CA SER C 438 -0.42 29.64 16.08
C SER C 438 -1.72 28.96 16.51
N TYR C 439 -2.29 29.47 17.60
CA TYR C 439 -3.51 28.96 18.20
C TYR C 439 -4.68 29.88 17.87
N TYR C 440 -5.79 29.29 17.41
CA TYR C 440 -6.99 30.05 17.08
C TYR C 440 -8.20 29.44 17.76
N PHE C 441 -9.17 30.29 18.09
CA PHE C 441 -10.44 29.85 18.67
C PHE C 441 -11.57 30.31 17.75
N GLY C 442 -12.12 29.38 16.99
CA GLY C 442 -13.16 29.73 16.05
C GLY C 442 -14.50 30.00 16.71
N GLY C 443 -15.40 30.59 15.94
CA GLY C 443 -16.75 30.83 16.41
C GLY C 443 -16.86 32.01 17.37
N ASN C 444 -17.94 31.99 18.14
CA ASN C 444 -18.25 33.06 19.08
C ASN C 444 -17.47 32.83 20.37
N ALA C 445 -16.60 33.78 20.71
CA ALA C 445 -15.79 33.64 21.91
C ALA C 445 -16.46 34.17 23.16
N SER C 446 -17.56 34.92 23.01
CA SER C 446 -18.25 35.47 24.18
C SER C 446 -18.88 34.36 25.02
N ARG C 447 -19.53 33.39 24.37
CA ARG C 447 -20.12 32.28 25.10
C ARG C 447 -19.05 31.42 25.76
N ALA C 448 -17.94 31.18 25.05
CA ALA C 448 -16.82 30.48 25.67
C ALA C 448 -16.13 31.35 26.70
N GLY C 449 -16.23 32.68 26.56
CA GLY C 449 -15.71 33.61 27.53
C GLY C 449 -16.57 33.80 28.74
N THR C 450 -17.73 33.16 28.78
CA THR C 450 -18.59 33.22 29.96
C THR C 450 -18.07 32.27 31.03
N PRO C 451 -17.76 32.75 32.22
CA PRO C 451 -17.36 31.84 33.30
C PRO C 451 -18.53 30.98 33.77
N ARG C 452 -18.21 29.83 34.33
CA ARG C 452 -19.20 28.89 34.84
C ARG C 452 -18.94 28.61 36.31
N HIS C 453 -20.02 28.53 37.09
CA HIS C 453 -19.98 28.17 38.51
C HIS C 453 -19.10 29.15 39.30
N VAL C 454 -19.51 30.41 39.31
CA VAL C 454 -18.84 31.43 40.09
C VAL C 454 -19.25 31.26 41.56
N SER C 455 -18.29 30.94 42.41
CA SER C 455 -18.55 30.72 43.82
C SER C 455 -17.76 31.71 44.66
N VAL C 456 -18.44 32.37 45.59
CA VAL C 456 -17.86 33.42 46.40
C VAL C 456 -18.02 33.03 47.87
N ARG C 457 -16.91 33.04 48.61
CA ARG C 457 -16.88 32.63 50.01
C ARG C 457 -16.42 33.79 50.88
N ASN C 458 -17.14 34.06 51.96
CA ASN C 458 -16.78 35.13 52.87
C ASN C 458 -15.51 34.77 53.63
N GLN C 459 -14.52 35.67 53.59
CA GLN C 459 -13.27 35.48 54.30
C GLN C 459 -13.25 36.27 55.60
N THR C 460 -13.42 37.58 55.53
CA THR C 460 -13.48 38.44 56.71
C THR C 460 -14.74 39.29 56.66
N GLY C 461 -14.82 40.28 57.56
CA GLY C 461 -15.93 41.21 57.52
C GLY C 461 -15.84 42.28 56.45
N ASP C 462 -14.71 42.34 55.73
CA ASP C 462 -14.57 43.30 54.64
C ASP C 462 -14.03 42.65 53.36
N SER C 463 -13.32 41.53 53.47
CA SER C 463 -12.74 40.86 52.32
C SER C 463 -13.51 39.58 52.03
N VAL C 464 -13.74 39.33 50.74
CA VAL C 464 -14.45 38.13 50.32
C VAL C 464 -13.65 37.53 49.16
N SER C 465 -13.84 36.24 48.92
CA SER C 465 -13.05 35.51 47.94
C SER C 465 -13.93 35.01 46.80
N VAL C 466 -13.64 35.46 45.58
CA VAL C 466 -14.37 35.03 44.39
C VAL C 466 -13.51 34.04 43.62
N GLU C 467 -14.04 32.84 43.37
CA GLU C 467 -13.33 31.84 42.62
C GLU C 467 -14.25 31.25 41.55
N TRP C 468 -13.65 30.85 40.44
CA TRP C 468 -14.40 30.32 39.30
C TRP C 468 -13.50 29.35 38.53
N THR C 469 -14.13 28.48 37.76
CA THR C 469 -13.38 27.47 37.02
C THR C 469 -12.84 28.04 35.73
N ALA C 470 -11.80 27.39 35.19
CA ALA C 470 -11.22 27.81 33.94
C ALA C 470 -12.12 27.46 32.77
N SER C 471 -12.23 28.39 31.82
CA SER C 471 -13.05 28.18 30.64
C SER C 471 -12.24 27.49 29.55
N GLN C 472 -12.86 27.35 28.37
CA GLN C 472 -12.17 26.75 27.23
C GLN C 472 -11.00 27.58 26.75
N LEU C 473 -11.14 28.91 26.73
CA LEU C 473 -10.09 29.80 26.24
C LEU C 473 -8.85 29.77 27.12
N SER C 474 -8.94 29.31 28.37
CA SER C 474 -7.76 29.12 29.19
C SER C 474 -6.91 27.97 28.66
N THR C 475 -7.55 26.98 28.03
CA THR C 475 -6.87 25.83 27.47
C THR C 475 -6.33 26.08 26.06
N CYS C 476 -6.69 27.21 25.44
CA CYS C 476 -5.97 27.69 24.27
C CYS C 476 -4.96 28.74 24.71
N PRO C 477 -3.66 28.47 24.61
CA PRO C 477 -2.66 29.43 25.11
C PRO C 477 -2.59 30.68 24.25
N GLY C 478 -2.25 31.79 24.89
CA GLY C 478 -1.86 33.01 24.19
C GLY C 478 -2.99 33.87 23.66
N VAL C 479 -4.24 33.59 24.01
CA VAL C 479 -5.36 34.39 23.52
C VAL C 479 -5.98 35.24 24.63
N LEU C 480 -6.17 34.67 25.82
CA LEU C 480 -6.77 35.42 26.92
C LEU C 480 -5.81 36.49 27.42
N THR C 481 -6.35 37.67 27.72
CA THR C 481 -5.56 38.77 28.26
C THR C 481 -5.90 39.10 29.71
N GLN C 482 -7.18 39.15 30.06
CA GLN C 482 -7.57 39.51 31.40
C GLN C 482 -8.98 39.02 31.67
N TYR C 483 -9.39 39.15 32.93
CA TYR C 483 -10.75 38.90 33.38
C TYR C 483 -11.30 40.21 33.94
N VAL C 484 -12.51 40.57 33.55
CA VAL C 484 -13.21 41.72 34.11
C VAL C 484 -14.19 41.20 35.14
N VAL C 485 -14.04 41.66 36.39
CA VAL C 485 -14.99 41.34 37.45
C VAL C 485 -15.64 42.65 37.91
N ARG C 486 -16.96 42.65 38.02
CA ARG C 486 -17.74 43.83 38.33
C ARG C 486 -18.32 43.70 39.73
N CYS C 487 -18.06 44.71 40.57
CA CYS C 487 -18.65 44.80 41.90
C CYS C 487 -19.60 45.99 41.92
N GLU C 488 -20.90 45.70 42.00
CA GLU C 488 -21.91 46.74 42.10
C GLU C 488 -22.85 46.41 43.25
N ALA C 489 -23.04 47.38 44.14
CA ALA C 489 -24.05 47.24 45.17
C ALA C 489 -25.43 47.39 44.56
N GLU C 490 -26.44 46.89 45.29
CA GLU C 490 -27.81 46.91 44.75
C GLU C 490 -28.38 48.31 44.67
N ASP C 491 -27.76 49.30 45.33
CA ASP C 491 -28.25 50.67 45.25
C ASP C 491 -27.96 51.33 43.90
N GLY C 492 -26.95 50.84 43.17
CA GLY C 492 -26.59 51.43 41.90
C GLY C 492 -25.71 52.66 42.00
N ALA C 493 -25.36 53.09 43.22
CA ALA C 493 -24.51 54.25 43.41
C ALA C 493 -23.05 53.89 43.61
N TRP C 494 -22.69 52.61 43.51
CA TRP C 494 -21.31 52.18 43.73
C TRP C 494 -21.03 51.00 42.81
N GLU C 495 -20.27 51.25 41.75
CA GLU C 495 -19.92 50.24 40.76
C GLU C 495 -18.44 50.36 40.42
N SER C 496 -17.75 49.22 40.43
CA SER C 496 -16.32 49.19 40.12
C SER C 496 -16.02 47.95 39.31
N GLU C 497 -14.90 48.00 38.58
CA GLU C 497 -14.43 46.88 37.78
C GLU C 497 -12.95 46.62 38.07
N TRP C 498 -12.60 45.34 38.15
CA TRP C 498 -11.23 44.93 38.41
C TRP C 498 -10.76 43.99 37.31
N LEU C 499 -9.47 44.06 37.01
CA LEU C 499 -8.83 43.25 35.97
C LEU C 499 -7.96 42.19 36.62
N VAL C 500 -8.14 40.95 36.20
CA VAL C 500 -7.44 39.81 36.79
C VAL C 500 -6.58 39.15 35.71
N PRO C 501 -5.33 38.80 36.01
CA PRO C 501 -4.54 38.05 35.04
C PRO C 501 -5.16 36.69 34.77
N PRO C 502 -5.03 36.19 33.53
CA PRO C 502 -5.67 34.91 33.18
C PRO C 502 -5.12 33.71 33.92
N THR C 503 -3.91 33.78 34.46
CA THR C 503 -3.32 32.67 35.19
C THR C 503 -3.93 32.48 36.57
N LYS C 504 -4.67 33.45 37.07
CA LYS C 504 -5.32 33.37 38.37
C LYS C 504 -6.81 33.11 38.19
N THR C 505 -7.29 32.05 38.83
CA THR C 505 -8.72 31.72 38.83
C THR C 505 -9.43 32.27 40.05
N GLN C 506 -8.72 33.02 40.90
CA GLN C 506 -9.28 33.50 42.15
C GLN C 506 -8.91 34.97 42.34
N VAL C 507 -9.81 35.70 42.98
CA VAL C 507 -9.58 37.11 43.28
C VAL C 507 -10.16 37.38 44.67
N THR C 508 -9.65 38.40 45.34
CA THR C 508 -10.14 38.80 46.64
C THR C 508 -10.77 40.19 46.52
N LEU C 509 -12.09 40.24 46.63
CA LEU C 509 -12.84 41.49 46.56
C LEU C 509 -12.73 42.19 47.91
N ASP C 510 -12.38 43.47 47.88
CA ASP C 510 -12.13 44.26 49.07
C ASP C 510 -12.92 45.57 49.00
N GLY C 511 -12.81 46.35 50.07
CA GLY C 511 -13.50 47.63 50.14
C GLY C 511 -15.00 47.53 50.12
N LEU C 512 -15.57 46.57 50.84
CA LEU C 512 -17.01 46.30 50.77
C LEU C 512 -17.73 46.89 51.96
N ARG C 513 -18.89 47.49 51.69
CA ARG C 513 -19.73 48.04 52.75
C ARG C 513 -20.62 46.93 53.32
N SER C 514 -20.59 46.80 54.65
CA SER C 514 -21.35 45.75 55.31
C SER C 514 -22.84 46.06 55.29
N ARG C 515 -23.64 45.00 55.51
CA ARG C 515 -25.10 45.06 55.49
C ARG C 515 -25.66 45.53 54.16
N VAL C 516 -24.91 45.36 53.07
CA VAL C 516 -25.33 45.75 51.73
C VAL C 516 -25.35 44.49 50.87
N MET C 517 -26.50 44.24 50.24
CA MET C 517 -26.66 43.06 49.40
C MET C 517 -25.81 43.22 48.14
N TYR C 518 -25.11 42.15 47.75
CA TYR C 518 -24.14 42.25 46.66
C TYR C 518 -24.44 41.26 45.55
N LYS C 519 -24.22 41.71 44.32
CA LYS C 519 -24.32 40.88 43.12
C LYS C 519 -22.97 40.90 42.41
N VAL C 520 -22.51 39.72 42.00
CA VAL C 520 -21.21 39.59 41.35
C VAL C 520 -21.39 38.91 39.99
N GLN C 521 -20.68 39.43 38.99
CA GLN C 521 -20.63 38.86 37.65
C GLN C 521 -19.19 38.88 37.14
N VAL C 522 -18.80 37.80 36.47
CA VAL C 522 -17.42 37.60 36.00
C VAL C 522 -17.45 37.42 34.49
N ARG C 523 -16.39 37.87 33.81
CA ARG C 523 -16.19 37.58 32.40
C ARG C 523 -14.75 37.14 32.16
N ALA C 524 -14.51 36.58 30.98
CA ALA C 524 -13.19 36.26 30.49
C ALA C 524 -12.96 37.01 29.20
N ASP C 525 -11.79 37.62 29.05
CA ASP C 525 -11.53 38.51 27.93
C ASP C 525 -10.33 38.05 27.11
N THR C 526 -10.53 38.04 25.80
CA THR C 526 -9.52 37.69 24.81
C THR C 526 -8.94 39.01 24.26
N ALA C 527 -7.87 38.92 23.48
CA ALA C 527 -7.20 40.10 22.94
C ALA C 527 -8.04 40.84 21.91
N ARG C 528 -9.15 40.28 21.45
CA ARG C 528 -9.95 40.91 20.40
C ARG C 528 -11.27 41.46 20.90
N LEU C 529 -12.11 40.65 21.53
CA LEU C 529 -13.45 41.05 21.91
C LEU C 529 -13.68 40.76 23.38
N PRO C 530 -14.53 41.54 24.04
CA PRO C 530 -14.89 41.23 25.43
C PRO C 530 -15.76 40.00 25.53
N GLY C 531 -15.76 39.39 26.71
CA GLY C 531 -16.57 38.23 26.99
C GLY C 531 -17.96 38.61 27.48
N ALA C 532 -18.80 37.58 27.63
CA ALA C 532 -20.16 37.80 28.09
C ALA C 532 -20.25 37.73 29.60
N TRP C 533 -21.21 38.46 30.16
CA TRP C 533 -21.42 38.46 31.60
C TRP C 533 -22.00 37.13 32.06
N SER C 534 -21.44 36.60 33.14
CA SER C 534 -21.87 35.32 33.67
C SER C 534 -23.15 35.49 34.48
N HIS C 535 -23.66 34.39 35.02
CA HIS C 535 -24.84 34.45 35.87
C HIS C 535 -24.50 35.18 37.17
N PRO C 536 -25.25 36.22 37.54
CA PRO C 536 -24.94 36.95 38.77
C PRO C 536 -25.16 36.09 40.00
N GLN C 537 -24.24 36.22 40.95
CA GLN C 537 -24.37 35.53 42.23
C GLN C 537 -24.69 36.58 43.30
N ARG C 538 -25.72 36.30 44.09
CA ARG C 538 -26.26 37.24 45.07
C ARG C 538 -25.85 36.81 46.48
N PHE C 539 -24.86 37.51 47.04
CA PHE C 539 -24.31 37.17 48.34
C PHE C 539 -24.26 38.42 49.21
N SER C 540 -24.27 38.19 50.53
CA SER C 540 -24.12 39.24 51.52
C SER C 540 -23.72 38.60 52.84
N PHE C 541 -23.61 39.43 53.87
CA PHE C 541 -23.24 38.96 55.20
C PHE C 541 -23.77 39.92 56.28
N ASP D 3 -1.59 -24.39 -44.56
CA ASP D 3 -1.96 -23.70 -43.34
C ASP D 3 -0.74 -23.47 -42.46
N VAL D 4 -0.93 -23.57 -41.15
CA VAL D 4 0.16 -23.42 -40.19
C VAL D 4 0.71 -24.76 -39.72
N CYS D 5 -0.08 -25.83 -39.71
CA CYS D 5 0.40 -27.15 -39.29
C CYS D 5 1.10 -27.85 -40.46
N LYS D 6 2.28 -27.33 -40.81
CA LYS D 6 3.09 -27.93 -41.85
C LYS D 6 3.81 -29.19 -41.38
N LEU D 7 3.82 -29.44 -40.07
CA LEU D 7 4.51 -30.60 -39.50
C LEU D 7 3.62 -31.84 -39.48
N GLY D 8 2.41 -31.77 -40.03
CA GLY D 8 1.51 -32.90 -40.02
C GLY D 8 0.08 -32.47 -39.76
N THR D 9 -0.70 -33.33 -39.10
CA THR D 9 -2.09 -33.02 -38.80
C THR D 9 -2.52 -33.77 -37.55
N VAL D 10 -3.58 -33.28 -36.94
CA VAL D 10 -4.19 -33.90 -35.79
C VAL D 10 -5.70 -33.94 -36.01
N THR D 11 -6.32 -35.03 -35.56
CA THR D 11 -7.77 -35.16 -35.67
C THR D 11 -8.31 -35.74 -34.37
N VAL D 12 -9.55 -35.36 -34.05
CA VAL D 12 -10.23 -35.81 -32.86
C VAL D 12 -11.55 -36.47 -33.25
N GLN D 13 -11.99 -37.37 -32.39
CA GLN D 13 -13.23 -38.10 -32.56
C GLN D 13 -13.98 -38.09 -31.24
N PRO D 14 -15.27 -37.76 -31.22
CA PRO D 14 -16.07 -37.53 -32.44
C PRO D 14 -16.18 -36.08 -32.92
N ALA D 15 -16.13 -35.11 -32.01
CA ALA D 15 -16.40 -33.72 -32.37
C ALA D 15 -15.49 -32.82 -31.55
N PRO D 16 -15.17 -31.63 -32.07
CA PRO D 16 -14.44 -30.65 -31.25
C PRO D 16 -15.18 -30.21 -30.00
N VAL D 17 -16.51 -30.17 -30.05
CA VAL D 17 -17.34 -29.90 -28.87
C VAL D 17 -17.80 -31.24 -28.30
N ILE D 18 -17.72 -31.37 -26.98
CA ILE D 18 -17.94 -32.66 -26.33
C ILE D 18 -18.79 -32.44 -25.08
N PRO D 19 -19.65 -33.40 -24.77
CA PRO D 19 -20.31 -33.41 -23.46
C PRO D 19 -19.34 -33.85 -22.37
N LEU D 20 -19.76 -33.61 -21.13
CA LEU D 20 -18.92 -33.94 -19.99
C LEU D 20 -18.80 -35.45 -19.82
N GLY D 21 -17.60 -35.90 -19.45
CA GLY D 21 -17.36 -37.28 -19.12
C GLY D 21 -17.30 -38.23 -20.29
N SER D 22 -17.29 -37.73 -21.52
CA SER D 22 -17.25 -38.60 -22.70
C SER D 22 -15.79 -38.94 -23.02
N ALA D 23 -15.59 -39.75 -24.05
CA ALA D 23 -14.26 -40.20 -24.46
C ALA D 23 -13.94 -39.66 -25.85
N ALA D 24 -12.67 -39.40 -26.08
CA ALA D 24 -12.20 -38.83 -27.34
C ALA D 24 -11.06 -39.66 -27.88
N ASN D 25 -11.07 -39.91 -29.18
CA ASN D 25 -9.99 -40.60 -29.87
C ASN D 25 -9.21 -39.60 -30.71
N ILE D 26 -7.92 -39.47 -30.44
CA ILE D 26 -7.08 -38.46 -31.08
C ILE D 26 -5.99 -39.14 -31.89
N SER D 27 -5.79 -38.67 -33.12
CA SER D 27 -4.79 -39.23 -34.02
C SER D 27 -3.87 -38.12 -34.49
N CYS D 28 -2.57 -38.35 -34.36
CA CYS D 28 -1.54 -37.43 -34.83
C CYS D 28 -0.76 -38.09 -35.97
N SER D 29 -0.67 -37.39 -37.09
CA SER D 29 -0.02 -37.91 -38.29
C SER D 29 0.97 -36.89 -38.81
N LEU D 30 1.97 -37.36 -39.56
CA LEU D 30 3.00 -36.51 -40.11
C LEU D 30 3.12 -36.71 -41.62
N ASN D 31 3.52 -35.66 -42.31
CA ASN D 31 3.79 -35.76 -43.74
C ASN D 31 5.03 -36.62 -43.97
N PRO D 32 4.96 -37.61 -44.86
CA PRO D 32 6.11 -38.51 -45.06
C PRO D 32 7.33 -37.77 -45.58
N LYS D 33 8.50 -38.22 -45.13
CA LYS D 33 9.81 -37.65 -45.48
C LYS D 33 9.88 -36.16 -45.17
N GLU D 44 10.29 -37.76 -29.47
CA GLU D 44 9.15 -38.62 -29.81
C GLU D 44 7.87 -37.82 -29.91
N LEU D 45 6.78 -38.50 -30.27
CA LEU D 45 5.48 -37.84 -30.40
C LEU D 45 4.80 -37.74 -29.05
N ILE D 46 4.83 -36.56 -28.44
CA ILE D 46 4.26 -36.33 -27.12
C ILE D 46 2.97 -35.53 -27.25
N LEU D 47 2.13 -35.65 -26.23
CA LEU D 47 0.86 -34.96 -26.15
C LEU D 47 0.85 -34.12 -24.88
N LEU D 48 0.58 -32.82 -25.04
CA LEU D 48 0.53 -31.91 -23.90
C LEU D 48 -0.91 -31.44 -23.72
N LYS D 49 -1.41 -31.54 -22.50
CA LYS D 49 -2.79 -31.25 -22.17
C LYS D 49 -2.83 -30.11 -21.16
N PHE D 50 -3.73 -29.15 -21.40
CA PHE D 50 -3.79 -27.92 -20.62
C PHE D 50 -5.22 -27.68 -20.15
N VAL D 51 -5.33 -26.88 -19.09
CA VAL D 51 -6.61 -26.37 -18.64
C VAL D 51 -6.49 -24.85 -18.49
N ASN D 52 -7.28 -24.12 -19.27
CA ASN D 52 -7.26 -22.66 -19.32
C ASN D 52 -5.84 -22.14 -19.60
N ASP D 53 -5.18 -22.78 -20.57
CA ASP D 53 -3.78 -22.52 -20.91
C ASP D 53 -2.87 -22.67 -19.70
N VAL D 54 -3.16 -23.66 -18.87
CA VAL D 54 -2.43 -23.93 -17.65
C VAL D 54 -1.92 -25.37 -17.71
N LEU D 55 -0.63 -25.55 -17.47
CA LEU D 55 0.03 -26.85 -17.59
C LEU D 55 -0.06 -27.58 -16.26
N VAL D 56 -0.96 -28.55 -16.16
CA VAL D 56 -1.05 -29.39 -14.98
C VAL D 56 -0.88 -30.85 -15.38
N GLU D 57 -1.09 -31.14 -16.67
CA GLU D 57 -1.03 -32.49 -17.19
C GLU D 57 0.09 -32.59 -18.21
N ASN D 58 0.88 -33.66 -18.10
CA ASN D 58 1.98 -33.88 -19.02
C ASN D 58 2.13 -35.38 -19.26
N LEU D 59 2.68 -35.72 -20.43
CA LEU D 59 2.93 -37.11 -20.77
C LEU D 59 4.43 -37.33 -21.02
N ASP D 66 10.31 -44.52 -35.36
CA ASP D 66 9.80 -43.50 -36.27
C ASP D 66 8.57 -44.01 -37.03
N HIS D 67 8.50 -45.33 -37.21
CA HIS D 67 7.36 -45.93 -37.89
C HIS D 67 6.08 -45.74 -37.08
N THR D 68 6.16 -45.90 -35.75
CA THR D 68 5.01 -45.70 -34.90
C THR D 68 4.58 -44.23 -34.89
N GLY D 69 5.53 -43.31 -35.03
CA GLY D 69 5.22 -41.90 -35.04
C GLY D 69 4.56 -41.40 -36.31
N HIS D 70 4.55 -42.21 -37.38
CA HIS D 70 3.89 -41.80 -38.61
C HIS D 70 2.39 -41.67 -38.44
N SER D 71 1.80 -42.49 -37.56
CA SER D 71 0.36 -42.43 -37.30
C SER D 71 0.15 -42.91 -35.86
N SER D 72 -0.02 -41.97 -34.94
CA SER D 72 -0.19 -42.29 -33.52
C SER D 72 -1.66 -42.11 -33.14
N THR D 73 -2.24 -43.16 -32.57
CA THR D 73 -3.63 -43.15 -32.12
C THR D 73 -3.65 -43.27 -30.59
N PHE D 74 -4.48 -42.45 -29.95
CA PHE D 74 -4.55 -42.41 -28.50
C PHE D 74 -5.97 -42.11 -28.06
N GLN D 75 -6.27 -42.46 -26.82
CA GLN D 75 -7.58 -42.23 -26.21
C GLN D 75 -7.41 -41.28 -25.03
N VAL D 76 -8.16 -40.18 -25.04
CA VAL D 76 -8.16 -39.21 -23.95
C VAL D 76 -9.57 -39.14 -23.37
N THR D 77 -9.66 -39.24 -22.05
CA THR D 77 -10.91 -39.22 -21.31
C THR D 77 -10.81 -38.21 -20.17
N ASN D 78 -11.81 -38.26 -19.29
CA ASN D 78 -11.88 -37.49 -18.03
C ASN D 78 -11.53 -36.01 -18.23
N LEU D 79 -12.12 -35.42 -19.26
CA LEU D 79 -11.88 -34.01 -19.55
C LEU D 79 -12.59 -33.14 -18.52
N SER D 80 -11.83 -32.29 -17.85
CA SER D 80 -12.38 -31.43 -16.82
C SER D 80 -13.25 -30.34 -17.45
N LEU D 81 -14.16 -29.79 -16.65
CA LEU D 81 -15.14 -28.82 -17.13
C LEU D 81 -14.44 -27.51 -17.46
N GLY D 82 -14.51 -27.11 -18.73
CA GLY D 82 -13.87 -25.90 -19.19
C GLY D 82 -13.29 -26.03 -20.58
N MET D 83 -12.29 -25.21 -20.90
CA MET D 83 -11.63 -25.25 -22.20
C MET D 83 -10.24 -25.86 -22.01
N THR D 84 -9.89 -26.81 -22.88
CA THR D 84 -8.64 -27.53 -22.79
C THR D 84 -7.83 -27.37 -24.07
N LEU D 85 -6.52 -27.26 -23.92
CA LEU D 85 -5.59 -27.19 -25.04
C LEU D 85 -4.85 -28.52 -25.13
N PHE D 86 -5.11 -29.26 -26.20
CA PHE D 86 -4.46 -30.54 -26.44
C PHE D 86 -3.58 -30.37 -27.66
N VAL D 87 -2.28 -30.59 -27.51
CA VAL D 87 -1.33 -30.32 -28.58
C VAL D 87 -0.40 -31.53 -28.77
N CYS D 88 -0.20 -31.92 -30.03
CA CYS D 88 0.72 -32.98 -30.40
C CYS D 88 2.01 -32.32 -30.85
N LYS D 89 3.11 -32.67 -30.19
CA LYS D 89 4.42 -32.08 -30.42
C LYS D 89 5.46 -33.18 -30.56
N LEU D 90 6.27 -33.11 -31.60
CA LEU D 90 7.36 -34.07 -31.78
C LEU D 90 8.58 -33.63 -30.98
N PRO D 100 12.52 -30.21 -29.52
CA PRO D 100 11.06 -30.27 -29.44
C PRO D 100 10.38 -29.26 -30.36
N VAL D 101 9.84 -29.75 -31.48
CA VAL D 101 9.14 -28.92 -32.46
C VAL D 101 7.67 -29.32 -32.44
N PRO D 102 6.73 -28.37 -32.37
CA PRO D 102 5.32 -28.75 -32.36
C PRO D 102 4.88 -29.33 -33.70
N VAL D 103 3.93 -30.26 -33.62
CA VAL D 103 3.36 -30.85 -34.84
C VAL D 103 2.08 -30.11 -35.18
N CYS D 104 1.09 -30.20 -34.30
CA CYS D 104 -0.20 -29.51 -34.52
C CYS D 104 -1.00 -29.59 -33.23
N GLY D 105 -2.24 -29.11 -33.29
CA GLY D 105 -3.09 -29.15 -32.12
C GLY D 105 -4.52 -28.75 -32.43
N VAL D 106 -5.40 -29.05 -31.47
CA VAL D 106 -6.80 -28.65 -31.51
C VAL D 106 -7.15 -28.06 -30.16
N GLU D 107 -8.04 -27.07 -30.15
CA GLU D 107 -8.61 -26.52 -28.91
C GLU D 107 -9.97 -27.18 -28.68
N ILE D 108 -10.18 -27.69 -27.46
CA ILE D 108 -11.36 -28.48 -27.14
C ILE D 108 -12.18 -27.75 -26.09
N SER D 109 -13.50 -27.74 -26.29
CA SER D 109 -14.41 -27.14 -25.32
C SER D 109 -15.41 -28.20 -24.87
N VAL D 110 -15.70 -28.21 -23.57
CA VAL D 110 -16.68 -29.10 -22.98
C VAL D 110 -17.68 -28.25 -22.21
N GLY D 111 -18.92 -28.72 -22.13
CA GLY D 111 -19.95 -28.00 -21.44
C GLY D 111 -21.22 -28.80 -21.35
N VAL D 112 -22.31 -28.12 -20.98
CA VAL D 112 -23.61 -28.73 -20.82
C VAL D 112 -24.65 -27.87 -21.54
N ALA D 113 -25.79 -28.48 -21.81
CA ALA D 113 -26.93 -27.73 -22.29
C ALA D 113 -27.45 -26.81 -21.19
N PRO D 114 -27.97 -25.63 -21.54
CA PRO D 114 -28.50 -24.72 -20.53
C PRO D 114 -29.69 -25.32 -19.79
N GLU D 115 -29.83 -24.94 -18.53
CA GLU D 115 -30.92 -25.43 -17.72
C GLU D 115 -32.20 -24.67 -18.04
N PRO D 116 -33.37 -25.26 -17.83
CA PRO D 116 -34.63 -24.54 -18.08
C PRO D 116 -34.84 -23.45 -17.06
N PRO D 117 -34.85 -22.19 -17.49
CA PRO D 117 -34.84 -21.06 -16.55
C PRO D 117 -36.08 -21.00 -15.67
N GLN D 118 -35.88 -20.46 -14.47
CA GLN D 118 -36.89 -20.46 -13.42
C GLN D 118 -36.95 -19.08 -12.78
N ASN D 119 -38.07 -18.80 -12.11
CA ASN D 119 -38.29 -17.58 -11.35
C ASN D 119 -38.22 -16.34 -12.24
N ILE D 120 -39.06 -16.34 -13.27
CA ILE D 120 -39.19 -15.17 -14.13
C ILE D 120 -39.88 -14.05 -13.37
N SER D 121 -39.42 -12.82 -13.56
CA SER D 121 -40.00 -11.69 -12.85
C SER D 121 -39.77 -10.43 -13.66
N CYS D 122 -40.87 -9.84 -14.11
CA CYS D 122 -40.78 -8.70 -15.02
C CYS D 122 -41.33 -7.46 -14.32
N VAL D 123 -40.72 -6.32 -14.62
CA VAL D 123 -40.92 -5.08 -13.89
C VAL D 123 -41.13 -3.93 -14.89
N GLN D 124 -42.08 -3.05 -14.57
CA GLN D 124 -42.30 -1.78 -15.25
C GLN D 124 -42.04 -0.64 -14.29
N GLU D 125 -41.63 0.51 -14.84
CA GLU D 125 -41.31 1.69 -14.04
C GLU D 125 -42.16 2.88 -14.53
N GLY D 126 -43.31 3.07 -13.88
CA GLY D 126 -44.10 4.28 -14.08
C GLY D 126 -44.81 4.35 -15.42
N GLU D 127 -45.36 5.54 -15.69
CA GLU D 127 -46.04 5.79 -16.96
C GLU D 127 -45.08 5.72 -18.13
N ASN D 128 -43.90 6.31 -17.99
CA ASN D 128 -42.91 6.37 -19.06
C ASN D 128 -41.79 5.40 -18.71
N GLY D 129 -41.95 4.16 -19.14
CA GLY D 129 -40.95 3.13 -18.89
C GLY D 129 -41.21 1.88 -19.69
N THR D 130 -40.17 1.36 -20.36
CA THR D 130 -40.31 0.17 -21.17
C THR D 130 -40.44 -1.06 -20.29
N VAL D 131 -40.64 -2.21 -20.93
CA VAL D 131 -40.71 -3.47 -20.24
C VAL D 131 -39.30 -3.91 -19.88
N ALA D 132 -39.07 -4.13 -18.58
CA ALA D 132 -37.83 -4.73 -18.12
C ALA D 132 -38.18 -6.06 -17.49
N CYS D 133 -37.24 -7.01 -17.48
CA CYS D 133 -37.56 -8.28 -16.85
C CYS D 133 -36.27 -9.01 -16.50
N SER D 134 -36.41 -10.04 -15.67
CA SER D 134 -35.27 -10.80 -15.17
C SER D 134 -35.64 -12.27 -15.05
N TRP D 135 -34.62 -13.12 -15.13
CA TRP D 135 -34.80 -14.57 -15.10
C TRP D 135 -33.50 -15.19 -14.59
N ASN D 136 -33.62 -16.41 -14.08
CA ASN D 136 -32.47 -17.15 -13.55
C ASN D 136 -31.94 -18.09 -14.62
N SER D 137 -30.68 -17.91 -15.01
CA SER D 137 -30.06 -18.76 -16.01
C SER D 137 -29.45 -20.03 -15.41
N GLY D 138 -29.48 -20.19 -14.10
CA GLY D 138 -28.94 -21.40 -13.49
C GLY D 138 -27.44 -21.43 -13.56
N LYS D 139 -26.88 -22.65 -13.56
CA LYS D 139 -25.44 -22.82 -13.58
C LYS D 139 -24.87 -22.46 -14.94
N VAL D 140 -23.59 -22.09 -14.95
CA VAL D 140 -22.90 -21.68 -16.15
C VAL D 140 -22.42 -22.91 -16.91
N THR D 141 -22.56 -22.88 -18.24
CA THR D 141 -22.10 -23.96 -19.09
C THR D 141 -20.68 -23.76 -19.59
N TYR D 142 -20.03 -22.65 -19.20
CA TYR D 142 -18.67 -22.30 -19.62
C TYR D 142 -18.54 -22.18 -21.14
N LEU D 143 -19.66 -21.93 -21.81
CA LEU D 143 -19.69 -21.89 -23.26
C LEU D 143 -20.55 -20.72 -23.70
N LYS D 144 -20.32 -20.27 -24.94
CA LYS D 144 -21.10 -19.17 -25.50
C LYS D 144 -22.53 -19.63 -25.76
N THR D 145 -23.48 -18.99 -25.10
CA THR D 145 -24.89 -19.28 -25.27
C THR D 145 -25.63 -17.99 -25.60
N ASN D 146 -26.86 -18.14 -26.11
CA ASN D 146 -27.70 -16.97 -26.31
C ASN D 146 -29.11 -17.26 -25.83
N TYR D 147 -29.81 -16.19 -25.44
CA TYR D 147 -31.12 -16.27 -24.82
C TYR D 147 -32.07 -15.35 -25.56
N THR D 148 -33.30 -15.81 -25.76
CA THR D 148 -34.33 -15.05 -26.43
C THR D 148 -35.50 -14.81 -25.50
N LEU D 149 -35.97 -13.56 -25.49
CA LEU D 149 -37.12 -13.15 -24.70
C LEU D 149 -38.26 -12.82 -25.66
N GLN D 150 -39.43 -13.39 -25.40
CA GLN D 150 -40.60 -13.29 -26.25
C GLN D 150 -41.77 -12.79 -25.42
N LEU D 151 -42.48 -11.78 -25.95
CA LEU D 151 -43.65 -11.22 -25.32
C LEU D 151 -44.82 -11.30 -26.29
N SER D 152 -45.93 -11.88 -25.83
CA SER D 152 -47.15 -11.96 -26.63
C SER D 152 -48.32 -11.50 -25.80
N GLY D 153 -49.35 -10.98 -26.49
CA GLY D 153 -50.53 -10.51 -25.81
C GLY D 153 -51.61 -10.02 -26.75
N PRO D 154 -52.82 -9.82 -26.20
CA PRO D 154 -53.99 -9.51 -27.03
C PRO D 154 -53.86 -8.20 -27.78
N ASN D 155 -54.80 -8.01 -28.71
CA ASN D 155 -54.78 -6.91 -29.69
C ASN D 155 -53.48 -6.96 -30.50
N ASN D 156 -52.98 -8.18 -30.71
CA ASN D 156 -51.81 -8.48 -31.55
C ASN D 156 -50.58 -7.68 -31.11
N LEU D 157 -50.17 -7.90 -29.86
CA LEU D 157 -48.93 -7.31 -29.37
C LEU D 157 -47.89 -8.40 -29.19
N THR D 158 -46.68 -8.15 -29.68
CA THR D 158 -45.59 -9.10 -29.55
C THR D 158 -44.27 -8.36 -29.67
N CYS D 159 -43.24 -8.98 -29.09
CA CYS D 159 -41.88 -8.45 -29.15
C CYS D 159 -40.90 -9.58 -28.88
N GLN D 160 -39.66 -9.39 -29.35
CA GLN D 160 -38.64 -10.40 -29.16
C GLN D 160 -37.27 -9.72 -29.10
N LYS D 161 -36.39 -10.25 -28.25
CA LYS D 161 -35.05 -9.71 -28.13
C LYS D 161 -34.09 -10.83 -27.75
N GLN D 162 -32.80 -10.59 -27.96
CA GLN D 162 -31.76 -11.57 -27.71
C GLN D 162 -30.68 -11.00 -26.78
N CYS D 163 -30.00 -11.90 -26.08
CA CYS D 163 -28.92 -11.56 -25.18
C CYS D 163 -27.87 -12.66 -25.23
N PHE D 164 -26.61 -12.27 -25.40
CA PHE D 164 -25.51 -13.22 -25.53
C PHE D 164 -24.83 -13.36 -24.16
N SER D 165 -24.67 -14.60 -23.70
CA SER D 165 -24.04 -14.88 -22.42
C SER D 165 -22.79 -15.71 -22.64
N ASP D 166 -21.70 -15.31 -21.99
CA ASP D 166 -20.41 -16.00 -22.09
C ASP D 166 -19.77 -15.99 -20.70
N ASN D 167 -18.46 -16.27 -20.67
CA ASN D 167 -17.75 -16.34 -19.41
C ASN D 167 -17.70 -15.00 -18.67
N ARG D 168 -17.85 -13.89 -19.39
CA ARG D 168 -17.79 -12.56 -18.78
C ARG D 168 -19.14 -11.90 -18.62
N GLN D 169 -20.01 -11.97 -19.63
CA GLN D 169 -21.32 -11.32 -19.59
C GLN D 169 -22.37 -12.32 -19.17
N ASN D 170 -23.22 -11.93 -18.22
CA ASN D 170 -24.32 -12.75 -17.75
C ASN D 170 -25.63 -12.05 -18.09
N CYS D 171 -26.56 -12.80 -18.69
CA CYS D 171 -27.88 -12.27 -19.04
C CYS D 171 -28.82 -12.64 -17.90
N ASN D 172 -28.77 -11.88 -16.82
CA ASN D 172 -29.63 -12.05 -15.67
C ASN D 172 -30.82 -11.11 -15.70
N ARG D 173 -30.84 -10.16 -16.64
CA ARG D 173 -31.86 -9.12 -16.71
C ARG D 173 -31.75 -8.46 -18.08
N LEU D 174 -32.90 -8.14 -18.67
CA LEU D 174 -32.90 -7.50 -19.98
C LEU D 174 -34.06 -6.53 -20.09
N ASP D 175 -33.84 -5.50 -20.90
CA ASP D 175 -34.86 -4.52 -21.26
C ASP D 175 -35.18 -4.68 -22.73
N LEU D 176 -36.46 -4.80 -23.05
CA LEU D 176 -36.86 -5.06 -24.43
C LEU D 176 -36.88 -3.79 -25.27
N GLY D 177 -37.02 -2.63 -24.63
CA GLY D 177 -37.03 -1.37 -25.34
C GLY D 177 -38.36 -0.95 -25.92
N ILE D 178 -39.45 -1.64 -25.59
CA ILE D 178 -40.78 -1.31 -26.09
C ILE D 178 -41.65 -0.90 -24.90
N ASN D 179 -42.33 0.24 -25.04
CA ASN D 179 -43.18 0.80 -23.98
C ASN D 179 -44.62 0.78 -24.49
N LEU D 180 -45.35 -0.26 -24.12
CA LEU D 180 -46.75 -0.35 -24.47
C LEU D 180 -47.58 0.59 -23.59
N SER D 181 -48.80 0.85 -24.03
CA SER D 181 -49.66 1.81 -23.35
C SER D 181 -50.14 1.24 -22.02
N PRO D 182 -49.87 1.91 -20.89
CA PRO D 182 -50.40 1.43 -19.61
C PRO D 182 -51.89 1.66 -19.42
N ASP D 183 -52.53 2.46 -20.29
CA ASP D 183 -53.95 2.70 -20.17
C ASP D 183 -54.78 1.45 -20.42
N LEU D 184 -54.38 0.63 -21.38
CA LEU D 184 -55.12 -0.59 -21.73
C LEU D 184 -54.70 -1.70 -20.77
N ALA D 185 -55.35 -1.70 -19.60
CA ALA D 185 -55.07 -2.67 -18.55
C ALA D 185 -56.08 -3.82 -18.53
N GLU D 186 -56.57 -4.22 -19.70
CA GLU D 186 -57.56 -5.28 -19.82
C GLU D 186 -57.04 -6.47 -20.60
N SER D 187 -55.73 -6.53 -20.86
CA SER D 187 -55.13 -7.63 -21.61
C SER D 187 -54.17 -8.39 -20.73
N ARG D 188 -54.28 -9.71 -20.74
CA ARG D 188 -53.41 -10.60 -19.98
C ARG D 188 -52.40 -11.21 -20.94
N PHE D 189 -51.12 -11.10 -20.61
CA PHE D 189 -50.07 -11.39 -21.59
C PHE D 189 -49.23 -12.58 -21.16
N ILE D 190 -48.38 -13.03 -22.09
CA ILE D 190 -47.55 -14.22 -21.94
C ILE D 190 -46.10 -13.83 -22.18
N VAL D 191 -45.21 -14.29 -21.32
CA VAL D 191 -43.78 -14.07 -21.44
C VAL D 191 -43.11 -15.43 -21.59
N ARG D 192 -42.12 -15.49 -22.48
CA ARG D 192 -41.36 -16.70 -22.77
C ARG D 192 -39.88 -16.35 -22.78
N VAL D 193 -39.05 -17.26 -22.29
CA VAL D 193 -37.60 -17.14 -22.40
C VAL D 193 -37.03 -18.48 -22.84
N THR D 194 -36.11 -18.44 -23.80
CA THR D 194 -35.60 -19.63 -24.45
C THR D 194 -34.08 -19.54 -24.50
N ALA D 195 -33.40 -20.68 -24.41
CA ALA D 195 -31.94 -20.74 -24.37
C ALA D 195 -31.44 -21.63 -25.49
N ILE D 196 -30.45 -21.13 -26.24
CA ILE D 196 -29.84 -21.88 -27.34
C ILE D 196 -28.33 -21.93 -27.12
N ASN D 197 -27.76 -23.12 -27.22
CA ASN D 197 -26.32 -23.31 -27.20
C ASN D 197 -25.98 -24.30 -28.32
N ASP D 198 -24.70 -24.68 -28.41
CA ASP D 198 -24.28 -25.63 -29.43
C ASP D 198 -24.76 -27.04 -29.09
N LEU D 199 -24.97 -27.34 -27.81
CA LEU D 199 -25.25 -28.73 -27.42
C LEU D 199 -26.74 -29.03 -27.42
N GLY D 200 -27.52 -28.30 -26.63
CA GLY D 200 -28.94 -28.58 -26.53
C GLY D 200 -29.79 -27.37 -26.17
N ASN D 201 -30.85 -27.14 -26.95
CA ASN D 201 -31.73 -26.01 -26.72
C ASN D 201 -32.51 -26.17 -25.42
N SER D 202 -32.81 -25.04 -24.78
CA SER D 202 -33.54 -25.04 -23.52
C SER D 202 -34.61 -23.98 -23.56
N SER D 203 -35.72 -24.26 -22.88
CA SER D 203 -36.85 -23.33 -22.87
C SER D 203 -37.42 -23.20 -21.46
N SER D 204 -38.52 -22.49 -21.33
CA SER D 204 -39.21 -22.31 -20.07
C SER D 204 -40.71 -22.36 -20.32
N LEU D 205 -41.48 -22.29 -19.23
CA LEU D 205 -42.92 -22.31 -19.35
C LEU D 205 -43.44 -20.96 -19.86
N PRO D 206 -44.51 -20.94 -20.65
CA PRO D 206 -45.06 -19.67 -21.12
C PRO D 206 -45.83 -18.95 -20.03
N HIS D 207 -45.11 -18.17 -19.22
CA HIS D 207 -45.71 -17.61 -18.02
C HIS D 207 -46.76 -16.56 -18.34
N THR D 208 -47.92 -16.71 -17.70
CA THR D 208 -49.01 -15.76 -17.81
C THR D 208 -48.83 -14.65 -16.80
N PHE D 209 -49.24 -13.44 -17.18
CA PHE D 209 -49.09 -12.30 -16.31
C PHE D 209 -50.22 -11.31 -16.55
N THR D 210 -50.63 -10.63 -15.47
CA THR D 210 -51.69 -9.64 -15.53
C THR D 210 -51.09 -8.25 -15.69
N PHE D 211 -51.52 -7.50 -16.71
CA PHE D 211 -50.94 -6.16 -16.98
C PHE D 211 -50.89 -5.30 -15.72
N LEU D 212 -51.88 -5.46 -14.86
CA LEU D 212 -51.97 -4.59 -13.66
C LEU D 212 -50.72 -4.77 -12.80
N ASP D 213 -50.31 -6.02 -12.59
CA ASP D 213 -49.20 -6.30 -11.63
C ASP D 213 -47.87 -5.67 -12.07
N ILE D 214 -47.58 -5.65 -13.36
CA ILE D 214 -46.23 -5.21 -13.82
C ILE D 214 -45.88 -3.76 -13.49
N VAL D 215 -46.84 -2.83 -13.54
CA VAL D 215 -46.51 -1.38 -13.40
C VAL D 215 -46.22 -0.88 -11.98
N ILE D 216 -45.06 -0.25 -11.73
CA ILE D 216 -44.71 0.42 -10.49
C ILE D 216 -44.60 1.91 -10.77
N PRO D 217 -45.54 2.73 -10.29
CA PRO D 217 -45.46 4.17 -10.55
C PRO D 217 -44.27 4.82 -9.89
N LEU D 218 -43.76 5.87 -10.52
CA LEU D 218 -42.64 6.62 -10.00
C LEU D 218 -43.08 7.50 -8.83
N PRO D 219 -42.20 7.70 -7.84
CA PRO D 219 -42.54 8.56 -6.69
C PRO D 219 -42.75 10.00 -7.12
N PRO D 220 -43.65 10.72 -6.44
CA PRO D 220 -43.93 12.11 -6.83
C PRO D 220 -42.76 13.06 -6.58
N TRP D 221 -42.68 14.11 -7.39
CA TRP D 221 -41.65 15.13 -7.25
C TRP D 221 -42.31 16.47 -6.92
N ASP D 222 -41.48 17.51 -6.82
CA ASP D 222 -41.90 18.86 -6.45
C ASP D 222 -42.62 18.85 -5.09
N ILE D 223 -42.14 18.02 -4.18
CA ILE D 223 -42.73 17.90 -2.84
C ILE D 223 -42.22 19.08 -2.01
N ARG D 224 -43.08 20.09 -1.84
CA ARG D 224 -42.70 21.34 -1.23
C ARG D 224 -43.65 21.72 -0.11
N ILE D 225 -43.21 22.69 0.69
CA ILE D 225 -43.84 23.08 1.94
C ILE D 225 -44.37 24.50 1.79
N ASN D 226 -45.62 24.72 2.18
CA ASN D 226 -46.16 26.07 2.32
C ASN D 226 -46.71 26.24 3.72
N PHE D 227 -46.33 27.36 4.35
CA PHE D 227 -46.70 27.65 5.73
C PHE D 227 -47.97 28.48 5.75
N LEU D 228 -48.98 27.99 6.48
CA LEU D 228 -50.25 28.68 6.61
C LEU D 228 -50.62 28.82 8.08
N ASN D 229 -51.57 29.71 8.34
CA ASN D 229 -52.17 29.97 9.65
C ASN D 229 -51.18 30.56 10.66
N ALA D 230 -49.97 30.90 10.22
CA ALA D 230 -48.93 31.49 11.07
C ALA D 230 -48.62 30.63 12.30
N SER D 231 -48.63 29.31 12.13
CA SER D 231 -48.40 28.38 13.23
C SER D 231 -47.62 27.19 12.73
N GLY D 232 -46.76 26.64 13.60
CA GLY D 232 -46.04 25.43 13.26
C GLY D 232 -46.89 24.18 13.27
N SER D 233 -48.08 24.25 13.86
CA SER D 233 -49.00 23.12 13.89
C SER D 233 -49.79 22.96 12.60
N ARG D 234 -49.69 23.91 11.68
CA ARG D 234 -50.47 23.92 10.45
C ARG D 234 -49.54 24.09 9.26
N GLY D 235 -49.80 23.35 8.18
CA GLY D 235 -49.02 23.49 6.98
C GLY D 235 -49.71 22.84 5.79
N THR D 236 -49.15 23.04 4.61
CA THR D 236 -49.66 22.40 3.39
C THR D 236 -48.50 21.80 2.61
N LEU D 237 -48.72 20.59 2.12
CA LEU D 237 -47.76 19.86 1.29
C LEU D 237 -48.24 19.89 -0.14
N GLN D 238 -47.35 20.22 -1.07
CA GLN D 238 -47.67 20.23 -2.49
C GLN D 238 -46.75 19.30 -3.24
N TRP D 239 -47.27 18.64 -4.29
CA TRP D 239 -46.42 17.75 -5.12
C TRP D 239 -46.98 17.61 -6.53
N GLU D 240 -46.16 17.15 -7.47
CA GLU D 240 -46.64 16.93 -8.86
C GLU D 240 -46.48 15.44 -9.18
N ASP D 241 -47.56 14.79 -9.63
CA ASP D 241 -47.51 13.35 -9.95
C ASP D 241 -48.59 13.02 -10.97
N GLU D 242 -48.51 11.86 -11.62
CA GLU D 242 -49.52 11.45 -12.64
C GLU D 242 -50.93 11.79 -12.15
N GLY D 243 -51.72 12.50 -12.96
CA GLY D 243 -53.02 12.96 -12.52
C GLY D 243 -54.05 11.87 -12.28
N GLN D 244 -53.84 10.70 -12.88
CA GLN D 244 -54.80 9.61 -12.72
C GLN D 244 -54.50 8.75 -11.49
N VAL D 245 -53.48 9.10 -10.72
CA VAL D 245 -53.21 8.40 -9.46
C VAL D 245 -54.34 8.67 -8.48
N VAL D 246 -54.87 7.60 -7.90
CA VAL D 246 -56.01 7.73 -6.99
C VAL D 246 -55.63 7.56 -5.52
N LEU D 247 -54.46 7.00 -5.22
CA LEU D 247 -54.06 6.80 -3.83
C LEU D 247 -52.64 7.30 -3.61
N ASN D 248 -52.42 7.93 -2.46
CA ASN D 248 -51.08 8.36 -2.08
C ASN D 248 -50.87 8.06 -0.61
N GLN D 249 -49.60 7.92 -0.22
CA GLN D 249 -49.29 7.69 1.19
C GLN D 249 -48.10 8.57 1.56
N LEU D 250 -48.14 9.08 2.79
CA LEU D 250 -47.14 10.00 3.30
C LEU D 250 -46.55 9.46 4.60
N ARG D 251 -45.23 9.46 4.66
CA ARG D 251 -44.47 9.20 5.88
C ARG D 251 -43.92 10.53 6.38
N TYR D 252 -44.09 10.79 7.66
CA TYR D 252 -43.58 12.02 8.25
C TYR D 252 -43.18 11.76 9.69
N GLN D 253 -41.94 12.08 10.04
CA GLN D 253 -41.45 11.71 11.36
C GLN D 253 -40.40 12.71 11.82
N PRO D 254 -40.38 13.03 13.12
CA PRO D 254 -39.23 13.74 13.70
C PRO D 254 -38.15 12.81 14.20
N LEU D 255 -37.12 13.37 14.85
CA LEU D 255 -36.03 12.58 15.40
C LEU D 255 -36.33 12.04 16.80
N ASN D 256 -37.50 12.35 17.38
CA ASN D 256 -37.77 11.91 18.74
C ASN D 256 -37.97 10.40 18.81
N SER D 257 -38.64 9.82 17.82
CA SER D 257 -38.92 8.39 17.80
C SER D 257 -38.56 7.83 16.42
N THR D 258 -38.17 6.56 16.41
CA THR D 258 -37.83 5.89 15.16
C THR D 258 -39.05 5.55 14.33
N SER D 259 -40.22 5.43 14.95
CA SER D 259 -41.43 5.15 14.19
C SER D 259 -41.79 6.33 13.30
N TRP D 260 -42.12 6.03 12.04
CA TRP D 260 -42.43 7.05 11.05
C TRP D 260 -43.94 7.17 10.89
N ASN D 261 -44.44 8.40 10.89
CA ASN D 261 -45.87 8.65 10.91
C ASN D 261 -46.49 8.33 9.56
N MET D 262 -47.48 7.43 9.57
CA MET D 262 -48.19 6.97 8.39
C MET D 262 -49.49 7.75 8.20
N VAL D 263 -49.74 8.17 6.96
CA VAL D 263 -51.07 8.69 6.62
C VAL D 263 -51.37 8.34 5.17
N ASN D 264 -52.62 8.00 4.91
CA ASN D 264 -53.10 7.67 3.58
C ASN D 264 -53.95 8.81 3.03
N ALA D 265 -54.11 8.82 1.70
CA ALA D 265 -54.93 9.84 1.06
C ALA D 265 -55.53 9.25 -0.20
N THR D 266 -56.82 9.50 -0.40
CA THR D 266 -57.55 9.04 -1.57
C THR D 266 -57.88 10.25 -2.44
N ASN D 267 -57.23 10.33 -3.61
CA ASN D 267 -57.40 11.41 -4.57
C ASN D 267 -57.10 12.76 -3.94
N ALA D 268 -55.86 12.91 -3.47
CA ALA D 268 -55.40 14.21 -2.97
C ALA D 268 -55.13 15.20 -4.09
N LYS D 269 -54.91 14.70 -5.32
CA LYS D 269 -54.68 15.53 -6.51
C LYS D 269 -53.50 16.48 -6.33
N GLY D 270 -52.42 15.97 -5.74
CA GLY D 270 -51.18 16.71 -5.65
C GLY D 270 -51.06 17.69 -4.51
N LYS D 271 -52.12 17.85 -3.70
CA LYS D 271 -52.09 18.82 -2.61
C LYS D 271 -52.71 18.19 -1.37
N TYR D 272 -52.11 18.49 -0.22
CA TYR D 272 -52.65 18.02 1.04
C TYR D 272 -52.41 19.08 2.10
N ASP D 273 -53.25 19.06 3.14
CA ASP D 273 -53.14 19.97 4.27
C ASP D 273 -52.87 19.16 5.53
N LEU D 274 -51.80 19.51 6.25
CA LEU D 274 -51.43 18.85 7.48
C LEU D 274 -51.80 19.74 8.66
N ARG D 275 -52.61 19.18 9.57
CA ARG D 275 -53.01 19.84 10.80
C ARG D 275 -52.34 19.14 11.97
N ASP D 276 -52.34 19.82 13.13
CA ASP D 276 -51.96 19.24 14.42
C ASP D 276 -50.52 18.69 14.37
N LEU D 277 -49.59 19.62 14.21
CA LEU D 277 -48.16 19.31 14.18
C LEU D 277 -47.51 19.86 15.44
N ARG D 278 -46.54 19.13 15.98
CA ARG D 278 -45.83 19.62 17.15
C ARG D 278 -44.77 20.65 16.73
N PRO D 279 -44.82 21.87 17.25
CA PRO D 279 -44.04 22.96 16.66
C PRO D 279 -42.58 22.96 17.09
N PHE D 280 -41.78 23.67 16.29
CA PHE D 280 -40.32 23.80 16.48
C PHE D 280 -39.69 22.40 16.53
N THR D 281 -39.74 21.70 15.40
CA THR D 281 -39.19 20.35 15.29
C THR D 281 -38.74 20.09 13.86
N GLU D 282 -37.56 19.50 13.70
CA GLU D 282 -37.10 19.07 12.39
C GLU D 282 -37.81 17.79 11.99
N TYR D 283 -38.29 17.73 10.74
CA TYR D 283 -39.09 16.63 10.22
C TYR D 283 -38.48 16.05 8.96
N GLU D 284 -38.67 14.75 8.78
CA GLU D 284 -38.40 14.03 7.54
C GLU D 284 -39.73 13.68 6.89
N PHE D 285 -39.86 14.05 5.62
CA PHE D 285 -41.08 13.85 4.84
C PHE D 285 -40.78 12.97 3.63
N GLN D 286 -41.61 11.94 3.41
CA GLN D 286 -41.50 11.07 2.25
C GLN D 286 -42.90 10.77 1.74
N ILE D 287 -42.99 10.46 0.44
CA ILE D 287 -44.27 10.23 -0.21
C ILE D 287 -44.14 9.07 -1.19
N SER D 288 -45.21 8.29 -1.33
CA SER D 288 -45.29 7.26 -2.35
C SER D 288 -46.68 7.25 -2.96
N SER D 289 -46.77 6.69 -4.16
CA SER D 289 -47.95 6.75 -5.01
C SER D 289 -48.58 5.38 -5.17
N LYS D 290 -49.82 5.38 -5.66
CA LYS D 290 -50.55 4.16 -5.99
C LYS D 290 -51.64 4.53 -6.99
N LEU D 291 -51.51 4.02 -8.21
CA LEU D 291 -52.38 4.47 -9.31
C LEU D 291 -53.82 4.01 -9.12
N HIS D 292 -54.01 2.79 -8.61
CA HIS D 292 -55.35 2.25 -8.46
C HIS D 292 -55.41 1.35 -7.23
N LEU D 293 -56.62 1.20 -6.68
CA LEU D 293 -56.82 0.33 -5.54
C LEU D 293 -56.56 -1.13 -5.90
N SER D 294 -57.07 -1.59 -7.05
CA SER D 294 -56.89 -2.96 -7.50
C SER D 294 -56.02 -3.04 -8.75
N GLY D 295 -55.28 -1.97 -9.05
CA GLY D 295 -54.42 -1.95 -10.20
C GLY D 295 -53.12 -1.24 -9.90
N GLY D 296 -52.14 -1.44 -10.78
CA GLY D 296 -50.84 -0.85 -10.56
C GLY D 296 -50.12 -1.52 -9.39
N SER D 297 -49.26 -0.74 -8.75
CA SER D 297 -48.49 -1.20 -7.60
C SER D 297 -48.12 -0.01 -6.74
N TRP D 298 -47.33 -0.26 -5.71
CA TRP D 298 -46.83 0.80 -4.85
C TRP D 298 -45.77 1.62 -5.59
N SER D 299 -45.18 2.57 -4.87
CA SER D 299 -44.10 3.37 -5.42
C SER D 299 -42.94 3.39 -4.44
N ASN D 300 -41.74 3.59 -4.97
CA ASN D 300 -40.56 3.73 -4.12
C ASN D 300 -40.63 5.01 -3.32
N TRP D 301 -39.90 5.04 -2.22
CA TRP D 301 -39.86 6.23 -1.38
C TRP D 301 -39.20 7.38 -2.13
N SER D 302 -39.80 8.57 -2.03
CA SER D 302 -39.30 9.74 -2.72
C SER D 302 -38.11 10.32 -1.96
N GLU D 303 -37.62 11.47 -2.41
CA GLU D 303 -36.55 12.15 -1.71
C GLU D 303 -37.04 12.64 -0.35
N SER D 304 -36.20 12.48 0.67
CA SER D 304 -36.58 12.89 2.01
C SER D 304 -36.50 14.41 2.14
N LEU D 305 -37.58 15.01 2.62
CA LEU D 305 -37.61 16.44 2.90
C LEU D 305 -37.19 16.68 4.34
N ARG D 306 -36.11 17.43 4.50
CA ARG D 306 -35.60 17.84 5.81
C ARG D 306 -36.12 19.23 6.11
N THR D 307 -37.17 19.32 6.92
CA THR D 307 -37.91 20.56 7.13
C THR D 307 -37.74 21.02 8.57
N ARG D 308 -37.76 22.34 8.76
CA ARG D 308 -37.79 22.92 10.10
C ARG D 308 -39.17 23.50 10.36
N THR D 309 -39.71 23.22 11.55
CA THR D 309 -41.03 23.72 11.91
C THR D 309 -40.91 25.08 12.59
N PRO D 310 -41.66 26.09 12.15
CA PRO D 310 -41.55 27.42 12.76
C PRO D 310 -42.05 27.44 14.20
N GLU D 311 -41.75 28.54 14.86
CA GLU D 311 -42.12 28.74 16.26
C GLU D 311 -43.63 28.95 16.39
N GLU D 312 -44.12 28.75 17.62
CA GLU D 312 -45.49 29.10 17.97
C GLU D 312 -45.45 29.85 19.31
N GLU D 313 -46.20 30.93 19.38
CA GLU D 313 -46.20 31.78 20.57
C GLU D 313 -46.75 31.01 21.76
N PRO D 314 -46.01 30.92 22.87
CA PRO D 314 -46.46 30.09 24.00
C PRO D 314 -47.61 30.73 24.74
N VAL D 315 -48.36 29.88 25.45
CA VAL D 315 -49.46 30.31 26.29
C VAL D 315 -49.25 29.93 27.76
N GLY D 316 -48.05 29.46 28.10
CA GLY D 316 -47.76 29.05 29.46
C GLY D 316 -47.63 30.23 30.40
N ILE D 317 -47.70 29.92 31.69
CA ILE D 317 -47.62 30.92 32.76
C ILE D 317 -46.38 30.63 33.58
N LEU D 318 -45.53 31.64 33.72
CA LEU D 318 -44.25 31.52 34.42
C LEU D 318 -44.33 32.26 35.74
N ASP D 319 -43.91 31.57 36.82
CA ASP D 319 -43.86 32.21 38.12
C ASP D 319 -42.62 33.09 38.24
N ILE D 320 -42.76 34.20 38.95
CA ILE D 320 -41.67 35.15 39.15
C ILE D 320 -41.41 35.26 40.65
N TRP D 321 -40.14 35.15 41.03
CA TRP D 321 -39.75 35.13 42.44
C TRP D 321 -39.02 36.41 42.82
N TYR D 322 -39.27 36.85 44.06
CA TYR D 322 -38.71 38.10 44.57
C TYR D 322 -38.04 37.86 45.91
N MET D 323 -37.05 38.68 46.21
CA MET D 323 -36.48 38.78 47.54
C MET D 323 -36.64 40.20 48.04
N LYS D 324 -36.88 40.32 49.36
CA LYS D 324 -37.12 41.61 50.00
C LYS D 324 -35.95 41.89 50.94
N GLN D 325 -35.00 42.70 50.48
CA GLN D 325 -33.90 43.18 51.29
C GLN D 325 -34.06 44.68 51.49
N ASP D 326 -33.94 45.12 52.75
CA ASP D 326 -34.29 46.48 53.16
C ASP D 326 -33.02 47.33 53.24
N ILE D 327 -32.78 48.13 52.19
CA ILE D 327 -31.75 49.16 52.29
C ILE D 327 -32.22 50.28 53.22
N ASP D 328 -33.44 50.76 53.01
CA ASP D 328 -34.02 51.82 53.83
C ASP D 328 -35.53 51.78 53.66
N TYR D 329 -36.22 52.56 54.50
CA TYR D 329 -37.67 52.57 54.50
C TYR D 329 -38.24 53.29 53.29
N ASP D 330 -37.43 54.04 52.54
CA ASP D 330 -37.90 54.77 51.38
C ASP D 330 -37.19 54.40 50.09
N ARG D 331 -36.15 53.56 50.16
CA ARG D 331 -35.42 53.12 48.98
C ARG D 331 -35.10 51.63 49.09
N GLN D 332 -36.10 50.84 49.47
CA GLN D 332 -35.93 49.40 49.62
C GLN D 332 -35.68 48.73 48.27
N GLN D 333 -34.85 47.71 48.28
CA GLN D 333 -34.46 47.04 47.05
C GLN D 333 -35.30 45.80 46.82
N ILE D 334 -35.80 45.63 45.60
CA ILE D 334 -36.62 44.49 45.21
C ILE D 334 -35.93 43.78 44.06
N SER D 335 -35.73 42.48 44.20
CA SER D 335 -35.20 41.64 43.16
C SER D 335 -36.32 40.88 42.48
N LEU D 336 -36.08 40.50 41.22
CA LEU D 336 -37.02 39.76 40.40
C LEU D 336 -36.25 38.63 39.74
N PHE D 337 -36.65 37.40 40.04
CA PHE D 337 -36.01 36.21 39.50
C PHE D 337 -37.05 35.27 38.91
N TRP D 338 -36.70 34.64 37.80
CA TRP D 338 -37.55 33.66 37.16
C TRP D 338 -36.67 32.68 36.41
N LYS D 339 -37.23 31.51 36.12
CA LYS D 339 -36.51 30.51 35.32
C LYS D 339 -37.50 29.75 34.46
N SER D 340 -37.23 29.73 33.16
CA SER D 340 -38.05 29.01 32.19
C SER D 340 -37.31 27.77 31.74
N LEU D 341 -37.87 26.60 32.05
CA LEU D 341 -37.19 25.33 31.82
C LEU D 341 -38.02 24.33 31.03
N ASN D 342 -39.11 24.76 30.39
CA ASN D 342 -39.92 23.86 29.60
C ASN D 342 -40.22 24.48 28.24
N PRO D 343 -40.23 23.68 27.16
CA PRO D 343 -40.62 24.19 25.83
C PRO D 343 -42.13 24.31 25.63
N SER D 344 -42.82 24.80 26.66
CA SER D 344 -44.19 25.27 26.54
C SER D 344 -44.33 26.70 27.01
N GLU D 345 -43.35 27.22 27.76
CA GLU D 345 -43.24 28.63 28.09
C GLU D 345 -41.91 29.23 27.65
N ALA D 346 -40.94 28.39 27.27
CA ALA D 346 -39.66 28.81 26.73
C ALA D 346 -39.47 28.22 25.34
N ARG D 347 -40.56 27.98 24.63
CA ARG D 347 -40.49 27.42 23.28
C ARG D 347 -39.98 28.46 22.29
N GLY D 348 -38.98 28.08 21.50
CA GLY D 348 -38.46 28.94 20.47
C GLY D 348 -37.35 29.87 20.95
N LYS D 349 -36.92 30.73 20.02
CA LYS D 349 -35.82 31.66 20.25
C LYS D 349 -36.33 32.84 21.06
N ILE D 350 -36.24 32.71 22.39
CA ILE D 350 -36.63 33.78 23.29
C ILE D 350 -35.43 34.68 23.56
N LEU D 351 -35.62 35.98 23.39
CA LEU D 351 -34.53 36.92 23.57
C LEU D 351 -34.93 38.11 24.44
N HIS D 352 -36.18 38.55 24.33
CA HIS D 352 -36.64 39.76 24.97
C HIS D 352 -37.53 39.44 26.16
N TYR D 353 -37.29 40.13 27.27
CA TYR D 353 -38.10 40.00 28.48
C TYR D 353 -38.57 41.39 28.88
N GLN D 354 -39.83 41.70 28.59
CA GLN D 354 -40.39 43.00 28.96
C GLN D 354 -40.97 42.88 30.37
N VAL D 355 -40.26 43.41 31.35
CA VAL D 355 -40.70 43.35 32.74
C VAL D 355 -41.45 44.62 33.07
N THR D 356 -42.51 44.50 33.87
CA THR D 356 -43.38 45.64 34.20
C THR D 356 -43.96 45.44 35.58
N LEU D 357 -43.73 46.42 36.45
CA LEU D 357 -44.19 46.40 37.83
C LEU D 357 -45.29 47.44 38.03
N GLN D 358 -46.35 47.07 38.74
CA GLN D 358 -47.40 47.99 39.15
C GLN D 358 -47.39 48.13 40.66
N GLU D 359 -47.81 49.30 41.14
CA GLU D 359 -48.00 49.53 42.56
C GLU D 359 -49.49 49.50 42.86
N VAL D 360 -49.87 48.77 43.91
CA VAL D 360 -51.28 48.51 44.15
C VAL D 360 -51.96 49.68 44.83
N THR D 361 -51.31 50.26 45.85
CA THR D 361 -51.94 51.33 46.62
C THR D 361 -52.07 52.60 45.80
N LYS D 362 -51.07 52.94 45.00
CA LYS D 362 -51.10 54.14 44.19
C LYS D 362 -50.74 53.81 42.75
N LYS D 363 -51.34 54.55 41.82
CA LYS D 363 -51.19 54.27 40.39
C LYS D 363 -49.79 54.65 39.95
N THR D 364 -48.91 53.65 39.87
CA THR D 364 -47.55 53.85 39.38
C THR D 364 -47.08 52.55 38.74
N THR D 365 -46.37 52.67 37.62
CA THR D 365 -45.88 51.50 36.92
C THR D 365 -44.50 51.78 36.36
N LEU D 366 -43.72 50.71 36.20
CA LEU D 366 -42.37 50.78 35.67
C LEU D 366 -42.19 49.66 34.65
N GLN D 367 -41.47 49.96 33.56
CA GLN D 367 -41.22 49.00 32.50
C GLN D 367 -39.74 48.98 32.14
N ASN D 368 -39.25 47.81 31.75
CA ASN D 368 -37.85 47.66 31.37
C ASN D 368 -37.71 46.43 30.47
N THR D 369 -36.58 46.37 29.77
CA THR D 369 -36.25 45.25 28.89
C THR D 369 -35.03 44.54 29.44
N THR D 370 -35.12 43.23 29.60
CA THR D 370 -34.05 42.40 30.15
C THR D 370 -33.84 41.17 29.28
N ARG D 371 -32.58 40.74 29.18
CA ARG D 371 -32.23 39.51 28.51
C ARG D 371 -31.80 38.40 29.47
N HIS D 372 -31.52 38.73 30.72
CA HIS D 372 -31.13 37.75 31.72
C HIS D 372 -32.26 37.56 32.74
N THR D 373 -32.10 36.56 33.59
CA THR D 373 -33.18 36.07 34.45
C THR D 373 -33.27 36.78 35.80
N SER D 374 -32.32 37.65 36.12
CA SER D 374 -32.32 38.35 37.40
C SER D 374 -32.28 39.86 37.17
N TRP D 375 -33.15 40.59 37.88
CA TRP D 375 -33.22 42.03 37.68
C TRP D 375 -33.58 42.70 39.00
N THR D 376 -33.01 43.89 39.22
CA THR D 376 -33.08 44.56 40.50
C THR D 376 -33.62 45.97 40.34
N ARG D 377 -34.34 46.47 41.34
CA ARG D 377 -34.86 47.83 41.26
C ARG D 377 -35.08 48.39 42.66
N VAL D 378 -34.85 49.69 42.80
CA VAL D 378 -35.07 50.41 44.05
C VAL D 378 -36.48 51.00 44.03
N ILE D 379 -37.25 50.71 45.07
CA ILE D 379 -38.63 51.18 45.21
C ILE D 379 -38.86 51.59 46.65
N PRO D 380 -39.62 52.67 46.87
CA PRO D 380 -40.10 52.97 48.22
C PRO D 380 -40.90 51.82 48.80
N ARG D 381 -40.71 51.57 50.11
CA ARG D 381 -41.26 50.39 50.76
C ARG D 381 -42.78 50.46 50.90
N THR D 382 -43.36 51.66 50.92
CA THR D 382 -44.80 51.79 51.15
C THR D 382 -45.58 51.27 49.94
N GLY D 383 -46.67 50.56 50.22
CA GLY D 383 -47.55 50.05 49.19
C GLY D 383 -47.29 48.59 48.85
N ALA D 384 -48.22 48.01 48.11
CA ALA D 384 -48.07 46.65 47.60
C ALA D 384 -47.65 46.70 46.12
N TRP D 385 -47.42 45.52 45.55
CA TRP D 385 -46.89 45.45 44.19
C TRP D 385 -47.54 44.30 43.43
N THR D 386 -47.49 44.40 42.10
CA THR D 386 -47.83 43.31 41.20
C THR D 386 -46.79 43.29 40.09
N ALA D 387 -46.03 42.20 40.00
CA ALA D 387 -44.93 42.13 39.05
C ALA D 387 -45.29 41.21 37.90
N SER D 388 -45.11 41.69 36.67
CA SER D 388 -45.45 40.94 35.48
C SER D 388 -44.25 40.89 34.54
N VAL D 389 -44.13 39.78 33.81
CA VAL D 389 -43.09 39.61 32.81
C VAL D 389 -43.71 38.96 31.59
N SER D 390 -43.13 39.25 30.43
CA SER D 390 -43.53 38.66 29.16
C SER D 390 -42.43 37.75 28.63
N ALA D 391 -42.81 36.87 27.70
CA ALA D 391 -41.90 35.93 27.06
C ALA D 391 -41.95 36.22 25.55
N ALA D 392 -41.10 37.15 25.12
CA ALA D 392 -41.15 37.68 23.75
C ALA D 392 -40.25 36.84 22.85
N ASN D 393 -40.89 36.06 21.98
CA ASN D 393 -40.16 35.17 21.04
C ASN D 393 -40.19 35.79 19.63
N SER D 394 -40.05 34.95 18.60
CA SER D 394 -39.98 35.46 17.20
C SER D 394 -41.29 36.13 16.75
N LYS D 395 -42.45 35.55 17.06
CA LYS D 395 -43.73 36.10 16.52
C LYS D 395 -44.48 36.99 17.53
N GLY D 396 -43.87 37.27 18.68
CA GLY D 396 -44.53 38.19 19.64
C GLY D 396 -44.20 37.79 21.07
N ALA D 397 -45.01 38.21 22.03
CA ALA D 397 -44.79 37.78 23.40
C ALA D 397 -45.92 36.88 23.87
N SER D 398 -45.65 36.13 24.93
CA SER D 398 -46.66 35.26 25.53
C SER D 398 -47.59 36.10 26.40
N ALA D 399 -48.45 35.42 27.15
CA ALA D 399 -49.35 36.12 28.07
C ALA D 399 -48.54 36.77 29.19
N PRO D 400 -48.88 37.99 29.59
CA PRO D 400 -48.14 38.65 30.67
C PRO D 400 -48.37 37.97 32.01
N THR D 401 -47.34 37.29 32.52
CA THR D 401 -47.48 36.53 33.75
C THR D 401 -47.21 37.45 34.93
N HIS D 402 -48.16 37.54 35.85
CA HIS D 402 -48.11 38.50 36.95
C HIS D 402 -48.32 37.80 38.29
N ILE D 403 -47.62 38.30 39.30
CA ILE D 403 -47.66 37.75 40.65
C ILE D 403 -47.83 38.91 41.62
N ASN D 404 -48.78 38.77 42.55
CA ASN D 404 -48.98 39.74 43.62
C ASN D 404 -47.84 39.65 44.62
N ILE D 405 -47.48 40.79 45.21
CA ILE D 405 -46.37 40.88 46.15
C ILE D 405 -46.90 41.36 47.48
N VAL D 406 -46.59 40.62 48.55
CA VAL D 406 -46.94 41.00 49.91
C VAL D 406 -45.67 41.05 50.73
N ASP D 407 -45.80 41.31 52.03
CA ASP D 407 -44.64 41.32 52.91
C ASP D 407 -44.03 39.92 52.99
N LEU D 408 -42.70 39.88 53.22
CA LEU D 408 -41.99 38.61 53.25
C LEU D 408 -42.46 37.73 54.40
N CYS D 409 -42.72 38.33 55.56
CA CYS D 409 -43.27 37.63 56.70
C CYS D 409 -44.44 38.41 57.26
N GLY D 410 -45.53 37.71 57.58
CA GLY D 410 -46.69 38.29 58.20
C GLY D 410 -46.76 37.97 59.68
N THR D 411 -47.96 37.72 60.16
CA THR D 411 -48.15 37.36 61.56
C THR D 411 -47.74 35.90 61.79
N GLY D 412 -47.43 35.60 63.05
CA GLY D 412 -47.13 34.23 63.44
C GLY D 412 -48.35 33.37 63.66
N LEU D 413 -49.55 33.95 63.57
CA LEU D 413 -50.78 33.17 63.69
C LEU D 413 -50.93 32.19 62.54
N LEU D 414 -50.56 32.60 61.34
CA LEU D 414 -50.62 31.74 60.16
C LEU D 414 -49.36 30.92 59.96
N ALA D 415 -48.38 31.05 60.84
CA ALA D 415 -47.13 30.30 60.71
C ALA D 415 -47.38 28.83 61.00
N PRO D 416 -47.01 27.85 60.13
CA PRO D 416 -47.34 26.45 60.42
C PRO D 416 -46.47 25.89 61.56
N HIS D 417 -46.68 24.62 61.92
CA HIS D 417 -45.79 23.99 62.94
C HIS D 417 -44.43 23.75 62.29
N GLN D 418 -43.38 23.50 63.07
CA GLN D 418 -42.03 23.40 62.46
C GLN D 418 -42.08 22.40 61.31
N VAL D 419 -41.64 22.82 60.12
CA VAL D 419 -41.73 21.95 58.91
C VAL D 419 -40.68 20.84 59.00
N SER D 420 -41.00 19.66 58.46
CA SER D 420 -40.05 18.51 58.52
C SER D 420 -39.55 18.15 57.12
N ALA D 421 -38.40 17.48 57.02
CA ALA D 421 -37.81 17.12 55.74
C ALA D 421 -37.16 15.74 55.84
N LYS D 422 -37.42 14.89 54.84
CA LYS D 422 -36.88 13.53 54.84
C LYS D 422 -36.31 13.20 53.47
N SER D 423 -35.09 12.64 53.48
CA SER D 423 -34.41 12.19 52.27
C SER D 423 -34.16 10.69 52.39
N GLU D 424 -35.03 9.91 51.74
CA GLU D 424 -34.79 8.48 51.60
C GLU D 424 -33.90 8.16 50.40
N ASN D 425 -33.62 9.16 49.55
CA ASN D 425 -32.80 8.98 48.37
C ASN D 425 -31.71 10.05 48.37
N MET D 426 -30.57 9.71 47.75
CA MET D 426 -29.44 10.62 47.74
C MET D 426 -29.68 11.86 46.87
N ASP D 427 -30.66 11.80 45.97
CA ASP D 427 -31.01 12.91 45.10
C ASP D 427 -32.49 13.21 45.16
N ASN D 428 -33.03 13.23 46.39
CA ASN D 428 -34.46 13.48 46.56
C ASN D 428 -34.71 13.96 47.98
N ILE D 429 -35.63 14.93 48.13
CA ILE D 429 -36.08 15.40 49.43
C ILE D 429 -37.59 15.61 49.40
N LEU D 430 -38.26 15.06 50.41
CA LEU D 430 -39.69 15.25 50.64
C LEU D 430 -39.85 16.20 51.81
N VAL D 431 -40.66 17.24 51.64
CA VAL D 431 -40.92 18.19 52.72
C VAL D 431 -42.40 18.12 53.10
N THR D 432 -42.66 17.89 54.38
CA THR D 432 -44.01 17.72 54.91
C THR D 432 -44.23 18.80 55.96
N TRP D 433 -45.30 19.57 55.80
CA TRP D 433 -45.62 20.68 56.68
C TRP D 433 -46.91 20.38 57.43
N GLN D 434 -46.94 20.76 58.70
CA GLN D 434 -48.19 20.74 59.44
C GLN D 434 -49.05 21.95 59.04
N PRO D 435 -50.37 21.83 59.10
CA PRO D 435 -51.22 22.97 58.79
C PRO D 435 -51.06 24.05 59.83
N PRO D 436 -51.36 25.30 59.48
CA PRO D 436 -51.26 26.40 60.45
C PRO D 436 -52.23 26.20 61.61
N LYS D 437 -51.82 26.73 62.77
CA LYS D 437 -52.54 26.51 64.02
C LYS D 437 -53.96 27.06 64.00
N LYS D 438 -54.22 28.11 63.22
CA LYS D 438 -55.58 28.63 63.13
C LYS D 438 -56.45 27.76 62.22
N ALA D 439 -56.08 27.68 60.94
CA ALA D 439 -56.80 26.88 59.96
C ALA D 439 -55.90 26.69 58.74
N ASP D 440 -56.43 25.99 57.74
CA ASP D 440 -55.74 25.79 56.48
C ASP D 440 -56.59 26.19 55.29
N SER D 441 -57.62 27.00 55.48
CA SER D 441 -58.57 27.35 54.43
C SER D 441 -58.36 28.74 53.85
N ALA D 442 -57.86 29.68 54.67
CA ALA D 442 -57.66 31.05 54.18
C ALA D 442 -56.61 31.12 53.07
N VAL D 443 -55.52 30.37 53.21
CA VAL D 443 -54.48 30.34 52.20
C VAL D 443 -54.83 29.29 51.14
N ARG D 444 -54.52 29.62 49.88
CA ARG D 444 -54.90 28.78 48.75
C ARG D 444 -53.74 28.30 47.91
N GLU D 445 -52.49 28.63 48.26
CA GLU D 445 -51.33 28.23 47.50
C GLU D 445 -50.08 28.47 48.33
N TYR D 446 -49.15 27.52 48.31
CA TYR D 446 -47.89 27.65 49.02
C TYR D 446 -46.74 27.74 48.02
N ILE D 447 -45.76 28.58 48.32
CA ILE D 447 -44.56 28.72 47.52
C ILE D 447 -43.38 28.24 48.36
N VAL D 448 -42.45 27.51 47.75
CA VAL D 448 -41.32 26.93 48.47
C VAL D 448 -40.04 27.33 47.76
N GLU D 449 -39.03 27.70 48.54
CA GLU D 449 -37.76 28.16 48.00
C GLU D 449 -36.61 27.54 48.78
N TRP D 450 -35.46 27.41 48.13
CA TRP D 450 -34.24 26.99 48.84
C TRP D 450 -33.02 27.77 48.35
N PRO D 463 -31.56 31.54 45.48
CA PRO D 463 -32.63 30.59 45.81
C PRO D 463 -33.44 30.16 44.60
N HIS D 464 -34.05 28.98 44.67
CA HIS D 464 -34.85 28.43 43.59
C HIS D 464 -36.20 28.01 44.15
N TRP D 465 -37.22 28.03 43.30
CA TRP D 465 -38.62 28.07 43.74
C TRP D 465 -39.44 26.98 43.07
N LEU D 466 -40.39 26.44 43.84
CA LEU D 466 -41.44 25.56 43.37
C LEU D 466 -42.77 25.99 43.98
N ARG D 467 -43.85 25.45 43.43
CA ARG D 467 -45.20 25.73 43.89
C ARG D 467 -45.84 24.45 44.42
N ILE D 468 -46.73 24.59 45.40
CA ILE D 468 -47.47 23.42 45.88
C ILE D 468 -48.86 23.86 46.35
N PRO D 469 -49.92 23.14 45.96
CA PRO D 469 -51.25 23.47 46.47
C PRO D 469 -51.38 23.09 47.94
N PRO D 470 -52.29 23.74 48.67
CA PRO D 470 -52.51 23.35 50.07
C PRO D 470 -53.12 21.98 50.24
N ASP D 471 -53.86 21.49 49.23
CA ASP D 471 -54.48 20.18 49.33
C ASP D 471 -53.44 19.07 49.40
N ASN D 472 -52.35 19.21 48.67
CA ASN D 472 -51.29 18.22 48.73
C ASN D 472 -50.58 18.28 50.08
N MET D 473 -50.39 17.11 50.68
CA MET D 473 -49.85 17.06 52.04
C MET D 473 -48.37 17.43 52.06
N SER D 474 -47.59 16.88 51.14
CA SER D 474 -46.15 17.09 51.11
C SER D 474 -45.73 17.66 49.75
N ALA D 475 -44.43 17.91 49.62
CA ALA D 475 -43.85 18.36 48.36
C ALA D 475 -42.63 17.51 48.04
N LEU D 476 -42.57 17.03 46.81
CA LEU D 476 -41.49 16.20 46.28
C LEU D 476 -40.57 17.09 45.46
N ILE D 477 -39.35 17.32 45.95
CA ILE D 477 -38.38 18.10 45.20
C ILE D 477 -37.09 17.30 45.09
N SER D 478 -36.57 17.20 43.85
CA SER D 478 -35.40 16.39 43.57
C SER D 478 -34.48 17.04 42.54
N GLU D 479 -34.57 18.35 42.38
CA GLU D 479 -33.87 19.04 41.31
C GLU D 479 -33.06 20.21 41.86
N ASN D 480 -31.90 20.42 41.23
CA ASN D 480 -31.00 21.55 41.53
C ASN D 480 -30.61 21.55 43.00
N ILE D 481 -30.28 20.36 43.51
CA ILE D 481 -29.82 20.18 44.89
C ILE D 481 -28.64 19.23 44.86
N LYS D 482 -27.62 19.52 45.66
CA LYS D 482 -26.44 18.68 45.72
C LYS D 482 -26.16 18.26 47.16
N PRO D 483 -26.17 16.95 47.45
CA PRO D 483 -25.83 16.49 48.80
C PRO D 483 -24.44 16.94 49.24
N TYR D 484 -24.22 16.81 50.56
CA TYR D 484 -23.01 17.24 51.28
C TYR D 484 -22.87 18.75 51.33
N ILE D 485 -23.97 19.47 51.10
CA ILE D 485 -24.05 20.91 51.34
C ILE D 485 -25.26 21.18 52.23
N CYS D 486 -25.05 21.96 53.28
CA CYS D 486 -26.15 22.40 54.13
C CYS D 486 -27.06 23.33 53.36
N TYR D 487 -28.36 23.07 53.38
CA TYR D 487 -29.32 23.90 52.69
C TYR D 487 -30.32 24.48 53.68
N GLU D 488 -31.02 25.52 53.22
CA GLU D 488 -32.16 26.08 53.92
C GLU D 488 -33.39 25.89 53.06
N ILE D 489 -34.51 25.53 53.68
CA ILE D 489 -35.77 25.36 52.97
C ILE D 489 -36.80 26.29 53.61
N ARG D 490 -37.54 27.00 52.77
CA ARG D 490 -38.48 28.01 53.22
C ARG D 490 -39.79 27.83 52.49
N VAL D 491 -40.90 27.99 53.21
CA VAL D 491 -42.23 28.00 52.62
C VAL D 491 -42.96 29.26 53.05
N HIS D 492 -43.55 29.94 52.07
CA HIS D 492 -44.42 31.08 52.30
C HIS D 492 -45.84 30.68 51.93
N ALA D 493 -46.78 30.95 52.84
CA ALA D 493 -48.20 30.77 52.58
C ALA D 493 -48.73 32.05 51.95
N LEU D 494 -48.97 32.02 50.64
CA LEU D 494 -49.26 33.23 49.88
C LEU D 494 -50.70 33.67 50.16
N SER D 495 -50.85 34.84 50.75
CA SER D 495 -52.14 35.43 51.05
C SER D 495 -52.16 36.88 50.59
N GLU D 496 -53.36 37.38 50.28
CA GLU D 496 -53.50 38.75 49.81
C GLU D 496 -53.17 39.78 50.88
N SER D 497 -53.57 39.53 52.14
CA SER D 497 -53.40 40.52 53.19
C SER D 497 -52.05 40.40 53.87
N GLN D 498 -51.76 39.24 54.48
CA GLN D 498 -50.51 39.04 55.19
C GLN D 498 -50.13 37.57 55.07
N GLY D 499 -49.08 37.29 54.31
CA GLY D 499 -48.64 35.92 54.11
C GLY D 499 -47.70 35.45 55.20
N GLY D 500 -47.94 34.21 55.65
CA GLY D 500 -47.08 33.61 56.64
C GLY D 500 -45.77 33.11 56.06
N CYS D 501 -44.80 32.88 56.95
CA CYS D 501 -43.49 32.40 56.54
C CYS D 501 -42.98 31.37 57.53
N SER D 502 -42.24 30.39 57.02
CA SER D 502 -41.50 29.49 57.89
C SER D 502 -40.32 28.91 57.12
N SER D 503 -39.31 28.46 57.85
CA SER D 503 -38.11 27.93 57.24
C SER D 503 -37.37 27.07 58.24
N ILE D 504 -36.48 26.20 57.72
CA ILE D 504 -35.64 25.35 58.56
C ILE D 504 -34.45 24.91 57.72
N ARG D 505 -33.36 24.56 58.39
CA ARG D 505 -32.14 24.12 57.72
C ARG D 505 -32.06 22.60 57.72
N GLY D 506 -31.50 22.05 56.64
CA GLY D 506 -31.36 20.61 56.51
C GLY D 506 -30.59 20.27 55.25
N ASP D 507 -30.29 18.99 55.12
CA ASP D 507 -29.55 18.48 53.97
C ASP D 507 -30.11 17.13 53.56
N SER D 508 -29.83 16.74 52.32
CA SER D 508 -30.30 15.45 51.82
C SER D 508 -29.49 14.31 52.41
N LYS D 509 -28.18 14.30 52.15
CA LYS D 509 -27.28 13.26 52.66
C LYS D 509 -26.11 13.91 53.37
N HIS D 510 -25.71 13.31 54.49
CA HIS D 510 -24.58 13.80 55.26
C HIS D 510 -23.84 12.62 55.86
N LYS D 511 -22.53 12.80 56.06
CA LYS D 511 -21.70 11.80 56.72
C LYS D 511 -20.93 12.45 57.86
N ALA D 512 -19.97 11.72 58.44
CA ALA D 512 -19.15 12.27 59.50
C ALA D 512 -18.30 13.43 58.99
N PRO D 513 -18.20 14.51 59.76
CA PRO D 513 -17.38 15.65 59.33
C PRO D 513 -15.90 15.29 59.28
N VAL D 514 -15.19 15.95 58.36
CA VAL D 514 -13.76 15.68 58.18
C VAL D 514 -12.97 16.12 59.41
N SER D 515 -13.29 17.29 59.95
CA SER D 515 -12.59 17.81 61.13
C SER D 515 -13.52 18.78 61.85
N GLY D 516 -13.06 19.26 63.00
CA GLY D 516 -13.79 20.22 63.78
C GLY D 516 -13.04 21.52 63.95
N PRO D 517 -13.72 22.56 64.44
CA PRO D 517 -13.08 23.87 64.61
C PRO D 517 -12.04 23.90 65.73
N HIS D 518 -11.37 25.03 65.89
CA HIS D 518 -10.32 25.19 66.89
C HIS D 518 -10.81 26.04 68.05
N ILE D 519 -10.30 25.74 69.24
CA ILE D 519 -10.55 26.57 70.42
C ILE D 519 -9.63 27.78 70.31
N THR D 520 -10.18 28.91 69.84
CA THR D 520 -9.35 30.08 69.55
C THR D 520 -9.09 30.89 70.82
N ALA D 521 -10.14 31.40 71.45
CA ALA D 521 -10.00 32.30 72.59
C ALA D 521 -10.69 31.73 73.81
N ILE D 522 -10.05 31.86 74.96
CA ILE D 522 -10.62 31.50 76.25
C ILE D 522 -10.52 32.69 77.18
N THR D 523 -11.61 33.01 77.87
CA THR D 523 -11.63 34.12 78.81
C THR D 523 -12.34 33.69 80.08
N GLU D 524 -11.97 34.31 81.20
CA GLU D 524 -12.61 34.07 82.48
C GLU D 524 -13.15 35.40 83.01
N LYS D 525 -14.43 35.42 83.37
CA LYS D 525 -15.05 36.63 83.89
C LYS D 525 -16.37 36.25 84.57
N LYS D 526 -16.65 36.90 85.71
CA LYS D 526 -17.87 36.69 86.49
C LYS D 526 -18.04 35.23 86.88
N GLU D 527 -16.91 34.59 87.23
CA GLU D 527 -16.85 33.16 87.56
C GLU D 527 -17.40 32.28 86.44
N ARG D 528 -17.21 32.71 85.20
CA ARG D 528 -17.68 31.97 84.03
C ARG D 528 -16.59 31.97 82.98
N LEU D 529 -16.42 30.83 82.30
CA LEU D 529 -15.42 30.68 81.26
C LEU D 529 -16.09 30.77 79.90
N PHE D 530 -15.65 31.72 79.08
CA PHE D 530 -16.18 31.93 77.74
C PHE D 530 -15.20 31.38 76.72
N ILE D 531 -15.70 30.56 75.79
CA ILE D 531 -14.91 29.98 74.72
C ILE D 531 -15.39 30.58 73.42
N SER D 532 -14.48 31.20 72.66
CA SER D 532 -14.79 31.82 71.40
C SER D 532 -14.01 31.13 70.28
N TRP D 533 -14.70 30.86 69.18
CA TRP D 533 -14.07 30.19 68.04
C TRP D 533 -14.32 30.98 66.76
N THR D 534 -13.92 30.41 65.63
CA THR D 534 -14.15 30.99 64.32
C THR D 534 -15.08 30.05 63.53
N HIS D 535 -15.65 30.59 62.46
CA HIS D 535 -16.56 29.82 61.62
C HIS D 535 -15.76 28.75 60.88
N ILE D 536 -16.06 27.49 61.17
CA ILE D 536 -15.37 26.37 60.52
C ILE D 536 -15.73 26.35 59.04
N PRO D 537 -14.76 26.19 58.14
CA PRO D 537 -15.06 26.23 56.70
C PRO D 537 -16.00 25.12 56.25
N PHE D 538 -16.66 25.40 55.14
CA PHE D 538 -17.72 24.53 54.63
C PHE D 538 -17.28 23.12 54.25
N PRO D 539 -16.21 22.89 53.47
CA PRO D 539 -16.02 21.55 52.86
C PRO D 539 -15.78 20.42 53.85
N GLU D 540 -15.41 20.69 55.10
CA GLU D 540 -15.07 19.59 56.00
C GLU D 540 -16.29 19.02 56.73
N GLN D 541 -17.42 19.75 56.78
CA GLN D 541 -18.58 19.19 57.45
C GLN D 541 -19.28 18.16 56.56
N ARG D 542 -19.33 18.42 55.25
CA ARG D 542 -20.01 17.56 54.27
C ARG D 542 -21.49 17.40 54.62
N GLY D 543 -22.20 18.52 54.66
CA GLY D 543 -23.61 18.53 54.97
C GLY D 543 -24.00 19.56 55.99
N CYS D 544 -25.01 19.27 56.80
CA CYS D 544 -25.45 20.17 57.87
C CYS D 544 -24.93 19.65 59.20
N ILE D 545 -24.22 20.51 59.93
CA ILE D 545 -23.76 20.16 61.27
C ILE D 545 -24.94 20.26 62.24
N LEU D 546 -25.06 19.24 63.09
CA LEU D 546 -26.17 19.18 64.04
C LEU D 546 -25.87 19.82 65.38
N HIS D 547 -24.77 19.43 66.04
CA HIS D 547 -24.46 20.00 67.34
C HIS D 547 -22.98 19.80 67.64
N TYR D 548 -22.56 20.35 68.78
CA TYR D 548 -21.19 20.24 69.24
C TYR D 548 -21.16 19.63 70.64
N ARG D 549 -20.12 18.84 70.89
CA ARG D 549 -19.92 18.19 72.18
C ARG D 549 -18.53 18.53 72.68
N ILE D 550 -18.45 19.27 73.78
CA ILE D 550 -17.17 19.73 74.32
C ILE D 550 -16.81 18.87 75.53
N TYR D 551 -15.61 18.29 75.49
CA TYR D 551 -15.10 17.46 76.57
C TYR D 551 -14.00 18.21 77.29
N TRP D 552 -14.13 18.35 78.60
CA TRP D 552 -13.11 18.94 79.44
C TRP D 552 -12.85 18.03 80.62
N LYS D 553 -11.60 18.04 81.10
CA LYS D 553 -11.23 17.24 82.25
C LYS D 553 -10.01 17.88 82.89
N GLU D 554 -9.58 17.32 84.01
CA GLU D 554 -8.30 17.75 84.57
C GLU D 554 -7.18 16.93 83.94
N ARG D 555 -5.96 17.48 84.04
CA ARG D 555 -4.83 16.90 83.32
C ARG D 555 -4.44 15.54 83.89
N ASP D 556 -4.70 15.31 85.17
CA ASP D 556 -4.26 14.11 85.87
C ASP D 556 -5.32 13.03 85.94
N SER D 557 -6.47 13.21 85.30
CA SER D 557 -7.55 12.23 85.31
C SER D 557 -7.55 11.44 84.01
N THR D 558 -7.45 10.12 84.12
CA THR D 558 -7.57 9.23 82.97
C THR D 558 -8.98 8.70 82.79
N ALA D 559 -9.94 9.18 83.59
CA ALA D 559 -11.33 8.71 83.51
C ALA D 559 -12.04 9.42 82.36
N GLN D 560 -13.36 9.27 82.30
CA GLN D 560 -14.14 9.89 81.25
C GLN D 560 -14.16 11.40 81.43
N PRO D 561 -13.76 12.19 80.43
CA PRO D 561 -13.87 13.64 80.56
C PRO D 561 -15.32 14.09 80.62
N GLU D 562 -15.57 15.10 81.44
CA GLU D 562 -16.92 15.65 81.56
C GLU D 562 -17.31 16.34 80.26
N LEU D 563 -18.60 16.25 79.93
CA LEU D 563 -19.10 16.61 78.61
C LEU D 563 -20.20 17.64 78.73
N CYS D 564 -20.17 18.63 77.83
CA CYS D 564 -21.25 19.60 77.69
C CYS D 564 -21.75 19.61 76.25
N GLU D 565 -23.06 19.83 76.10
CA GLU D 565 -23.75 19.75 74.83
C GLU D 565 -24.15 21.15 74.37
N ILE D 566 -23.83 21.48 73.12
CA ILE D 566 -24.20 22.77 72.53
C ILE D 566 -24.99 22.49 71.26
N GLN D 567 -26.21 23.03 71.19
CA GLN D 567 -27.00 22.92 69.97
C GLN D 567 -26.53 23.97 68.98
N TYR D 568 -26.27 23.54 67.74
CA TYR D 568 -25.69 24.43 66.75
C TYR D 568 -26.70 25.46 66.28
N ARG D 569 -26.25 26.71 66.19
CA ARG D 569 -26.97 27.77 65.51
C ARG D 569 -25.96 28.68 64.83
N ARG D 570 -26.39 29.34 63.76
CA ARG D 570 -25.46 30.13 62.95
C ARG D 570 -25.01 31.38 63.70
N SER D 571 -25.90 31.98 64.49
CA SER D 571 -25.60 33.25 65.12
C SER D 571 -24.56 33.15 66.22
N GLN D 572 -24.44 32.00 66.89
CA GLN D 572 -23.55 31.89 68.03
C GLN D 572 -22.09 31.78 67.58
N ASN D 573 -21.20 32.40 68.34
CA ASN D 573 -19.77 32.20 68.16
C ASN D 573 -19.02 32.08 69.47
N SER D 574 -19.69 32.21 70.61
CA SER D 574 -19.07 32.04 71.91
C SER D 574 -20.00 31.22 72.78
N HIS D 575 -19.40 30.43 73.68
CA HIS D 575 -20.16 29.56 74.56
C HIS D 575 -19.70 29.72 76.00
N PRO D 576 -20.61 29.80 76.96
CA PRO D 576 -20.23 29.88 78.37
C PRO D 576 -20.19 28.50 79.03
N ILE D 577 -19.39 28.42 80.09
CA ILE D 577 -19.34 27.23 80.94
C ILE D 577 -19.03 27.67 82.36
N SER D 578 -19.47 26.86 83.32
CA SER D 578 -19.39 27.21 84.73
C SER D 578 -17.96 27.14 85.24
N SER D 579 -17.77 27.59 86.47
CA SER D 579 -16.46 27.63 87.08
C SER D 579 -15.94 26.22 87.37
N LEU D 580 -14.64 26.03 87.18
CA LEU D 580 -13.98 24.76 87.43
C LEU D 580 -13.23 24.82 88.77
N GLN D 581 -12.45 23.77 89.05
CA GLN D 581 -11.68 23.72 90.28
C GLN D 581 -10.53 24.72 90.24
N PRO D 582 -10.40 25.61 91.22
CA PRO D 582 -9.30 26.58 91.18
C PRO D 582 -7.94 25.92 91.40
N ARG D 583 -6.92 26.57 90.84
CA ARG D 583 -5.51 26.19 90.97
C ARG D 583 -5.23 24.79 90.42
N VAL D 584 -6.08 24.29 89.52
CA VAL D 584 -5.89 22.99 88.88
C VAL D 584 -5.97 23.20 87.37
N THR D 585 -4.98 22.69 86.65
CA THR D 585 -4.98 22.80 85.20
C THR D 585 -6.04 21.91 84.59
N TYR D 586 -6.56 22.33 83.44
CA TYR D 586 -7.67 21.66 82.77
C TYR D 586 -7.39 21.54 81.29
N VAL D 587 -7.79 20.41 80.72
CA VAL D 587 -7.66 20.08 79.31
C VAL D 587 -9.02 20.21 78.67
N LEU D 588 -9.07 20.93 77.54
CA LEU D 588 -10.30 21.25 76.82
C LEU D 588 -10.16 20.76 75.38
N TRP D 589 -11.22 20.14 74.86
CA TRP D 589 -11.31 19.83 73.44
C TRP D 589 -12.77 19.65 73.07
N MET D 590 -13.03 19.43 71.78
CA MET D 590 -14.40 19.40 71.29
C MET D 590 -14.51 18.51 70.07
N THR D 591 -15.73 18.08 69.78
CA THR D 591 -16.06 17.37 68.56
C THR D 591 -17.35 17.95 67.99
N ALA D 592 -17.50 17.83 66.67
CA ALA D 592 -18.69 18.27 65.96
C ALA D 592 -19.48 17.03 65.53
N VAL D 593 -20.70 16.89 66.04
CA VAL D 593 -21.47 15.66 65.88
C VAL D 593 -22.68 15.97 65.00
N THR D 594 -22.86 15.18 63.96
CA THR D 594 -24.05 15.18 63.12
C THR D 594 -24.89 13.93 63.44
N ALA D 595 -26.00 13.78 62.72
CA ALA D 595 -26.83 12.60 62.89
C ALA D 595 -26.16 11.33 62.37
N ALA D 596 -25.46 11.43 61.23
CA ALA D 596 -24.83 10.26 60.63
C ALA D 596 -23.35 10.14 60.93
N GLY D 597 -22.79 11.01 61.76
CA GLY D 597 -21.38 10.90 62.06
C GLY D 597 -20.92 11.95 63.05
N GLU D 598 -19.64 11.85 63.41
CA GLU D 598 -19.00 12.72 64.39
C GLU D 598 -17.63 13.14 63.88
N SER D 599 -17.31 14.42 64.01
CA SER D 599 -16.00 14.89 63.61
C SER D 599 -14.94 14.38 64.59
N PRO D 600 -13.71 14.16 64.13
CA PRO D 600 -12.64 13.74 65.06
C PRO D 600 -12.25 14.87 66.00
N GLN D 601 -11.50 14.50 67.02
CA GLN D 601 -11.03 15.46 68.00
C GLN D 601 -10.12 16.49 67.36
N GLY D 602 -10.39 17.76 67.63
CA GLY D 602 -9.66 18.84 67.01
C GLY D 602 -8.43 19.25 67.80
N ASN D 603 -8.36 20.53 68.18
CA ASN D 603 -7.22 21.04 68.92
C ASN D 603 -7.37 20.75 70.41
N GLU D 604 -6.35 21.11 71.17
CA GLU D 604 -6.34 20.93 72.61
C GLU D 604 -6.04 22.27 73.28
N ARG D 605 -6.62 22.48 74.46
CA ARG D 605 -6.35 23.71 75.20
C ARG D 605 -6.03 23.37 76.65
N GLU D 606 -4.98 23.98 77.17
CA GLU D 606 -4.58 23.82 78.56
C GLU D 606 -4.80 25.16 79.28
N PHE D 607 -5.57 25.13 80.36
CA PHE D 607 -5.84 26.36 81.10
C PHE D 607 -5.71 26.12 82.59
N CYS D 608 -4.96 27.00 83.26
CA CYS D 608 -4.78 26.92 84.71
C CYS D 608 -5.32 28.19 85.35
N PRO D 609 -6.56 28.20 85.85
CA PRO D 609 -7.16 29.38 86.48
C PRO D 609 -6.85 29.47 87.96
C1 NAG E . 29.92 -31.55 -37.97
C2 NAG E . 30.78 -32.14 -39.08
C3 NAG E . 30.14 -33.42 -39.60
C4 NAG E . 29.87 -34.41 -38.47
C5 NAG E . 29.16 -33.71 -37.29
C6 NAG E . 29.10 -34.58 -36.05
C7 NAG E . 30.11 -30.61 -40.93
C8 NAG E . 30.63 -29.67 -41.97
N2 NAG E . 31.04 -31.19 -40.15
O3 NAG E . 31.03 -33.97 -40.58
O4 NAG E . 29.02 -35.46 -38.89
O5 NAG E . 29.83 -32.50 -36.90
O6 NAG E . 30.07 -34.19 -35.09
O7 NAG E . 28.91 -30.84 -40.81
C1 NAG E . 29.68 -36.56 -39.58
C2 NAG E . 28.92 -37.88 -39.42
C3 NAG E . 29.57 -38.98 -40.25
C4 NAG E . 29.75 -38.53 -41.71
C5 NAG E . 30.49 -37.20 -41.75
C6 NAG E . 30.61 -36.64 -43.15
C7 NAG E . 27.90 -39.11 -37.56
C8 NAG E . 27.97 -39.43 -36.10
N2 NAG E . 28.84 -38.29 -38.03
O3 NAG E . 28.80 -40.17 -40.22
O4 NAG E . 30.47 -39.51 -42.44
O5 NAG E . 29.79 -36.23 -40.97
O6 NAG E . 30.93 -35.25 -43.12
O7 NAG E . 27.02 -39.57 -38.28
C1 NAG F . -22.23 35.96 19.64
C2 NAG F . -22.02 36.93 18.47
C3 NAG F . -22.86 38.18 18.67
C4 NAG F . -24.33 37.82 18.87
C5 NAG F . -24.49 36.79 20.00
C6 NAG F . -25.90 36.23 20.09
C7 NAG F . -19.89 36.88 17.27
C8 NAG F . -18.46 37.32 17.27
N2 NAG F . -20.63 37.26 18.32
O3 NAG F . -22.72 39.02 17.55
O4 NAG F . -25.09 39.01 19.08
O5 NAG F . -23.63 35.67 19.78
O6 NAG F . -26.81 36.96 19.28
O7 NAG F . -20.36 36.19 16.36
C1 NAG F . -25.07 39.62 20.40
C2 NAG F . -24.61 41.08 20.34
C3 NAG F . -24.75 41.73 21.71
C4 NAG F . -26.17 41.59 22.23
C5 NAG F . -26.55 40.11 22.26
C6 NAG F . -27.99 39.88 22.66
C7 NAG F . -22.89 41.93 18.81
C8 NAG F . -21.44 41.93 18.45
N2 NAG F . -23.25 41.18 19.85
O3 NAG F . -24.38 43.10 21.61
O4 NAG F . -26.29 42.13 23.54
O5 NAG F . -26.40 39.54 20.95
O6 NAG F . -28.17 40.03 24.06
O7 NAG F . -23.72 42.59 18.18
C1 BMA F . -26.94 43.41 23.46
C2 BMA F . -28.30 43.35 24.20
C3 BMA F . -28.92 44.75 24.28
C4 BMA F . -27.91 45.79 24.78
C5 BMA F . -26.63 45.74 23.94
C6 BMA F . -25.57 46.71 24.42
O2 BMA F . -28.13 42.91 25.54
O3 BMA F . -30.08 44.77 25.09
O4 BMA F . -28.47 47.10 24.71
O5 BMA F . -26.10 44.42 24.03
O6 BMA F . -26.17 47.98 24.59
C1 NAG G . 21.06 -20.26 -11.86
C2 NAG G . 21.13 -19.02 -10.93
C3 NAG G . 19.88 -18.15 -11.04
C4 NAG G . 19.55 -17.84 -12.49
C5 NAG G . 19.50 -19.14 -13.31
C6 NAG G . 19.26 -18.89 -14.78
C7 NAG G . 20.88 -20.04 -8.57
C8 NAG G . 19.57 -20.72 -8.89
N2 NAG G . 21.50 -19.32 -9.54
O3 NAG G . 20.08 -16.94 -10.32
O4 NAG G . 18.30 -17.18 -12.59
O5 NAG G . 20.75 -19.83 -13.21
O6 NAG G . 18.22 -17.95 -14.99
O7 NAG G . 21.39 -20.15 -7.46
C1 NAG H . 33.75 -47.95 -13.65
C2 NAG H . 33.56 -48.82 -12.39
C3 NAG H . 34.13 -50.22 -12.55
C4 NAG H . 33.57 -50.87 -13.80
C5 NAG H . 33.85 -49.98 -15.00
C6 NAG H . 33.19 -50.56 -16.25
C7 NAG H . 35.43 -48.22 -10.86
C8 NAG H . 35.73 -48.55 -9.43
N2 NAG H . 34.13 -48.22 -11.18
O3 NAG H . 33.78 -51.01 -11.42
O4 NAG H . 34.20 -52.14 -13.96
O5 NAG H . 33.32 -48.68 -14.79
O6 NAG H . 33.82 -51.79 -16.65
O7 NAG H . 36.33 -47.97 -11.65
C1 NAG I . -34.48 -28.20 -30.28
C2 NAG I . -34.47 -27.95 -31.78
C3 NAG I . -35.18 -29.09 -32.51
C4 NAG I . -34.59 -30.43 -32.11
C5 NAG I . -34.58 -30.59 -30.60
C6 NAG I . -33.88 -31.85 -30.13
C7 NAG I . -34.39 -25.56 -32.31
C8 NAG I . -35.18 -24.33 -32.63
N2 NAG I . -35.09 -26.67 -32.10
O3 NAG I . -35.07 -28.90 -33.91
O4 NAG I . -35.33 -31.49 -32.70
O5 NAG I . -33.88 -29.48 -30.00
O6 NAG I . -33.43 -31.72 -28.80
O7 NAG I . -33.16 -25.54 -32.25
#